data_8EID
#
_entry.id   8EID
#
_cell.length_a   136.120
_cell.length_b   179.017
_cell.length_c   179.949
_cell.angle_alpha   90.000
_cell.angle_beta   90.000
_cell.angle_gamma   90.000
#
_symmetry.space_group_name_H-M   'I 2 2 2'
#
loop_
_entity.id
_entity.type
_entity.pdbx_description
1 polymer 'Chaetomium alpha glucosidase'
2 non-polymer (2R,3R,4R,5S)-2-(hydroxymethyl)-1-{[4-({[(5P)-3-(methanesulfonyl)-5-(pyridazin-3-yl)phenyl]amino}methyl)phenyl]methyl}piperidine-3,4,5-triol
3 non-polymer GLYCEROL
4 non-polymer 'SULFATE ION'
5 non-polymer 2-acetamido-2-deoxy-beta-D-glucopyranose
6 non-polymer 2-[BIS-(2-HYDROXY-ETHYL)-AMINO]-2-HYDROXYMETHYL-PROPANE-1,3-DIOL
7 water water
#
_entity_poly.entity_id   1
_entity_poly.type   'polypeptide(L)'
_entity_poly.pdbx_seq_one_letter_code
;MGILPSPGMPALLSLVSLLSVLLMGCVAETGVEGESILHSEIGRLNNQSLLWGPYRPNIYFGTRPRIGKSLMTGLMWGKI
ESYTDFQHTVRYTCEQNEGMKGYGWDEYDPRRGGIQSIHDIQNGLDITTSFVKIPGGAHGGSWAARIKGTLNDDAPKDQK
TIVVFYVSQEGENSELEAVPSENEFGYEGDVILKGRSEALGNYKLVVTKGKGVIPQSDHDLSRLRGPGQTVVQSLTYPDE
VLWQAKPILFQQLKAGIDWLVENKYDVADPPPPWQVYLLANKPGSGNVHIVQKVFEGDFEFDILFSSESAGKEVTSKDLE
REVKQATEVFGERFARVFDLKAPFQGDNYKKFGKSMFSNLIGGIGYFYGHSLVDRSYAPEYDEENEGFWEDAAEARARHQ
EALEGPYELFTSIPSRPFFPRGFLWDEGFHLLPIADWDIDLALEIIKSWYNLMDEDGWIAREQILGAEARSKVPKEFQTQ
YPHYANPPTLFLVLDNFVERLRKNNASQPVVKDNLSLDETLSTASVDNPEVGLEYLRRLYPLLRRQFDWFRKTQAGDIKS
YDREAYSTKEAYRWRGRTVSHCLTSGLDDYPRPQPPHPGELHVDLMSWVGVMVKSLISIGSLLGATEDVEFYTKVLDAIE
HNLDDLHWSEKEGCYCDATIDEFEEHKLVCHKGYISLFPFLTGLLKPDSPKLGKLLALIGDESELWSPYGLRSLSKKDEF
YGTAENYWRSPVWININYLAIVQLYNIATQDGPYKETARDLYTRLRKNIVETVYRNWEETGFAWEQYNPETGKGQRTQHF
TGWTSLVVKIMSGHHHHHH
;
_entity_poly.pdbx_strand_id   A,B
#
loop_
_chem_comp.id
_chem_comp.type
_chem_comp.name
_chem_comp.formula
BTB non-polymer 2-[BIS-(2-HYDROXY-ETHYL)-AMINO]-2-HYDROXYMETHYL-PROPANE-1,3-DIOL 'C8 H19 N O5'
GOL non-polymer GLYCEROL 'C3 H8 O3'
NAG D-saccharide, beta linking 2-acetamido-2-deoxy-beta-D-glucopyranose 'C8 H15 N O6'
SO4 non-polymer 'SULFATE ION' 'O4 S -2'
WJT non-polymer (2R,3R,4R,5S)-2-(hydroxymethyl)-1-{[4-({[(5P)-3-(methanesulfonyl)-5-(pyridazin-3-yl)phenyl]amino}methyl)phenyl]methyl}piperidine-3,4,5-triol 'C25 H30 N4 O6 S'
#
# COMPACT_ATOMS: atom_id res chain seq x y z
N SER A 40 -4.79 25.81 -16.36
CA SER A 40 -3.36 25.36 -16.37
C SER A 40 -2.41 26.55 -16.16
N GLU A 41 -2.74 27.68 -16.80
CA GLU A 41 -2.05 28.95 -16.56
C GLU A 41 -2.43 29.53 -15.18
N ILE A 42 -3.73 29.46 -14.84
CA ILE A 42 -4.24 29.93 -13.55
C ILE A 42 -3.71 29.05 -12.42
N GLY A 43 -3.62 27.74 -12.68
CA GLY A 43 -3.03 26.76 -11.78
C GLY A 43 -1.67 27.18 -11.23
N ARG A 44 -0.81 27.69 -12.13
CA ARG A 44 0.58 28.04 -11.86
C ARG A 44 0.67 29.34 -11.05
N LEU A 45 -0.22 30.31 -11.35
CA LEU A 45 -0.30 31.56 -10.61
C LEU A 45 -0.74 31.28 -9.17
N ASN A 46 -1.68 30.33 -9.05
CA ASN A 46 -2.26 29.83 -7.81
C ASN A 46 -1.20 29.12 -6.97
N ASN A 47 -0.40 28.27 -7.62
CA ASN A 47 0.77 27.61 -7.08
C ASN A 47 1.73 28.64 -6.50
N GLN A 48 2.10 29.66 -7.30
CA GLN A 48 3.07 30.67 -6.91
C GLN A 48 2.52 31.49 -5.75
N SER A 49 1.19 31.64 -5.70
CA SER A 49 0.58 32.50 -4.69
C SER A 49 0.60 31.80 -3.32
N LEU A 50 0.34 30.48 -3.30
CA LEU A 50 0.07 29.77 -2.05
C LEU A 50 1.31 29.07 -1.54
N LEU A 51 2.47 29.26 -2.21
CA LEU A 51 3.61 28.39 -1.92
C LEU A 51 4.08 28.56 -0.47
N TRP A 52 4.27 29.81 -0.02
CA TRP A 52 4.76 30.03 1.33
C TRP A 52 3.59 30.26 2.27
N GLY A 53 3.73 29.78 3.49
CA GLY A 53 2.92 30.30 4.58
C GLY A 53 3.42 29.84 5.94
N PRO A 54 2.69 30.20 7.01
CA PRO A 54 3.00 29.73 8.35
C PRO A 54 2.34 28.36 8.52
N TYR A 55 2.59 27.47 7.55
CA TYR A 55 1.86 26.23 7.33
C TYR A 55 2.29 25.18 8.34
N ARG A 56 2.61 25.64 9.55
CA ARG A 56 2.97 24.73 10.63
C ARG A 56 2.00 24.93 11.79
N PRO A 57 0.69 24.66 11.62
CA PRO A 57 -0.30 25.01 12.64
C PRO A 57 -0.08 24.19 13.91
N ASN A 58 0.76 23.14 13.87
CA ASN A 58 0.95 22.31 15.05
C ASN A 58 1.88 23.00 16.03
N ILE A 59 2.54 24.09 15.60
CA ILE A 59 3.41 24.81 16.52
C ILE A 59 2.90 26.24 16.63
N TYR A 60 3.41 26.97 17.64
CA TYR A 60 2.90 28.32 17.89
C TYR A 60 3.19 29.20 16.68
N PHE A 61 4.43 29.15 16.21
CA PHE A 61 4.75 29.93 15.03
C PHE A 61 5.95 29.33 14.33
N GLY A 62 5.77 29.10 13.03
CA GLY A 62 6.79 28.58 12.15
C GLY A 62 6.30 28.73 10.71
N THR A 63 7.23 28.69 9.76
CA THR A 63 6.93 28.72 8.34
C THR A 63 7.52 27.49 7.63
N ARG A 64 6.80 27.06 6.58
CA ARG A 64 7.31 26.13 5.57
C ARG A 64 6.54 26.36 4.29
N PRO A 65 7.16 26.03 3.14
CA PRO A 65 6.49 26.13 1.84
C PRO A 65 5.84 24.80 1.50
N ARG A 66 4.99 24.82 0.47
CA ARG A 66 4.29 23.60 0.10
C ARG A 66 5.26 22.68 -0.63
N ILE A 67 6.36 22.27 0.03
CA ILE A 67 7.36 21.39 -0.54
C ILE A 67 7.75 20.37 0.53
N GLY A 68 7.63 19.08 0.21
CA GLY A 68 8.04 18.01 1.12
C GLY A 68 9.31 18.30 1.91
N LYS A 69 10.43 18.45 1.19
CA LYS A 69 11.76 18.46 1.77
C LYS A 69 12.41 19.80 1.42
N SER A 70 12.35 20.76 2.35
CA SER A 70 12.70 22.15 2.10
C SER A 70 13.05 22.90 3.39
N LEU A 71 12.95 24.23 3.32
CA LEU A 71 13.35 25.10 4.40
C LEU A 71 12.12 25.34 5.29
N MET A 72 12.32 25.08 6.60
CA MET A 72 11.32 25.23 7.66
C MET A 72 11.90 26.07 8.80
N THR A 73 11.04 26.90 9.40
CA THR A 73 11.45 27.67 10.57
C THR A 73 10.43 27.50 11.70
N GLY A 74 10.86 27.76 12.95
CA GLY A 74 9.99 27.67 14.12
C GLY A 74 10.46 28.55 15.29
N LEU A 75 9.49 29.10 16.02
CA LEU A 75 9.78 30.00 17.12
C LEU A 75 9.74 29.23 18.42
N MET A 76 10.68 29.52 19.34
CA MET A 76 10.59 29.11 20.73
C MET A 76 10.86 30.28 21.67
N TRP A 77 10.28 30.26 22.89
CA TRP A 77 10.53 31.28 23.90
C TRP A 77 10.18 30.68 25.25
N GLY A 78 10.84 31.16 26.30
CA GLY A 78 10.51 30.80 27.66
C GLY A 78 11.27 31.66 28.67
N LYS A 79 10.59 32.05 29.78
CA LYS A 79 11.25 32.78 30.84
C LYS A 79 12.31 31.88 31.47
N ILE A 80 13.33 32.49 32.08
CA ILE A 80 14.32 31.75 32.85
C ILE A 80 14.55 32.50 34.16
N GLU A 81 14.21 31.82 35.28
CA GLU A 81 14.26 32.39 36.61
C GLU A 81 15.25 31.61 37.47
N SER A 82 15.61 30.40 37.06
CA SER A 82 16.45 29.54 37.86
C SER A 82 17.34 28.72 36.92
N TYR A 83 18.12 27.78 37.50
CA TYR A 83 19.00 26.92 36.73
C TYR A 83 18.25 25.71 36.18
N THR A 84 16.97 25.54 36.56
CA THR A 84 16.31 24.32 36.11
C THR A 84 14.96 24.56 35.43
N ASP A 85 14.52 25.81 35.32
CA ASP A 85 13.14 26.10 34.95
C ASP A 85 12.92 26.13 33.42
N PHE A 86 13.94 26.47 32.62
CA PHE A 86 13.75 26.80 31.21
C PHE A 86 13.19 25.61 30.44
N GLN A 87 13.62 24.39 30.82
CA GLN A 87 13.11 23.18 30.18
C GLN A 87 11.60 23.01 30.39
N HIS A 88 11.06 23.61 31.47
CA HIS A 88 9.64 23.52 31.79
C HIS A 88 8.86 24.74 31.26
N THR A 89 9.53 25.89 31.05
CA THR A 89 8.79 27.06 30.60
C THR A 89 8.80 27.17 29.08
N VAL A 90 9.80 26.57 28.40
CA VAL A 90 9.94 26.82 26.96
C VAL A 90 8.70 26.34 26.23
N ARG A 91 8.27 27.12 25.24
CA ARG A 91 7.13 26.86 24.39
C ARG A 91 7.60 26.55 22.97
N TYR A 92 6.91 25.61 22.32
CA TYR A 92 7.17 25.28 20.93
C TYR A 92 5.89 24.74 20.26
N THR A 93 5.52 23.50 20.59
CA THR A 93 4.33 22.90 19.99
C THR A 93 3.10 23.41 20.73
N CYS A 94 1.97 23.52 20.03
CA CYS A 94 0.74 24.07 20.58
C CYS A 94 0.17 23.13 21.64
N GLU A 95 -0.34 23.70 22.74
CA GLU A 95 -1.07 22.97 23.78
C GLU A 95 -2.18 23.89 24.32
N GLN A 96 -2.99 23.33 25.22
CA GLN A 96 -3.91 24.17 25.96
C GLN A 96 -4.02 23.60 27.36
N ASN A 97 -3.68 24.43 28.36
CA ASN A 97 -3.67 24.11 29.79
C ASN A 97 -3.79 25.43 30.57
N GLU A 98 -3.64 25.36 31.90
CA GLU A 98 -3.88 26.51 32.77
C GLU A 98 -2.80 27.57 32.55
N GLY A 99 -1.62 27.16 32.07
CA GLY A 99 -0.50 28.06 31.80
C GLY A 99 -0.68 28.99 30.60
N MET A 100 -1.68 28.71 29.74
CA MET A 100 -1.86 29.48 28.53
C MET A 100 -3.29 30.05 28.50
N LYS A 101 -3.41 31.38 28.54
CA LYS A 101 -4.73 31.97 28.55
C LYS A 101 -5.44 31.69 27.23
N GLY A 102 -4.72 31.83 26.13
CA GLY A 102 -5.30 31.67 24.81
C GLY A 102 -4.32 32.08 23.72
N TYR A 103 -4.70 31.78 22.46
CA TYR A 103 -3.86 32.20 21.36
C TYR A 103 -4.67 32.00 20.09
N GLY A 104 -4.28 32.74 19.04
CA GLY A 104 -4.81 32.45 17.72
C GLY A 104 -4.65 33.65 16.80
N TRP A 105 -5.23 33.50 15.61
CA TRP A 105 -5.10 34.50 14.54
C TRP A 105 -6.16 35.57 14.68
N ASP A 106 -5.73 36.83 14.57
CA ASP A 106 -6.72 37.90 14.59
C ASP A 106 -7.22 38.13 13.18
N GLU A 107 -6.38 37.77 12.21
CA GLU A 107 -6.60 38.07 10.81
C GLU A 107 -5.70 37.13 10.04
N TYR A 108 -6.22 36.54 8.98
CA TYR A 108 -5.33 35.71 8.20
C TYR A 108 -5.96 35.50 6.84
N ASP A 109 -5.10 35.54 5.83
CA ASP A 109 -5.40 35.14 4.47
C ASP A 109 -4.14 34.46 4.00
N PRO A 110 -4.20 33.18 3.62
CA PRO A 110 -2.98 32.43 3.29
C PRO A 110 -2.24 32.98 2.06
N ARG A 111 -2.88 33.86 1.27
CA ARG A 111 -2.19 34.56 0.18
C ARG A 111 -1.37 35.77 0.68
N ARG A 112 -1.80 36.44 1.76
CA ARG A 112 -1.21 37.72 2.17
C ARG A 112 -0.43 37.64 3.49
N GLY A 113 -0.93 36.84 4.44
CA GLY A 113 -0.35 36.73 5.77
C GLY A 113 -1.38 37.12 6.83
N GLY A 114 -0.89 37.46 8.03
CA GLY A 114 -1.80 37.88 9.09
C GLY A 114 -1.09 38.11 10.42
N ILE A 115 -1.88 38.27 11.49
CA ILE A 115 -1.36 38.60 12.80
C ILE A 115 -1.94 37.63 13.83
N GLN A 116 -1.05 36.98 14.59
CA GLN A 116 -1.44 36.06 15.66
C GLN A 116 -1.15 36.69 17.03
N SER A 117 -2.05 36.46 17.99
CA SER A 117 -1.88 36.86 19.38
C SER A 117 -1.75 35.65 20.29
N ILE A 118 -0.74 35.68 21.16
CA ILE A 118 -0.47 34.60 22.10
C ILE A 118 -0.43 35.18 23.49
N HIS A 119 -1.29 34.66 24.39
CA HIS A 119 -1.40 35.08 25.78
C HIS A 119 -0.92 33.95 26.69
N ASP A 120 0.32 34.09 27.16
CA ASP A 120 1.04 33.05 27.87
C ASP A 120 1.14 33.47 29.34
N ILE A 121 0.38 32.79 30.22
CA ILE A 121 0.40 33.14 31.63
C ILE A 121 1.70 32.63 32.25
N GLN A 122 2.04 31.37 31.98
CA GLN A 122 3.22 30.81 32.60
C GLN A 122 4.43 31.72 32.39
N ASN A 123 4.53 32.31 31.19
CA ASN A 123 5.73 33.04 30.85
C ASN A 123 5.53 34.55 30.96
N GLY A 124 4.35 35.00 31.46
CA GLY A 124 4.13 36.40 31.79
C GLY A 124 4.18 37.30 30.56
N LEU A 125 3.79 36.73 29.41
CA LEU A 125 4.07 37.32 28.11
C LEU A 125 2.83 37.33 27.24
N ASP A 126 2.60 38.48 26.59
CA ASP A 126 1.68 38.64 25.46
C ASP A 126 2.51 38.85 24.19
N ILE A 127 2.37 37.92 23.25
CA ILE A 127 3.16 37.89 22.02
C ILE A 127 2.28 38.10 20.80
N THR A 128 2.82 38.87 19.87
CA THR A 128 2.27 39.08 18.54
C THR A 128 3.25 38.51 17.53
N THR A 129 2.76 37.76 16.55
CA THR A 129 3.57 37.30 15.44
C THR A 129 2.87 37.73 14.15
N SER A 130 3.51 38.64 13.38
CA SER A 130 2.93 39.14 12.14
C SER A 130 3.67 38.48 10.99
N PHE A 131 2.93 37.95 10.01
CA PHE A 131 3.59 37.29 8.92
C PHE A 131 3.07 37.89 7.64
N VAL A 132 3.97 38.07 6.69
CA VAL A 132 3.55 38.77 5.48
C VAL A 132 4.34 38.24 4.29
N LYS A 133 3.65 38.18 3.15
CA LYS A 133 4.21 37.60 1.94
C LYS A 133 4.37 38.71 0.90
N ILE A 134 5.48 38.65 0.16
CA ILE A 134 5.76 39.68 -0.84
C ILE A 134 6.05 38.95 -2.15
N PRO A 135 5.08 38.96 -3.08
CA PRO A 135 5.23 38.25 -4.36
C PRO A 135 6.42 38.78 -5.17
N GLY A 136 7.04 37.89 -5.95
CA GLY A 136 8.16 38.30 -6.80
C GLY A 136 9.08 37.13 -7.12
N GLY A 137 9.83 37.27 -8.23
CA GLY A 137 10.77 36.25 -8.66
C GLY A 137 10.06 34.99 -9.11
N ALA A 138 10.73 33.84 -9.00
CA ALA A 138 10.24 32.67 -9.70
C ALA A 138 10.01 31.53 -8.72
N HIS A 139 10.15 31.79 -7.41
CA HIS A 139 10.32 30.69 -6.47
C HIS A 139 9.29 30.75 -5.34
N GLY A 140 8.29 31.61 -5.52
CA GLY A 140 7.11 31.63 -4.72
C GLY A 140 7.14 32.83 -3.82
N GLY A 141 8.05 33.75 -4.11
CA GLY A 141 8.02 35.04 -3.46
C GLY A 141 8.84 35.02 -2.17
N SER A 142 8.69 36.10 -1.43
CA SER A 142 9.43 36.40 -0.22
C SER A 142 8.43 36.45 0.92
N TRP A 143 8.91 36.61 2.15
CA TRP A 143 8.06 36.79 3.33
C TRP A 143 8.86 37.40 4.47
N ALA A 144 8.13 37.86 5.49
CA ALA A 144 8.73 38.47 6.66
C ALA A 144 7.83 38.23 7.86
N ALA A 145 8.42 38.27 9.05
CA ALA A 145 7.62 38.10 10.25
C ALA A 145 8.20 39.03 11.29
N ARG A 146 7.33 39.60 12.12
CA ARG A 146 7.75 40.34 13.29
C ARG A 146 7.25 39.61 14.54
N ILE A 147 8.18 39.39 15.47
CA ILE A 147 7.87 38.76 16.73
C ILE A 147 7.94 39.86 17.80
N LYS A 148 6.83 40.12 18.48
CA LYS A 148 6.82 41.13 19.52
C LYS A 148 6.39 40.50 20.85
N GLY A 149 7.22 40.65 21.89
CA GLY A 149 6.81 40.20 23.20
C GLY A 149 6.64 41.36 24.18
N THR A 150 5.47 41.46 24.83
CA THR A 150 5.22 42.47 25.86
C THR A 150 4.93 41.76 27.19
N LEU A 151 5.71 42.03 28.25
CA LEU A 151 5.42 41.42 29.53
C LEU A 151 4.03 41.89 30.01
N ASN A 152 3.24 40.98 30.62
CA ASN A 152 1.97 41.33 31.21
C ASN A 152 2.20 42.01 32.57
N ASP A 153 1.13 42.47 33.22
CA ASP A 153 1.26 43.25 34.44
C ASP A 153 1.84 42.41 35.57
N ASP A 154 1.66 41.09 35.50
CA ASP A 154 2.08 40.23 36.60
C ASP A 154 3.58 39.97 36.52
N ALA A 155 4.16 40.03 35.32
CA ALA A 155 5.55 39.62 35.14
C ALA A 155 6.50 40.55 35.90
N PRO A 156 7.59 40.02 36.50
CA PRO A 156 8.70 40.85 36.95
C PRO A 156 9.17 41.70 35.77
N LYS A 157 9.26 43.02 35.96
CA LYS A 157 9.63 44.00 34.95
C LYS A 157 11.04 43.71 34.41
N ASP A 158 11.82 42.92 35.17
CA ASP A 158 13.17 42.59 34.74
C ASP A 158 13.29 41.12 34.32
N GLN A 159 12.14 40.44 34.10
CA GLN A 159 12.14 39.09 33.55
C GLN A 159 13.19 38.91 32.47
N LYS A 160 13.87 37.76 32.51
CA LYS A 160 14.69 37.31 31.39
C LYS A 160 13.91 36.28 30.57
N THR A 161 13.83 36.52 29.25
CA THR A 161 13.18 35.61 28.32
C THR A 161 14.19 35.11 27.27
N ILE A 162 14.33 33.78 27.13
CA ILE A 162 15.11 33.17 26.06
C ILE A 162 14.21 33.04 24.82
N VAL A 163 14.71 33.56 23.68
CA VAL A 163 13.98 33.42 22.44
C VAL A 163 14.91 32.71 21.45
N VAL A 164 14.37 31.70 20.73
CA VAL A 164 15.10 30.95 19.72
C VAL A 164 14.33 31.02 18.41
N PHE A 165 15.07 31.22 17.32
CA PHE A 165 14.52 30.98 15.99
C PHE A 165 15.31 29.82 15.37
N TYR A 166 14.59 28.73 15.09
CA TYR A 166 15.18 27.46 14.68
C TYR A 166 14.90 27.28 13.21
N VAL A 167 15.95 27.04 12.41
CA VAL A 167 15.86 26.96 10.96
C VAL A 167 16.45 25.62 10.53
N SER A 168 15.70 24.87 9.72
CA SER A 168 16.22 23.60 9.25
C SER A 168 16.01 23.53 7.75
N GLN A 169 16.85 22.75 7.04
CA GLN A 169 16.64 22.51 5.60
C GLN A 169 16.90 21.05 5.20
N GLU A 170 15.86 20.41 4.64
CA GLU A 170 15.95 19.04 4.15
C GLU A 170 16.17 19.04 2.65
N GLY A 171 16.87 18.01 2.16
CA GLY A 171 17.24 17.87 0.75
C GLY A 171 18.73 17.54 0.56
N GLU A 172 19.05 16.71 -0.44
CA GLU A 172 20.40 16.19 -0.67
C GLU A 172 21.36 17.30 -1.14
N ASN A 173 20.94 18.11 -2.11
CA ASN A 173 21.82 19.05 -2.79
C ASN A 173 21.39 20.49 -2.52
N SER A 174 21.31 20.85 -1.25
CA SER A 174 20.95 22.22 -0.89
C SER A 174 21.93 22.76 0.15
N GLU A 175 22.06 24.08 0.19
CA GLU A 175 23.05 24.63 1.10
C GLU A 175 22.36 25.71 1.92
N LEU A 176 22.88 25.89 3.15
CA LEU A 176 22.47 26.98 4.03
C LEU A 176 23.66 27.29 4.95
N GLU A 177 24.01 28.59 5.04
CA GLU A 177 25.20 28.98 5.79
C GLU A 177 24.91 30.25 6.60
N ALA A 178 25.34 30.25 7.86
CA ALA A 178 25.32 31.46 8.70
C ALA A 178 26.57 32.30 8.43
N VAL A 179 26.39 33.52 7.93
CA VAL A 179 27.51 34.43 7.75
C VAL A 179 28.03 34.79 9.14
N PRO A 180 29.31 34.51 9.46
CA PRO A 180 29.88 34.77 10.79
C PRO A 180 29.82 36.26 11.15
N SER A 181 29.84 36.58 12.45
CA SER A 181 29.86 37.97 12.86
C SER A 181 31.29 38.50 12.86
N GLU A 182 31.42 39.83 12.92
CA GLU A 182 32.71 40.50 13.09
C GLU A 182 33.19 40.34 14.52
N ASN A 183 32.26 40.27 15.48
CA ASN A 183 32.54 40.24 16.91
C ASN A 183 32.95 38.85 17.36
N GLU A 184 33.57 38.75 18.55
CA GLU A 184 34.24 37.53 18.99
C GLU A 184 33.23 36.43 19.34
N PHE A 185 32.17 36.78 20.08
CA PHE A 185 31.39 35.81 20.84
C PHE A 185 29.94 35.72 20.37
N GLY A 186 29.61 36.37 19.23
CA GLY A 186 28.21 36.49 18.83
C GLY A 186 27.96 37.74 18.01
N TYR A 187 26.68 38.11 17.84
CA TYR A 187 26.31 39.17 16.91
C TYR A 187 25.79 40.37 17.71
N GLU A 188 26.37 41.53 17.41
CA GLU A 188 25.85 42.79 17.93
C GLU A 188 24.62 43.15 17.11
N GLY A 189 24.59 42.72 15.84
CA GLY A 189 23.54 43.13 14.90
C GLY A 189 22.75 41.95 14.33
N ASP A 190 22.54 41.94 13.01
CA ASP A 190 21.62 41.00 12.42
C ASP A 190 22.36 39.71 12.09
N VAL A 191 21.62 38.59 12.05
CA VAL A 191 22.16 37.31 11.65
C VAL A 191 21.66 37.04 10.23
N ILE A 192 22.58 36.78 9.29
CA ILE A 192 22.21 36.54 7.90
C ILE A 192 22.47 35.08 7.58
N LEU A 193 21.44 34.39 7.09
CA LEU A 193 21.69 33.06 6.57
C LEU A 193 21.56 33.13 5.05
N LYS A 194 22.61 32.62 4.38
CA LYS A 194 22.63 32.46 2.94
C LYS A 194 22.39 30.98 2.63
N GLY A 195 21.42 30.69 1.77
CA GLY A 195 21.21 29.31 1.35
C GLY A 195 20.79 29.18 -0.10
N ARG A 196 20.74 27.92 -0.58
CA ARG A 196 20.29 27.65 -1.94
C ARG A 196 19.65 26.27 -1.98
N SER A 197 18.66 26.09 -2.88
CA SER A 197 18.17 24.77 -3.23
C SER A 197 17.52 24.78 -4.62
N GLU A 198 17.34 23.59 -5.21
CA GLU A 198 16.59 23.44 -6.45
C GLU A 198 15.21 24.08 -6.29
N ALA A 199 14.54 23.77 -5.18
CA ALA A 199 13.16 24.22 -5.01
C ALA A 199 13.08 25.74 -4.87
N LEU A 200 14.02 26.36 -4.13
CA LEU A 200 13.90 27.77 -3.79
C LEU A 200 14.92 28.66 -4.51
N GLY A 201 15.81 28.08 -5.32
CA GLY A 201 16.91 28.85 -5.87
C GLY A 201 17.72 29.50 -4.75
N ASN A 202 18.28 30.69 -5.01
CA ASN A 202 19.03 31.39 -3.99
C ASN A 202 18.07 32.20 -3.11
N TYR A 203 18.42 32.32 -1.81
CA TYR A 203 17.64 33.13 -0.87
C TYR A 203 18.54 33.59 0.28
N LYS A 204 18.12 34.67 0.94
CA LYS A 204 18.68 35.00 2.24
C LYS A 204 17.56 35.07 3.26
N LEU A 205 17.87 34.62 4.48
CA LEU A 205 16.99 34.68 5.64
C LEU A 205 17.72 35.49 6.74
N VAL A 206 17.15 36.63 7.12
CA VAL A 206 17.78 37.49 8.10
C VAL A 206 16.97 37.52 9.40
N VAL A 207 17.63 37.33 10.55
CA VAL A 207 17.02 37.60 11.84
C VAL A 207 17.64 38.88 12.41
N THR A 208 16.82 39.94 12.55
CA THR A 208 17.32 41.27 12.81
C THR A 208 17.70 41.39 14.28
N LYS A 209 18.52 42.43 14.60
CA LYS A 209 19.03 42.67 15.94
C LYS A 209 17.84 42.77 16.89
N GLY A 210 16.82 43.49 16.45
CA GLY A 210 15.61 43.74 17.22
C GLY A 210 15.83 44.82 18.27
N LYS A 211 14.80 45.05 19.08
CA LYS A 211 14.78 46.10 20.07
C LYS A 211 14.50 45.45 21.43
N GLY A 212 15.23 45.88 22.47
CA GLY A 212 14.95 45.50 23.84
C GLY A 212 16.24 45.32 24.62
N VAL A 213 16.16 45.41 25.97
CA VAL A 213 17.36 45.28 26.79
C VAL A 213 17.95 43.88 26.63
N ILE A 214 19.24 43.83 26.34
CA ILE A 214 19.90 42.55 26.42
C ILE A 214 20.80 42.48 27.66
N PRO A 215 20.63 41.47 28.55
CA PRO A 215 21.31 41.46 29.84
C PRO A 215 22.81 41.25 29.66
N GLN A 216 23.59 41.79 30.60
CA GLN A 216 25.03 41.72 30.47
C GLN A 216 25.58 41.05 31.73
N SER A 217 26.52 40.13 31.57
CA SER A 217 27.00 39.39 32.72
C SER A 217 28.42 39.83 33.04
N ASP A 218 28.67 40.03 34.35
CA ASP A 218 29.93 40.49 34.89
C ASP A 218 30.80 39.29 35.23
N HIS A 219 30.27 38.07 35.06
CA HIS A 219 30.95 36.87 35.53
C HIS A 219 32.24 36.61 34.75
N ASP A 220 33.18 35.91 35.38
CA ASP A 220 34.36 35.34 34.76
C ASP A 220 34.06 34.80 33.37
N LEU A 221 33.00 34.01 33.28
CA LEU A 221 32.66 33.30 32.05
C LEU A 221 32.60 34.26 30.86
N SER A 222 32.25 35.53 31.09
CA SER A 222 32.05 36.43 29.97
C SER A 222 33.34 36.58 29.15
N ARG A 223 34.50 36.30 29.76
CA ARG A 223 35.76 36.36 29.03
C ARG A 223 35.85 35.23 28.00
N LEU A 224 35.11 34.12 28.18
CA LEU A 224 35.15 33.06 27.18
C LEU A 224 33.87 33.02 26.35
N ARG A 225 32.77 33.61 26.85
CA ARG A 225 31.45 33.43 26.26
C ARG A 225 30.82 34.76 25.88
N GLY A 226 31.51 35.86 26.18
CA GLY A 226 30.92 37.16 25.92
C GLY A 226 30.04 37.61 27.08
N PRO A 227 29.78 38.94 27.23
CA PRO A 227 28.93 39.44 28.31
C PRO A 227 27.45 39.09 28.13
N GLY A 228 27.11 38.64 26.90
CA GLY A 228 25.72 38.43 26.52
C GLY A 228 25.41 39.13 25.19
N GLN A 229 24.94 38.33 24.20
CA GLN A 229 24.72 38.74 22.82
C GLN A 229 23.95 37.62 22.11
N THR A 230 23.38 37.95 20.95
CA THR A 230 22.77 36.98 20.06
C THR A 230 23.84 36.00 19.63
N VAL A 231 23.50 34.70 19.60
CA VAL A 231 24.43 33.65 19.16
C VAL A 231 23.76 32.77 18.10
N VAL A 232 24.59 32.06 17.33
CA VAL A 232 24.11 31.14 16.31
C VAL A 232 24.92 29.84 16.38
N GLN A 233 24.23 28.68 16.39
CA GLN A 233 24.88 27.38 16.18
C GLN A 233 24.38 26.78 14.88
N SER A 234 25.33 26.41 14.01
CA SER A 234 25.03 25.76 12.76
C SER A 234 25.46 24.31 12.85
N LEU A 235 24.52 23.37 12.63
CA LEU A 235 24.71 21.95 12.93
C LEU A 235 24.25 21.12 11.73
N THR A 236 24.60 19.83 11.75
CA THR A 236 23.94 18.93 10.84
C THR A 236 23.55 17.61 11.50
N TYR A 237 22.33 17.18 11.15
CA TYR A 237 21.78 15.90 11.57
C TYR A 237 21.22 15.24 10.31
N PRO A 238 21.05 13.89 10.31
CA PRO A 238 20.32 13.24 9.23
C PRO A 238 18.95 13.89 9.08
N ASP A 239 18.60 14.21 7.83
CA ASP A 239 17.45 14.98 7.40
C ASP A 239 16.15 14.60 8.14
N GLU A 240 16.00 13.32 8.51
CA GLU A 240 14.65 12.92 8.83
C GLU A 240 14.34 13.32 10.28
N VAL A 241 15.31 13.92 10.97
CA VAL A 241 15.11 14.24 12.38
C VAL A 241 15.14 15.74 12.59
N LEU A 242 15.36 16.50 11.51
CA LEU A 242 15.45 17.94 11.62
C LEU A 242 14.24 18.52 12.36
N TRP A 243 13.10 17.81 12.31
CA TRP A 243 11.83 18.32 12.83
C TRP A 243 11.85 18.38 14.35
N GLN A 244 12.76 17.63 14.98
CA GLN A 244 12.76 17.47 16.44
C GLN A 244 13.50 18.64 17.10
N ALA A 245 12.93 19.82 16.97
CA ALA A 245 13.60 21.07 17.30
C ALA A 245 13.89 21.17 18.81
N LYS A 246 12.93 20.77 19.65
CA LYS A 246 13.14 20.88 21.08
C LYS A 246 14.36 20.05 21.53
N PRO A 247 14.36 18.74 21.25
CA PRO A 247 15.48 17.89 21.67
C PRO A 247 16.82 18.35 21.09
N ILE A 248 16.80 18.78 19.83
CA ILE A 248 18.04 19.17 19.19
C ILE A 248 18.58 20.39 19.93
N LEU A 249 17.69 21.31 20.29
CA LEU A 249 18.11 22.49 21.03
C LEU A 249 18.63 22.06 22.39
N PHE A 250 17.88 21.23 23.10
CA PHE A 250 18.29 20.88 24.46
C PHE A 250 19.63 20.16 24.48
N GLN A 251 19.92 19.40 23.41
CA GLN A 251 21.14 18.63 23.37
C GLN A 251 22.32 19.61 23.36
N GLN A 252 22.15 20.72 22.62
CA GLN A 252 23.14 21.79 22.54
C GLN A 252 23.24 22.55 23.86
N LEU A 253 22.11 22.83 24.53
CA LEU A 253 22.17 23.47 25.84
C LEU A 253 22.92 22.59 26.83
N LYS A 254 22.58 21.29 26.83
CA LYS A 254 23.19 20.37 27.76
C LYS A 254 24.70 20.33 27.54
N ALA A 255 25.16 20.28 26.27
CA ALA A 255 26.58 20.23 26.00
C ALA A 255 27.28 21.51 26.48
N GLY A 256 26.57 22.65 26.44
CA GLY A 256 27.09 23.88 27.03
C GLY A 256 27.28 23.76 28.55
N ILE A 257 26.29 23.19 29.23
CA ILE A 257 26.39 23.03 30.68
C ILE A 257 27.52 22.04 31.01
N ASP A 258 27.61 20.92 30.27
CA ASP A 258 28.69 19.96 30.53
C ASP A 258 30.04 20.67 30.40
N TRP A 259 30.13 21.61 29.44
CA TRP A 259 31.38 22.32 29.25
C TRP A 259 31.68 23.20 30.46
N LEU A 260 30.65 23.91 30.99
CA LEU A 260 30.81 24.66 32.23
C LEU A 260 31.42 23.75 33.29
N VAL A 261 30.85 22.55 33.46
CA VAL A 261 31.22 21.72 34.59
C VAL A 261 32.68 21.30 34.45
N GLU A 262 33.11 20.99 33.21
CA GLU A 262 34.45 20.46 32.99
C GLU A 262 35.49 21.57 33.17
N ASN A 263 35.06 22.83 33.03
CA ASN A 263 35.97 23.96 32.93
C ASN A 263 35.92 24.77 34.22
N LYS A 264 35.40 24.15 35.30
CA LYS A 264 35.48 24.59 36.69
C LYS A 264 34.52 25.74 36.97
N TYR A 265 33.43 25.88 36.20
CA TYR A 265 32.38 26.81 36.62
C TYR A 265 31.35 26.08 37.50
N ASP A 266 31.20 26.52 38.76
CA ASP A 266 30.55 25.68 39.78
C ASP A 266 29.75 26.50 40.78
N VAL A 267 29.26 25.84 41.84
CA VAL A 267 28.26 26.43 42.72
C VAL A 267 28.93 27.37 43.72
N ALA A 268 30.27 27.36 43.76
CA ALA A 268 30.97 28.34 44.59
C ALA A 268 30.73 29.74 44.02
N ASP A 269 30.47 29.81 42.70
CA ASP A 269 30.43 31.08 42.00
C ASP A 269 29.80 30.88 40.62
N PRO A 270 28.48 30.65 40.53
CA PRO A 270 27.84 30.26 39.28
C PRO A 270 27.55 31.46 38.40
N PRO A 271 27.66 31.33 37.06
CA PRO A 271 27.25 32.39 36.16
C PRO A 271 25.73 32.51 36.32
N PRO A 272 25.10 33.64 35.95
CA PRO A 272 23.64 33.74 36.00
C PRO A 272 22.96 32.68 35.12
N PRO A 273 21.72 32.25 35.49
CA PRO A 273 20.98 31.22 34.75
C PRO A 273 21.00 31.49 33.25
N TRP A 274 20.62 32.70 32.87
CA TRP A 274 20.44 33.02 31.47
C TRP A 274 21.77 32.91 30.69
N GLN A 275 22.89 33.09 31.38
CA GLN A 275 24.16 32.92 30.70
C GLN A 275 24.50 31.42 30.63
N VAL A 276 24.09 30.67 31.66
CA VAL A 276 24.35 29.24 31.67
C VAL A 276 23.60 28.59 30.49
N TYR A 277 22.45 29.16 30.12
CA TYR A 277 21.63 28.66 29.01
C TYR A 277 21.85 29.43 27.69
N LEU A 278 22.95 30.19 27.58
CA LEU A 278 23.25 30.87 26.32
C LEU A 278 24.30 30.07 25.56
N LEU A 279 23.97 29.64 24.34
CA LEU A 279 24.81 28.70 23.61
C LEU A 279 26.11 29.41 23.25
N ALA A 280 27.22 28.67 23.23
CA ALA A 280 28.45 29.21 22.65
C ALA A 280 28.25 29.45 21.15
N ASN A 281 28.59 30.64 20.68
CA ASN A 281 28.43 31.03 19.29
C ASN A 281 29.28 30.14 18.38
N LYS A 282 28.68 29.43 17.40
CA LYS A 282 29.49 28.72 16.42
C LYS A 282 28.76 28.66 15.08
N PRO A 283 28.63 29.76 14.31
CA PRO A 283 27.94 29.73 13.02
C PRO A 283 28.79 28.96 11.99
N GLY A 284 28.13 28.57 10.90
CA GLY A 284 28.80 27.86 9.83
C GLY A 284 27.77 27.40 8.80
N SER A 285 28.07 26.28 8.18
CA SER A 285 27.10 25.68 7.28
C SER A 285 26.55 24.47 7.99
N GLY A 286 25.30 24.12 7.69
CA GLY A 286 24.72 22.87 8.14
C GLY A 286 23.26 22.83 7.69
N ASN A 287 22.53 21.80 8.11
CA ASN A 287 21.12 21.72 7.76
C ASN A 287 20.25 22.18 8.94
N VAL A 288 20.89 22.52 10.08
CA VAL A 288 20.17 23.15 11.16
C VAL A 288 20.90 24.41 11.64
N HIS A 289 20.14 25.49 11.89
CA HIS A 289 20.72 26.72 12.43
C HIS A 289 19.87 27.23 13.60
N ILE A 290 20.50 27.36 14.78
CA ILE A 290 19.80 27.87 15.94
C ILE A 290 20.24 29.31 16.18
N VAL A 291 19.28 30.22 16.15
CA VAL A 291 19.54 31.60 16.51
C VAL A 291 18.91 31.88 17.88
N GLN A 292 19.73 32.24 18.86
CA GLN A 292 19.23 32.44 20.21
C GLN A 292 19.47 33.88 20.65
N LYS A 293 18.46 34.48 21.30
CA LYS A 293 18.55 35.79 21.94
C LYS A 293 18.07 35.68 23.39
N VAL A 294 18.65 36.50 24.26
CA VAL A 294 18.04 36.73 25.56
C VAL A 294 17.63 38.20 25.69
N PHE A 295 16.42 38.42 26.18
CA PHE A 295 15.99 39.78 26.46
C PHE A 295 15.62 39.94 27.93
N GLU A 296 15.79 41.16 28.43
CA GLU A 296 15.28 41.52 29.73
C GLU A 296 14.20 42.57 29.51
N GLY A 297 12.96 42.30 29.95
CA GLY A 297 11.87 43.21 29.58
C GLY A 297 11.27 42.92 28.20
N ASP A 298 10.53 43.90 27.64
CA ASP A 298 9.82 43.71 26.39
C ASP A 298 10.82 43.62 25.23
N PHE A 299 10.40 42.99 24.13
CA PHE A 299 11.32 42.80 23.02
C PHE A 299 10.59 42.65 21.70
N GLU A 300 11.36 42.75 20.61
CA GLU A 300 10.84 42.44 19.29
C GLU A 300 11.99 42.28 18.31
N PHE A 301 11.73 41.55 17.23
CA PHE A 301 12.75 41.33 16.21
C PHE A 301 12.05 40.81 14.96
N ASP A 302 12.72 41.02 13.82
CA ASP A 302 12.11 40.67 12.54
C ASP A 302 12.79 39.45 11.93
N ILE A 303 12.03 38.73 11.11
CA ILE A 303 12.63 37.73 10.26
C ILE A 303 12.30 38.09 8.83
N LEU A 304 13.33 38.25 7.99
CA LEU A 304 13.13 38.68 6.59
C LEU A 304 13.68 37.62 5.63
N PHE A 305 12.76 36.97 4.90
CA PHE A 305 13.14 35.99 3.89
C PHE A 305 13.10 36.67 2.52
N SER A 306 14.27 36.67 1.88
CA SER A 306 14.44 37.38 0.62
C SER A 306 14.74 36.36 -0.48
N SER A 307 13.79 36.18 -1.39
CA SER A 307 14.01 35.30 -2.54
C SER A 307 14.89 36.01 -3.57
N GLU A 308 16.04 35.40 -3.91
CA GLU A 308 17.02 36.19 -4.63
C GLU A 308 16.54 36.49 -6.06
N SER A 309 15.81 35.54 -6.65
CA SER A 309 15.24 35.69 -7.98
C SER A 309 14.20 36.81 -8.06
N ALA A 310 13.77 37.37 -6.93
CA ALA A 310 12.88 38.53 -6.97
C ALA A 310 13.69 39.81 -7.07
N GLY A 311 13.00 40.96 -7.09
CA GLY A 311 13.64 42.27 -7.10
C GLY A 311 14.70 42.45 -6.01
N LYS A 312 14.63 43.57 -5.28
CA LYS A 312 15.59 43.83 -4.21
C LYS A 312 15.14 43.09 -2.96
N GLU A 313 16.03 43.05 -1.96
CA GLU A 313 15.78 42.22 -0.81
C GLU A 313 14.79 42.91 0.14
N VAL A 314 14.11 42.12 0.97
CA VAL A 314 13.01 42.54 1.84
C VAL A 314 13.57 43.32 3.03
N THR A 315 12.96 44.46 3.38
CA THR A 315 13.43 45.18 4.54
C THR A 315 12.36 45.16 5.61
N SER A 316 12.73 45.61 6.82
CA SER A 316 11.79 45.85 7.91
C SER A 316 10.74 46.92 7.56
N LYS A 317 11.13 48.00 6.88
CA LYS A 317 10.16 49.01 6.46
C LYS A 317 9.14 48.32 5.53
N ASP A 318 9.62 47.40 4.69
CA ASP A 318 8.71 46.66 3.81
C ASP A 318 7.72 45.84 4.65
N LEU A 319 8.20 45.25 5.76
CA LEU A 319 7.39 44.37 6.60
C LEU A 319 6.21 45.18 7.12
N GLU A 320 6.54 46.37 7.61
CA GLU A 320 5.55 47.21 8.27
C GLU A 320 4.49 47.63 7.27
N ARG A 321 4.94 48.01 6.07
CA ARG A 321 4.03 48.49 5.06
C ARG A 321 3.11 47.35 4.65
N GLU A 322 3.70 46.18 4.39
CA GLU A 322 2.93 45.08 3.85
C GLU A 322 1.96 44.56 4.91
N VAL A 323 2.34 44.68 6.19
CA VAL A 323 1.48 44.29 7.30
C VAL A 323 0.27 45.21 7.37
N LYS A 324 0.52 46.53 7.29
CA LYS A 324 -0.59 47.48 7.37
C LYS A 324 -1.52 47.28 6.17
N GLN A 325 -0.95 46.94 5.02
CA GLN A 325 -1.72 46.79 3.80
C GLN A 325 -2.60 45.54 3.89
N ALA A 326 -2.05 44.43 4.41
CA ALA A 326 -2.81 43.20 4.54
C ALA A 326 -4.05 43.39 5.41
N THR A 327 -3.90 44.13 6.53
CA THR A 327 -4.99 44.39 7.46
C THR A 327 -6.13 45.12 6.74
N GLU A 328 -5.77 46.09 5.88
CA GLU A 328 -6.77 46.84 5.14
C GLU A 328 -7.51 45.89 4.18
N VAL A 329 -6.76 45.08 3.42
CA VAL A 329 -7.41 44.16 2.49
C VAL A 329 -8.30 43.19 3.26
N PHE A 330 -7.77 42.65 4.40
CA PHE A 330 -8.51 41.71 5.22
C PHE A 330 -9.86 42.32 5.60
N GLY A 331 -9.80 43.55 6.12
CA GLY A 331 -11.00 44.28 6.54
C GLY A 331 -12.05 44.38 5.43
N GLU A 332 -11.64 44.92 4.26
CA GLU A 332 -12.55 45.19 3.17
C GLU A 332 -13.20 43.88 2.72
N ARG A 333 -12.40 42.81 2.64
CA ARG A 333 -12.92 41.53 2.18
C ARG A 333 -13.94 40.97 3.18
N PHE A 334 -13.64 41.08 4.48
CA PHE A 334 -14.55 40.45 5.45
C PHE A 334 -15.95 41.03 5.30
N ALA A 335 -16.01 42.37 5.25
CA ALA A 335 -17.26 43.12 5.19
C ALA A 335 -18.07 42.69 3.98
N ARG A 336 -17.38 42.33 2.88
CA ARG A 336 -18.04 41.94 1.66
C ARG A 336 -18.48 40.49 1.77
N VAL A 337 -17.57 39.61 2.22
CA VAL A 337 -17.83 38.18 2.14
C VAL A 337 -18.69 37.70 3.32
N PHE A 338 -18.44 38.26 4.51
CA PHE A 338 -19.12 37.86 5.73
C PHE A 338 -19.90 39.07 6.26
N ASP A 339 -20.95 39.44 5.54
CA ASP A 339 -21.80 40.55 5.94
C ASP A 339 -22.79 40.02 6.99
N LEU A 340 -22.56 40.34 8.26
CA LEU A 340 -23.34 39.72 9.32
C LEU A 340 -24.74 40.33 9.33
N LYS A 341 -25.77 39.49 9.25
CA LYS A 341 -27.13 40.00 9.26
C LYS A 341 -27.68 40.04 10.68
N ALA A 342 -28.81 40.76 10.82
CA ALA A 342 -29.53 40.95 12.06
C ALA A 342 -29.81 39.59 12.72
N PRO A 343 -29.72 39.50 14.08
CA PRO A 343 -29.30 40.62 14.93
C PRO A 343 -27.83 40.62 15.33
N PHE A 344 -26.95 40.27 14.39
CA PHE A 344 -25.54 40.19 14.72
C PHE A 344 -24.71 41.22 13.94
N GLN A 345 -25.31 42.36 13.57
CA GLN A 345 -24.57 43.33 12.76
C GLN A 345 -23.64 44.14 13.64
N GLY A 346 -23.86 44.10 14.97
CA GLY A 346 -23.03 44.85 15.91
C GLY A 346 -21.55 44.48 15.82
N ASP A 347 -20.69 45.42 16.28
CA ASP A 347 -19.24 45.33 16.19
C ASP A 347 -18.74 44.17 17.05
N ASN A 348 -19.48 43.82 18.12
CA ASN A 348 -19.05 42.75 18.99
C ASN A 348 -19.10 41.42 18.23
N TYR A 349 -20.17 41.25 17.46
CA TYR A 349 -20.35 40.08 16.61
C TYR A 349 -19.35 40.10 15.45
N LYS A 350 -18.93 41.29 14.99
CA LYS A 350 -17.96 41.38 13.90
C LYS A 350 -16.63 40.83 14.39
N LYS A 351 -16.24 41.23 15.60
CA LYS A 351 -14.93 40.86 16.10
C LYS A 351 -14.92 39.36 16.34
N PHE A 352 -16.06 38.86 16.83
CA PHE A 352 -16.27 37.45 17.10
C PHE A 352 -16.11 36.68 15.78
N GLY A 353 -16.82 37.16 14.76
CA GLY A 353 -16.82 36.53 13.44
C GLY A 353 -15.42 36.52 12.82
N LYS A 354 -14.68 37.63 12.97
CA LYS A 354 -13.30 37.73 12.48
C LYS A 354 -12.38 36.72 13.17
N SER A 355 -12.66 36.46 14.46
CA SER A 355 -11.80 35.58 15.25
C SER A 355 -12.08 34.13 14.87
N MET A 356 -13.36 33.77 14.78
CA MET A 356 -13.71 32.42 14.39
C MET A 356 -13.22 32.12 12.99
N PHE A 357 -13.38 33.09 12.06
CA PHE A 357 -12.97 32.86 10.68
C PHE A 357 -11.45 32.77 10.58
N SER A 358 -10.75 33.74 11.18
CA SER A 358 -9.31 33.82 11.02
C SER A 358 -8.63 32.58 11.55
N ASN A 359 -9.17 32.03 12.66
CA ASN A 359 -8.60 30.83 13.27
C ASN A 359 -8.87 29.60 12.40
N LEU A 360 -10.02 29.57 11.73
CA LEU A 360 -10.30 28.42 10.91
C LEU A 360 -9.35 28.45 9.73
N ILE A 361 -9.27 29.59 9.04
CA ILE A 361 -8.53 29.62 7.80
C ILE A 361 -7.06 29.63 8.17
N GLY A 362 -6.77 30.24 9.33
CA GLY A 362 -5.43 30.20 9.93
C GLY A 362 -4.92 28.79 10.30
N GLY A 363 -5.79 27.80 10.37
CA GLY A 363 -5.31 26.45 10.71
C GLY A 363 -4.58 25.75 9.56
N ILE A 364 -4.56 26.36 8.37
CA ILE A 364 -4.17 25.63 7.17
C ILE A 364 -2.74 25.13 7.34
N GLY A 365 -2.55 23.85 7.09
CA GLY A 365 -1.23 23.29 7.16
C GLY A 365 -0.81 22.63 5.85
N TYR A 366 0.51 22.46 5.68
CA TYR A 366 1.06 21.58 4.69
C TYR A 366 1.74 20.41 5.42
N PHE A 367 1.31 19.19 5.12
CA PHE A 367 1.83 18.01 5.81
C PHE A 367 2.45 17.07 4.77
N TYR A 368 3.53 16.37 5.14
CA TYR A 368 4.28 15.61 4.16
C TYR A 368 4.88 14.38 4.85
N GLY A 369 4.79 13.21 4.20
CA GLY A 369 5.51 12.06 4.71
C GLY A 369 4.73 10.75 4.56
N HIS A 370 5.16 9.75 5.30
CA HIS A 370 4.57 8.43 5.23
C HIS A 370 3.37 8.35 6.18
N SER A 371 2.37 7.59 5.73
CA SER A 371 1.17 7.23 6.48
C SER A 371 1.22 5.73 6.77
N LEU A 372 0.51 5.33 7.83
CA LEU A 372 0.55 3.96 8.32
C LEU A 372 -0.78 3.26 7.99
N VAL A 373 -0.70 2.19 7.19
CA VAL A 373 -1.87 1.55 6.57
C VAL A 373 -1.76 0.03 6.67
N ASP A 374 -2.88 -0.59 7.05
CA ASP A 374 -3.02 -2.03 6.97
C ASP A 374 -3.52 -2.36 5.57
N ARG A 375 -2.66 -3.05 4.79
CA ARG A 375 -2.97 -3.30 3.39
C ARG A 375 -3.17 -4.81 3.19
N SER A 376 -3.36 -5.55 4.29
CA SER A 376 -3.61 -6.98 4.23
C SER A 376 -4.95 -7.32 3.55
N TYR A 377 -5.87 -6.37 3.51
CA TYR A 377 -7.28 -6.66 3.22
C TYR A 377 -7.69 -7.99 3.85
N ALA A 378 -7.36 -8.20 5.12
CA ALA A 378 -7.78 -9.43 5.78
C ALA A 378 -9.27 -9.68 5.54
N PRO A 379 -9.68 -10.94 5.33
CA PRO A 379 -11.08 -11.25 5.01
C PRO A 379 -12.01 -10.96 6.19
N GLU A 380 -11.47 -10.97 7.41
CA GLU A 380 -12.19 -10.57 8.60
C GLU A 380 -12.73 -9.14 8.49
N TYR A 381 -12.15 -8.30 7.62
CA TYR A 381 -12.58 -6.91 7.51
C TYR A 381 -13.82 -6.78 6.64
N ASP A 382 -14.27 -7.91 6.10
CA ASP A 382 -15.46 -7.87 5.26
C ASP A 382 -16.65 -7.81 6.20
N GLU A 383 -16.41 -8.22 7.46
CA GLU A 383 -17.37 -8.13 8.55
C GLU A 383 -18.67 -8.79 8.10
N GLU A 384 -18.64 -10.12 7.89
CA GLU A 384 -19.75 -10.74 7.19
C GLU A 384 -20.53 -11.72 8.06
N ASN A 385 -19.94 -12.17 9.18
CA ASN A 385 -20.64 -13.00 10.15
C ASN A 385 -21.09 -12.16 11.36
N GLU A 386 -21.88 -12.80 12.23
CA GLU A 386 -22.19 -12.26 13.55
C GLU A 386 -20.93 -12.25 14.41
N GLY A 387 -20.75 -11.16 15.17
CA GLY A 387 -19.62 -11.09 16.09
C GLY A 387 -18.33 -10.67 15.40
N PHE A 388 -18.49 -10.00 14.24
CA PHE A 388 -17.42 -9.65 13.33
C PHE A 388 -16.35 -8.81 14.03
N TRP A 389 -16.74 -8.11 15.09
CA TRP A 389 -15.83 -7.14 15.68
C TRP A 389 -14.65 -7.89 16.29
N GLU A 390 -14.93 -9.08 16.85
CA GLU A 390 -13.91 -9.91 17.48
C GLU A 390 -12.93 -10.43 16.42
N ASP A 391 -13.44 -10.76 15.23
CA ASP A 391 -12.60 -11.19 14.12
C ASP A 391 -11.68 -10.06 13.67
N ALA A 392 -12.26 -8.88 13.44
CA ALA A 392 -11.46 -7.74 13.03
C ALA A 392 -10.40 -7.42 14.09
N ALA A 393 -10.73 -7.52 15.38
CA ALA A 393 -9.70 -7.43 16.40
C ALA A 393 -8.58 -8.47 16.17
N GLU A 394 -8.95 -9.69 15.77
CA GLU A 394 -7.96 -10.75 15.52
C GLU A 394 -7.03 -10.36 14.37
N ALA A 395 -7.60 -9.81 13.29
CA ALA A 395 -6.83 -9.38 12.13
C ALA A 395 -5.89 -8.24 12.51
N ARG A 396 -6.44 -7.21 13.18
CA ARG A 396 -5.63 -6.10 13.64
C ARG A 396 -4.44 -6.63 14.44
N ALA A 397 -4.68 -7.69 15.23
CA ALA A 397 -3.65 -8.16 16.14
C ALA A 397 -2.53 -8.90 15.38
N ARG A 398 -2.63 -8.95 14.05
CA ARG A 398 -1.59 -9.49 13.18
C ARG A 398 -0.50 -8.44 12.96
N HIS A 399 -0.89 -7.15 12.99
CA HIS A 399 -0.03 -6.00 12.73
C HIS A 399 0.73 -6.14 11.41
N GLN A 400 -0.01 -6.13 10.29
CA GLN A 400 0.50 -6.18 8.93
C GLN A 400 0.57 -4.78 8.34
N GLU A 401 0.33 -3.80 9.23
CA GLU A 401 0.32 -2.41 8.78
C GLU A 401 1.77 -2.04 8.52
N ALA A 402 1.98 -1.26 7.47
CA ALA A 402 3.28 -0.75 7.09
C ALA A 402 3.18 0.73 6.73
N LEU A 403 4.29 1.46 6.88
CA LEU A 403 4.38 2.81 6.37
C LEU A 403 4.35 2.76 4.84
N GLU A 404 3.65 3.70 4.22
CA GLU A 404 3.71 3.85 2.78
C GLU A 404 3.66 5.34 2.45
N GLY A 405 3.92 5.68 1.20
CA GLY A 405 3.88 7.04 0.67
C GLY A 405 5.21 7.38 0.01
N PRO A 406 5.81 8.57 0.22
CA PRO A 406 5.22 9.61 1.08
C PRO A 406 4.08 10.34 0.37
N TYR A 407 3.26 11.04 1.15
CA TYR A 407 2.19 11.83 0.58
C TYR A 407 2.29 13.26 1.08
N GLU A 408 1.56 14.14 0.42
CA GLU A 408 1.46 15.49 0.92
C GLU A 408 -0.02 15.81 1.07
N LEU A 409 -0.31 16.83 1.91
CA LEU A 409 -1.68 17.29 2.06
C LEU A 409 -1.63 18.73 2.53
N PHE A 410 -2.45 19.53 1.85
CA PHE A 410 -2.66 20.94 2.12
C PHE A 410 -4.11 21.05 2.56
N THR A 411 -4.31 21.31 3.85
CA THR A 411 -5.66 21.24 4.38
C THR A 411 -5.76 22.08 5.64
N SER A 412 -6.98 22.55 5.94
CA SER A 412 -7.29 23.08 7.25
C SER A 412 -7.51 21.91 8.23
N ILE A 413 -7.61 22.20 9.53
CA ILE A 413 -7.49 21.19 10.57
C ILE A 413 -8.56 21.45 11.63
N PRO A 414 -9.01 20.44 12.39
CA PRO A 414 -9.96 20.70 13.46
C PRO A 414 -9.44 21.48 14.68
N SER A 415 -8.18 21.28 15.07
CA SER A 415 -7.68 22.00 16.23
C SER A 415 -6.16 21.98 16.32
N ARG A 416 -5.54 23.15 16.57
CA ARG A 416 -4.09 23.23 16.65
C ARG A 416 -3.55 22.35 17.77
N PRO A 417 -4.01 22.46 19.04
CA PRO A 417 -3.39 21.73 20.13
C PRO A 417 -3.65 20.23 20.15
N PHE A 418 -4.80 19.79 19.60
CA PHE A 418 -5.20 18.39 19.76
C PHE A 418 -5.31 17.65 18.43
N PHE A 419 -5.74 18.29 17.35
CA PHE A 419 -6.01 17.51 16.16
C PHE A 419 -5.39 18.19 14.95
N PRO A 420 -4.08 18.51 14.95
CA PRO A 420 -3.50 19.33 13.90
C PRO A 420 -3.16 18.46 12.70
N ARG A 421 -4.20 17.95 12.03
CA ARG A 421 -4.02 17.13 10.84
C ARG A 421 -5.35 17.03 10.11
N GLY A 422 -5.32 16.41 8.91
CA GLY A 422 -6.46 16.34 8.02
C GLY A 422 -7.44 15.31 8.54
N PHE A 423 -8.71 15.73 8.70
CA PHE A 423 -9.82 14.81 8.93
C PHE A 423 -10.86 14.98 7.82
N LEU A 424 -11.31 13.86 7.27
CA LEU A 424 -11.96 13.88 5.96
C LEU A 424 -13.35 14.54 6.03
N TRP A 425 -14.28 14.06 6.88
CA TRP A 425 -15.61 14.71 6.87
C TRP A 425 -15.57 16.11 7.50
N ASP A 426 -14.59 16.35 8.41
CA ASP A 426 -14.42 17.66 9.03
C ASP A 426 -14.12 18.68 7.94
N GLU A 427 -13.35 18.27 6.92
CA GLU A 427 -12.80 19.27 6.00
C GLU A 427 -13.92 19.82 5.11
N GLY A 428 -14.88 18.94 4.79
CA GLY A 428 -16.05 19.43 4.09
C GLY A 428 -16.72 20.60 4.82
N PHE A 429 -16.77 20.55 6.16
CA PHE A 429 -17.33 21.67 6.91
C PHE A 429 -16.35 22.84 6.91
N HIS A 430 -15.03 22.60 7.05
CA HIS A 430 -14.08 23.69 7.13
C HIS A 430 -14.14 24.55 5.88
N LEU A 431 -14.34 23.90 4.71
CA LEU A 431 -14.23 24.62 3.43
C LEU A 431 -15.49 25.43 3.08
N LEU A 432 -16.59 25.21 3.79
CA LEU A 432 -17.78 25.99 3.45
C LEU A 432 -17.53 27.47 3.71
N PRO A 433 -16.96 27.87 4.86
CA PRO A 433 -16.64 29.28 5.07
C PRO A 433 -15.43 29.73 4.24
N ILE A 434 -14.44 28.84 4.12
CA ILE A 434 -13.24 29.14 3.36
C ILE A 434 -13.55 29.38 1.88
N ALA A 435 -14.46 28.59 1.29
CA ALA A 435 -14.79 28.70 -0.13
C ALA A 435 -15.41 30.06 -0.41
N ASP A 436 -16.23 30.56 0.53
CA ASP A 436 -16.79 31.88 0.36
C ASP A 436 -15.65 32.89 0.22
N TRP A 437 -14.63 32.75 1.07
CA TRP A 437 -13.54 33.71 1.19
C TRP A 437 -12.70 33.67 -0.08
N ASP A 438 -12.48 32.46 -0.59
CA ASP A 438 -11.50 32.19 -1.64
C ASP A 438 -11.81 30.80 -2.21
N ILE A 439 -12.71 30.77 -3.21
CA ILE A 439 -13.11 29.52 -3.82
C ILE A 439 -11.89 28.76 -4.35
N ASP A 440 -10.90 29.49 -4.87
CA ASP A 440 -9.74 28.88 -5.50
C ASP A 440 -8.86 28.18 -4.48
N LEU A 441 -8.74 28.80 -3.30
CA LEU A 441 -8.12 28.11 -2.20
C LEU A 441 -8.88 26.82 -1.90
N ALA A 442 -10.20 26.90 -1.74
CA ALA A 442 -10.94 25.69 -1.32
C ALA A 442 -10.74 24.57 -2.32
N LEU A 443 -10.73 24.91 -3.63
CA LEU A 443 -10.56 23.91 -4.69
C LEU A 443 -9.17 23.30 -4.64
N GLU A 444 -8.17 24.14 -4.36
CA GLU A 444 -6.83 23.63 -4.09
C GLU A 444 -6.89 22.57 -2.99
N ILE A 445 -7.67 22.82 -1.94
CA ILE A 445 -7.61 21.94 -0.81
C ILE A 445 -8.35 20.65 -1.19
N ILE A 446 -9.48 20.80 -1.90
CA ILE A 446 -10.20 19.65 -2.41
C ILE A 446 -9.25 18.85 -3.31
N LYS A 447 -8.57 19.53 -4.23
CA LYS A 447 -7.68 18.79 -5.11
C LYS A 447 -6.65 18.01 -4.30
N SER A 448 -6.10 18.69 -3.28
CA SER A 448 -5.10 18.05 -2.45
C SER A 448 -5.65 16.76 -1.82
N TRP A 449 -6.88 16.82 -1.31
CA TRP A 449 -7.44 15.65 -0.68
C TRP A 449 -7.62 14.57 -1.75
N TYR A 450 -8.14 14.98 -2.91
CA TYR A 450 -8.49 13.96 -3.87
C TYR A 450 -7.24 13.27 -4.39
N ASN A 451 -6.12 14.00 -4.41
CA ASN A 451 -4.85 13.43 -4.87
C ASN A 451 -4.37 12.28 -3.98
N LEU A 452 -5.02 12.06 -2.82
CA LEU A 452 -4.64 10.97 -1.92
C LEU A 452 -5.39 9.66 -2.25
N MET A 453 -6.41 9.73 -3.12
CA MET A 453 -7.30 8.58 -3.27
C MET A 453 -6.54 7.47 -3.97
N ASP A 454 -6.53 6.27 -3.39
CA ASP A 454 -5.86 5.09 -3.91
C ASP A 454 -6.64 4.58 -5.12
N GLU A 455 -6.15 3.50 -5.75
CA GLU A 455 -6.70 3.00 -7.02
C GLU A 455 -8.16 2.58 -6.86
N ASP A 456 -8.55 2.19 -5.64
CA ASP A 456 -9.82 1.55 -5.35
C ASP A 456 -10.94 2.58 -5.16
N GLY A 457 -10.55 3.82 -4.80
CA GLY A 457 -11.47 4.88 -4.40
C GLY A 457 -11.40 5.29 -2.92
N TRP A 458 -10.31 4.93 -2.21
CA TRP A 458 -10.26 5.14 -0.77
C TRP A 458 -9.30 6.28 -0.41
N ILE A 459 -9.80 7.29 0.30
CA ILE A 459 -9.01 8.26 1.04
C ILE A 459 -9.13 7.92 2.53
N ALA A 460 -7.99 7.80 3.25
CA ALA A 460 -8.05 7.56 4.68
C ALA A 460 -8.72 8.76 5.36
N ARG A 461 -9.52 8.49 6.40
CA ARG A 461 -10.39 9.48 7.02
C ARG A 461 -9.54 10.44 7.88
N GLU A 462 -8.32 10.01 8.26
CA GLU A 462 -7.42 10.73 9.15
C GLU A 462 -6.01 10.66 8.57
N GLN A 463 -5.45 11.79 8.19
CA GLN A 463 -4.22 11.81 7.43
C GLN A 463 -3.10 12.25 8.37
N ILE A 464 -2.26 11.29 8.77
CA ILE A 464 -1.13 11.48 9.66
C ILE A 464 0.17 11.28 8.87
N LEU A 465 0.68 12.37 8.26
CA LEU A 465 1.73 12.33 7.25
C LEU A 465 3.09 12.68 7.87
N GLY A 466 3.89 11.65 8.16
CA GLY A 466 5.27 11.87 8.56
C GLY A 466 5.47 11.84 10.06
N ALA A 467 6.73 11.78 10.48
CA ALA A 467 7.06 11.50 11.87
C ALA A 467 6.65 12.67 12.79
N GLU A 468 6.80 13.91 12.31
CA GLU A 468 6.31 15.07 13.03
C GLU A 468 4.82 14.92 13.30
N ALA A 469 4.02 14.67 12.26
CA ALA A 469 2.58 14.51 12.44
C ALA A 469 2.24 13.37 13.40
N ARG A 470 3.04 12.28 13.37
CA ARG A 470 2.85 11.09 14.19
C ARG A 470 3.18 11.34 15.67
N SER A 471 4.02 12.35 15.95
CA SER A 471 4.66 12.43 17.26
C SER A 471 3.61 12.55 18.36
N LYS A 472 2.50 13.21 18.02
CA LYS A 472 1.53 13.69 18.98
C LYS A 472 0.44 12.62 19.16
N VAL A 473 0.40 11.67 18.22
CA VAL A 473 -0.72 10.75 18.06
C VAL A 473 -0.35 9.39 18.67
N PRO A 474 -1.15 8.81 19.59
CA PRO A 474 -0.76 7.54 20.23
C PRO A 474 -0.76 6.39 19.22
N LYS A 475 0.22 5.48 19.35
CA LYS A 475 0.49 4.41 18.40
C LYS A 475 -0.81 3.70 18.02
N GLU A 476 -1.65 3.43 19.03
CA GLU A 476 -2.83 2.58 18.89
C GLU A 476 -3.92 3.33 18.10
N PHE A 477 -3.55 4.47 17.53
CA PHE A 477 -4.54 5.28 16.84
C PHE A 477 -4.05 5.65 15.44
N GLN A 478 -2.85 5.20 15.02
CA GLN A 478 -2.26 5.72 13.80
C GLN A 478 -2.76 4.96 12.57
N THR A 479 -2.98 3.65 12.72
CA THR A 479 -3.14 2.78 11.56
C THR A 479 -4.45 3.08 10.84
N GLN A 480 -4.36 3.32 9.52
CA GLN A 480 -5.55 3.51 8.72
C GLN A 480 -5.96 2.18 8.05
N TYR A 481 -7.26 2.08 7.73
CA TYR A 481 -7.86 0.85 7.25
C TYR A 481 -8.64 1.13 5.97
N PRO A 482 -8.29 0.48 4.82
CA PRO A 482 -8.91 0.82 3.53
C PRO A 482 -10.40 0.51 3.44
N HIS A 483 -10.97 -0.21 4.42
CA HIS A 483 -12.43 -0.38 4.44
C HIS A 483 -13.17 0.69 5.27
N TYR A 484 -12.46 1.68 5.84
CA TYR A 484 -13.09 2.70 6.68
C TYR A 484 -13.47 3.94 5.85
N ALA A 485 -14.79 4.15 5.67
CA ALA A 485 -15.26 5.38 5.05
C ALA A 485 -15.30 6.50 6.12
N ASN A 486 -15.80 7.67 5.70
CA ASN A 486 -16.09 8.85 6.51
C ASN A 486 -17.06 9.66 5.66
N PRO A 487 -17.98 10.47 6.23
CA PRO A 487 -18.91 11.21 5.40
C PRO A 487 -18.21 11.97 4.27
N PRO A 488 -18.81 11.96 3.05
CA PRO A 488 -18.26 12.70 1.92
C PRO A 488 -18.75 14.14 1.85
N THR A 489 -18.52 14.88 2.94
CA THR A 489 -18.95 16.28 3.08
C THR A 489 -18.19 17.20 2.12
N LEU A 490 -17.07 16.69 1.58
CA LEU A 490 -16.43 17.49 0.55
C LEU A 490 -17.34 17.74 -0.66
N PHE A 491 -18.35 16.89 -0.88
CA PHE A 491 -19.28 17.15 -1.99
C PHE A 491 -20.11 18.41 -1.73
N LEU A 492 -20.43 18.69 -0.47
CA LEU A 492 -21.20 19.88 -0.14
C LEU A 492 -20.49 21.11 -0.69
N VAL A 493 -19.16 21.15 -0.53
CA VAL A 493 -18.39 22.31 -0.97
C VAL A 493 -18.46 22.36 -2.48
N LEU A 494 -18.33 21.17 -3.10
CA LEU A 494 -18.41 21.05 -4.55
C LEU A 494 -19.75 21.57 -5.02
N ASP A 495 -20.84 21.17 -4.35
CA ASP A 495 -22.17 21.65 -4.69
C ASP A 495 -22.22 23.18 -4.70
N ASN A 496 -21.54 23.82 -3.75
CA ASN A 496 -21.66 25.27 -3.60
C ASN A 496 -20.91 25.94 -4.76
N PHE A 497 -19.83 25.27 -5.16
CA PHE A 497 -19.01 25.78 -6.24
C PHE A 497 -19.84 25.77 -7.54
N VAL A 498 -20.51 24.62 -7.79
CA VAL A 498 -21.39 24.37 -8.92
C VAL A 498 -22.48 25.44 -9.03
N GLU A 499 -23.20 25.72 -7.95
CA GLU A 499 -24.25 26.75 -8.01
C GLU A 499 -23.62 28.12 -8.26
N ARG A 500 -22.44 28.36 -7.69
CA ARG A 500 -21.79 29.64 -7.91
C ARG A 500 -21.35 29.72 -9.37
N LEU A 501 -21.00 28.55 -9.95
CA LEU A 501 -20.51 28.49 -11.32
C LEU A 501 -21.63 28.74 -12.32
N ARG A 502 -22.85 28.27 -12.02
CA ARG A 502 -24.04 28.47 -12.84
C ARG A 502 -24.40 29.96 -12.91
N LYS A 503 -24.37 30.66 -11.77
CA LYS A 503 -24.66 32.09 -11.72
C LYS A 503 -23.37 32.90 -11.91
N LEU A 517 -3.85 40.87 -8.13
CA LEU A 517 -3.88 39.48 -8.64
C LEU A 517 -4.39 38.54 -7.54
N ASP A 518 -4.30 38.98 -6.28
CA ASP A 518 -4.85 38.26 -5.15
C ASP A 518 -6.37 38.42 -5.12
N GLU A 519 -6.83 39.62 -5.49
CA GLU A 519 -8.23 39.90 -5.79
C GLU A 519 -8.73 38.88 -6.82
N THR A 520 -8.10 38.91 -8.00
CA THR A 520 -8.44 38.07 -9.15
C THR A 520 -8.35 36.59 -8.83
N LEU A 521 -7.23 36.16 -8.19
CA LEU A 521 -6.87 34.76 -8.09
C LEU A 521 -7.84 33.98 -7.21
N SER A 522 -8.34 34.64 -6.15
CA SER A 522 -9.26 33.99 -5.24
C SER A 522 -10.51 33.46 -5.97
N THR A 523 -10.96 34.14 -7.05
CA THR A 523 -12.21 33.82 -7.72
C THR A 523 -12.04 33.42 -9.21
N ALA A 524 -10.80 33.17 -9.65
CA ALA A 524 -10.52 32.86 -11.04
C ALA A 524 -11.25 31.61 -11.53
N SER A 525 -11.53 30.66 -10.63
CA SER A 525 -12.11 29.40 -11.07
C SER A 525 -13.63 29.50 -11.24
N VAL A 526 -14.21 30.66 -10.91
CA VAL A 526 -15.62 30.91 -11.16
C VAL A 526 -15.81 32.02 -12.19
N ASP A 527 -14.86 32.95 -12.26
CA ASP A 527 -14.93 34.07 -13.17
C ASP A 527 -14.61 33.62 -14.60
N ASN A 528 -13.82 32.54 -14.71
CA ASN A 528 -13.49 31.90 -15.98
C ASN A 528 -14.21 30.55 -16.04
N PRO A 529 -15.43 30.47 -16.61
CA PRO A 529 -16.17 29.21 -16.67
C PRO A 529 -15.32 28.07 -17.22
N GLU A 530 -14.44 28.40 -18.18
CA GLU A 530 -13.60 27.43 -18.85
C GLU A 530 -12.77 26.68 -17.80
N VAL A 531 -12.14 27.45 -16.90
CA VAL A 531 -11.30 26.95 -15.83
C VAL A 531 -12.11 26.03 -14.91
N GLY A 532 -13.28 26.52 -14.47
CA GLY A 532 -14.20 25.77 -13.63
C GLY A 532 -14.46 24.36 -14.17
N LEU A 533 -15.04 24.30 -15.39
CA LEU A 533 -15.49 23.04 -15.95
C LEU A 533 -14.28 22.12 -16.08
N GLU A 534 -13.11 22.73 -16.34
CA GLU A 534 -11.89 21.94 -16.52
C GLU A 534 -11.51 21.30 -15.18
N TYR A 535 -11.57 22.09 -14.09
CA TYR A 535 -11.32 21.55 -12.77
C TYR A 535 -12.29 20.40 -12.51
N LEU A 536 -13.58 20.63 -12.81
CA LEU A 536 -14.58 19.61 -12.57
C LEU A 536 -14.32 18.36 -13.41
N ARG A 537 -13.93 18.58 -14.68
CA ARG A 537 -13.59 17.51 -15.59
C ARG A 537 -12.52 16.59 -14.98
N ARG A 538 -11.45 17.19 -14.43
CA ARG A 538 -10.32 16.39 -13.99
C ARG A 538 -10.64 15.65 -12.70
N LEU A 539 -11.54 16.21 -11.87
CA LEU A 539 -11.84 15.64 -10.55
C LEU A 539 -13.00 14.61 -10.66
N TYR A 540 -13.91 14.87 -11.61
CA TYR A 540 -15.12 14.08 -11.83
C TYR A 540 -14.85 12.59 -11.74
N PRO A 541 -13.81 12.06 -12.43
CA PRO A 541 -13.54 10.62 -12.36
C PRO A 541 -13.18 10.13 -10.95
N LEU A 542 -12.60 11.00 -10.12
CA LEU A 542 -12.26 10.53 -8.78
C LEU A 542 -13.53 10.58 -7.92
N LEU A 543 -14.35 11.61 -8.15
CA LEU A 543 -15.65 11.62 -7.50
C LEU A 543 -16.37 10.28 -7.76
N ARG A 544 -16.48 9.89 -9.05
CA ARG A 544 -17.18 8.67 -9.40
C ARG A 544 -16.51 7.47 -8.75
N ARG A 545 -15.17 7.46 -8.80
CA ARG A 545 -14.46 6.35 -8.19
C ARG A 545 -14.83 6.27 -6.70
N GLN A 546 -14.99 7.42 -6.02
CA GLN A 546 -15.34 7.36 -4.61
C GLN A 546 -16.78 6.86 -4.45
N PHE A 547 -17.67 7.37 -5.31
CA PHE A 547 -19.03 6.87 -5.35
C PHE A 547 -19.04 5.33 -5.39
N ASP A 548 -18.25 4.75 -6.30
CA ASP A 548 -18.38 3.33 -6.59
C ASP A 548 -17.85 2.56 -5.39
N TRP A 549 -16.85 3.17 -4.74
CA TRP A 549 -16.13 2.56 -3.64
C TRP A 549 -17.07 2.43 -2.43
N PHE A 550 -17.85 3.49 -2.18
CA PHE A 550 -18.87 3.44 -1.14
C PHE A 550 -19.77 2.22 -1.38
N ARG A 551 -20.21 2.07 -2.65
CA ARG A 551 -21.19 1.05 -3.03
C ARG A 551 -20.61 -0.35 -3.01
N LYS A 552 -19.28 -0.50 -3.18
CA LYS A 552 -18.65 -1.81 -3.13
C LYS A 552 -18.23 -2.13 -1.69
N THR A 553 -17.79 -1.12 -0.93
CA THR A 553 -17.27 -1.43 0.39
C THR A 553 -18.29 -1.20 1.51
N GLN A 554 -19.23 -0.26 1.31
CA GLN A 554 -20.13 0.06 2.41
C GLN A 554 -21.57 -0.46 2.14
N ALA A 555 -21.67 -1.55 1.37
CA ALA A 555 -22.92 -2.12 0.87
C ALA A 555 -23.67 -2.82 2.00
N GLY A 556 -24.98 -2.54 2.07
CA GLY A 556 -25.80 -3.30 3.00
C GLY A 556 -26.47 -4.49 2.30
N ASP A 557 -27.02 -5.38 3.13
CA ASP A 557 -27.58 -6.63 2.67
C ASP A 557 -29.12 -6.64 2.74
N ILE A 558 -29.76 -6.35 1.60
CA ILE A 558 -31.18 -6.60 1.39
C ILE A 558 -31.45 -8.06 1.03
N LYS A 559 -30.78 -8.55 -0.03
CA LYS A 559 -31.24 -9.72 -0.79
C LYS A 559 -31.25 -10.99 0.07
N SER A 560 -30.53 -10.98 1.20
CA SER A 560 -30.30 -12.24 1.88
C SER A 560 -31.18 -12.41 3.13
N TYR A 561 -32.19 -11.54 3.25
CA TYR A 561 -33.06 -11.55 4.41
C TYR A 561 -34.52 -11.43 3.94
N ASP A 562 -35.48 -11.58 4.87
CA ASP A 562 -36.87 -11.24 4.59
C ASP A 562 -37.05 -9.72 4.59
N ARG A 563 -36.60 -9.09 3.50
CA ARG A 563 -36.54 -7.64 3.36
C ARG A 563 -37.12 -7.30 1.99
N GLU A 564 -38.13 -6.44 1.97
CA GLU A 564 -38.78 -6.07 0.73
C GLU A 564 -38.65 -4.56 0.56
N ALA A 565 -38.43 -4.12 -0.68
CA ALA A 565 -38.20 -2.70 -0.92
C ALA A 565 -38.15 -2.44 -2.41
N TYR A 566 -38.36 -1.18 -2.78
CA TYR A 566 -38.47 -0.78 -4.17
C TYR A 566 -37.23 -1.15 -4.99
N SER A 567 -36.03 -1.06 -4.37
CA SER A 567 -34.77 -1.38 -5.02
C SER A 567 -34.10 -2.53 -4.29
N THR A 568 -33.46 -3.45 -5.01
CA THR A 568 -32.74 -4.55 -4.37
C THR A 568 -31.28 -4.14 -4.15
N LYS A 569 -30.95 -2.96 -4.68
CA LYS A 569 -29.62 -2.38 -4.76
C LYS A 569 -29.30 -1.59 -3.49
N GLU A 570 -30.14 -0.61 -3.12
CA GLU A 570 -29.77 0.51 -2.25
C GLU A 570 -29.88 0.17 -0.77
N ALA A 571 -28.73 -0.04 -0.12
CA ALA A 571 -28.67 -0.38 1.29
C ALA A 571 -27.22 -0.31 1.76
N TYR A 572 -26.97 0.40 2.88
CA TYR A 572 -25.60 0.68 3.27
C TYR A 572 -25.36 0.39 4.74
N ARG A 573 -24.14 -0.05 5.06
CA ARG A 573 -23.76 -0.29 6.44
C ARG A 573 -22.31 0.14 6.61
N TRP A 574 -22.03 1.11 7.51
CA TRP A 574 -20.66 1.54 7.77
C TRP A 574 -19.86 0.33 8.25
N ARG A 575 -18.72 0.07 7.61
CA ARG A 575 -17.81 -0.91 8.18
C ARG A 575 -17.09 -0.27 9.35
N GLY A 576 -16.67 -1.10 10.30
CA GLY A 576 -15.70 -0.71 11.31
C GLY A 576 -16.36 -0.41 12.64
N ARG A 577 -17.61 -0.87 12.80
CA ARG A 577 -18.28 -0.58 14.04
C ARG A 577 -17.89 -1.57 15.12
N THR A 578 -17.80 -1.07 16.36
CA THR A 578 -17.59 -1.88 17.54
C THR A 578 -18.83 -1.83 18.43
N VAL A 579 -18.80 -2.56 19.56
CA VAL A 579 -19.99 -2.71 20.37
C VAL A 579 -20.52 -1.32 20.75
N SER A 580 -19.65 -0.37 21.09
CA SER A 580 -20.16 0.91 21.57
C SER A 580 -19.91 2.06 20.60
N HIS A 581 -19.24 1.81 19.48
CA HIS A 581 -18.80 2.91 18.66
C HIS A 581 -19.15 2.69 17.20
N CYS A 582 -19.21 3.78 16.42
CA CYS A 582 -19.13 3.74 14.96
C CYS A 582 -18.36 4.96 14.44
N LEU A 583 -17.01 4.89 14.50
CA LEU A 583 -16.09 6.01 14.33
C LEU A 583 -16.16 6.52 12.90
N THR A 584 -16.42 5.61 11.95
CA THR A 584 -16.37 6.00 10.54
C THR A 584 -17.56 6.91 10.18
N SER A 585 -18.66 6.80 10.93
CA SER A 585 -19.85 7.60 10.60
C SER A 585 -19.63 9.06 10.98
N GLY A 586 -18.64 9.29 11.88
CA GLY A 586 -18.37 10.62 12.41
C GLY A 586 -19.06 10.86 13.77
N LEU A 587 -20.11 10.09 14.08
CA LEU A 587 -20.86 10.29 15.32
C LEU A 587 -20.52 9.17 16.29
N ASP A 588 -19.34 9.31 16.90
CA ASP A 588 -18.58 8.26 17.57
C ASP A 588 -19.49 7.29 18.32
N ASP A 589 -20.27 7.80 19.30
CA ASP A 589 -20.92 6.94 20.27
C ASP A 589 -22.43 7.09 20.15
N TYR A 590 -22.88 7.65 19.01
CA TYR A 590 -24.32 7.74 18.78
C TYR A 590 -24.83 6.31 18.81
N PRO A 591 -25.95 6.07 19.55
CA PRO A 591 -26.42 4.70 19.81
C PRO A 591 -26.86 4.04 18.49
N ARG A 592 -26.43 2.80 18.27
CA ARG A 592 -26.74 2.09 17.04
C ARG A 592 -27.37 0.75 17.43
N PRO A 593 -27.85 -0.09 16.48
CA PRO A 593 -28.31 -1.44 16.84
C PRO A 593 -27.33 -2.22 17.72
N GLN A 594 -27.88 -2.85 18.76
CA GLN A 594 -27.14 -3.73 19.64
C GLN A 594 -27.72 -5.14 19.51
N PRO A 595 -26.86 -6.17 19.32
CA PRO A 595 -25.43 -5.93 19.06
C PRO A 595 -25.22 -5.50 17.61
N PRO A 596 -24.00 -5.08 17.23
CA PRO A 596 -23.75 -4.73 15.83
C PRO A 596 -23.95 -6.00 15.01
N HIS A 597 -24.17 -5.85 13.70
CA HIS A 597 -24.68 -7.01 13.00
C HIS A 597 -24.54 -6.81 11.49
N PRO A 598 -24.13 -7.85 10.72
CA PRO A 598 -23.92 -7.70 9.27
C PRO A 598 -25.21 -7.27 8.56
N GLY A 599 -26.33 -7.43 9.26
CA GLY A 599 -27.61 -7.07 8.70
C GLY A 599 -27.93 -5.59 8.85
N GLU A 600 -27.20 -4.89 9.73
CA GLU A 600 -27.48 -3.50 10.01
C GLU A 600 -27.55 -2.73 8.70
N LEU A 601 -28.45 -1.75 8.65
CA LEU A 601 -28.45 -0.67 7.66
C LEU A 601 -28.46 0.67 8.39
N HIS A 602 -27.78 1.69 7.82
CA HIS A 602 -27.59 2.96 8.50
C HIS A 602 -28.09 4.09 7.62
N VAL A 603 -29.07 4.85 8.13
CA VAL A 603 -29.78 5.79 7.30
C VAL A 603 -28.90 7.02 7.02
N ASP A 604 -27.99 7.36 7.95
CA ASP A 604 -27.05 8.43 7.65
C ASP A 604 -26.22 8.09 6.41
N LEU A 605 -25.62 6.89 6.39
CA LEU A 605 -24.79 6.46 5.26
C LEU A 605 -25.56 6.54 3.94
N MET A 606 -26.81 6.02 3.91
CA MET A 606 -27.59 6.06 2.68
C MET A 606 -27.83 7.50 2.22
N SER A 607 -28.07 8.40 3.19
CA SER A 607 -28.30 9.81 2.86
C SER A 607 -27.05 10.45 2.26
N TRP A 608 -25.87 10.11 2.78
CA TRP A 608 -24.62 10.62 2.21
C TRP A 608 -24.48 10.18 0.75
N VAL A 609 -24.73 8.88 0.49
CA VAL A 609 -24.74 8.35 -0.88
C VAL A 609 -25.71 9.15 -1.72
N GLY A 610 -26.85 9.54 -1.12
CA GLY A 610 -27.78 10.43 -1.77
C GLY A 610 -27.17 11.79 -2.12
N VAL A 611 -26.44 12.36 -1.15
CA VAL A 611 -25.75 13.62 -1.39
C VAL A 611 -24.84 13.50 -2.61
N MET A 612 -24.06 12.40 -2.64
CA MET A 612 -23.06 12.19 -3.66
C MET A 612 -23.71 12.07 -5.04
N VAL A 613 -24.79 11.29 -5.15
CA VAL A 613 -25.37 11.03 -6.46
C VAL A 613 -25.86 12.36 -7.00
N LYS A 614 -26.32 13.21 -6.10
CA LYS A 614 -26.99 14.42 -6.55
C LYS A 614 -25.94 15.34 -7.16
N SER A 615 -24.74 15.30 -6.56
CA SER A 615 -23.61 16.13 -6.96
C SER A 615 -23.12 15.66 -8.32
N LEU A 616 -23.11 14.33 -8.48
CA LEU A 616 -22.68 13.67 -9.70
C LEU A 616 -23.62 14.02 -10.85
N ILE A 617 -24.94 14.08 -10.57
CA ILE A 617 -25.94 14.57 -11.52
C ILE A 617 -25.52 15.96 -12.02
N SER A 618 -25.30 16.92 -11.11
CA SER A 618 -25.04 18.29 -11.56
C SER A 618 -23.71 18.39 -12.30
N ILE A 619 -22.76 17.53 -11.93
CA ILE A 619 -21.40 17.74 -12.43
C ILE A 619 -21.31 17.05 -13.79
N GLY A 620 -21.72 15.78 -13.82
CA GLY A 620 -22.02 15.07 -15.07
C GLY A 620 -22.79 15.93 -16.08
N SER A 621 -23.88 16.57 -15.66
CA SER A 621 -24.65 17.43 -16.54
C SER A 621 -23.78 18.57 -17.06
N LEU A 622 -22.87 19.09 -16.23
CA LEU A 622 -22.06 20.21 -16.68
C LEU A 622 -21.04 19.72 -17.72
N LEU A 623 -20.74 18.42 -17.67
CA LEU A 623 -19.70 17.84 -18.50
C LEU A 623 -20.28 16.97 -19.62
N GLY A 624 -21.61 16.73 -19.58
CA GLY A 624 -22.32 15.95 -20.58
C GLY A 624 -22.01 14.44 -20.50
N ALA A 625 -21.82 13.91 -19.29
CA ALA A 625 -21.67 12.46 -19.16
C ALA A 625 -23.04 11.78 -19.09
N THR A 626 -23.79 11.91 -20.19
CA THR A 626 -25.18 11.52 -20.34
C THR A 626 -25.42 10.11 -19.82
N GLU A 627 -24.58 9.16 -20.27
CA GLU A 627 -24.70 7.75 -19.90
C GLU A 627 -24.63 7.60 -18.39
N ASP A 628 -23.75 8.40 -17.79
CA ASP A 628 -23.52 8.43 -16.35
C ASP A 628 -24.74 9.00 -15.64
N VAL A 629 -25.20 10.18 -16.11
CA VAL A 629 -26.27 10.97 -15.54
C VAL A 629 -27.59 10.18 -15.52
N GLU A 630 -27.76 9.24 -16.45
CA GLU A 630 -28.98 8.45 -16.51
C GLU A 630 -28.94 7.36 -15.45
N PHE A 631 -27.76 6.78 -15.24
CA PHE A 631 -27.58 5.77 -14.21
C PHE A 631 -27.79 6.40 -12.84
N TYR A 632 -27.19 7.58 -12.63
CA TYR A 632 -27.31 8.30 -11.38
C TYR A 632 -28.78 8.49 -11.05
N THR A 633 -29.58 8.83 -12.08
CA THR A 633 -30.98 9.17 -11.88
C THR A 633 -31.73 7.95 -11.33
N LYS A 634 -31.32 6.76 -11.73
CA LYS A 634 -31.97 5.53 -11.29
C LYS A 634 -31.58 5.27 -9.84
N VAL A 635 -30.31 5.55 -9.50
CA VAL A 635 -29.87 5.43 -8.11
C VAL A 635 -30.59 6.46 -7.24
N LEU A 636 -30.65 7.72 -7.68
CA LEU A 636 -31.29 8.72 -6.85
C LEU A 636 -32.73 8.27 -6.55
N ASP A 637 -33.50 8.04 -7.62
CA ASP A 637 -34.87 7.58 -7.51
C ASP A 637 -34.95 6.38 -6.58
N ALA A 638 -34.00 5.45 -6.65
CA ALA A 638 -34.09 4.25 -5.82
C ALA A 638 -33.77 4.53 -4.34
N ILE A 639 -32.86 5.48 -4.07
CA ILE A 639 -32.53 5.80 -2.70
C ILE A 639 -33.72 6.51 -2.07
N GLU A 640 -34.36 7.39 -2.84
CA GLU A 640 -35.56 8.07 -2.36
C GLU A 640 -36.59 7.04 -1.90
N HIS A 641 -36.86 6.02 -2.73
CA HIS A 641 -37.88 5.06 -2.37
C HIS A 641 -37.41 4.26 -1.17
N ASN A 642 -36.12 3.88 -1.20
CA ASN A 642 -35.56 2.93 -0.25
C ASN A 642 -35.36 3.56 1.13
N LEU A 643 -35.12 4.88 1.17
CA LEU A 643 -35.10 5.57 2.46
C LEU A 643 -36.43 5.33 3.19
N ASP A 644 -37.55 5.45 2.44
CA ASP A 644 -38.84 5.17 3.04
C ASP A 644 -38.96 3.69 3.40
N ASP A 645 -38.69 2.79 2.43
CA ASP A 645 -39.09 1.39 2.59
C ASP A 645 -38.28 0.72 3.70
N LEU A 646 -37.03 1.16 3.90
CA LEU A 646 -36.17 0.47 4.86
C LEU A 646 -35.93 1.31 6.11
N HIS A 647 -36.10 2.63 6.03
CA HIS A 647 -35.67 3.47 7.14
C HIS A 647 -36.81 4.19 7.85
N TRP A 648 -37.92 4.51 7.15
CA TRP A 648 -39.00 5.30 7.75
C TRP A 648 -39.77 4.52 8.81
N SER A 649 -39.95 5.13 9.98
CA SER A 649 -40.84 4.58 10.99
C SER A 649 -42.08 5.46 11.11
N GLU A 650 -43.24 4.95 10.63
CA GLU A 650 -44.49 5.66 10.84
C GLU A 650 -44.80 5.68 12.34
N LYS A 651 -44.55 4.57 13.05
CA LYS A 651 -44.81 4.45 14.48
C LYS A 651 -44.16 5.59 15.25
N GLU A 652 -42.92 5.96 14.90
CA GLU A 652 -42.13 6.88 15.71
C GLU A 652 -42.10 8.30 15.13
N GLY A 653 -42.47 8.43 13.84
CA GLY A 653 -42.42 9.71 13.14
C GLY A 653 -41.01 10.18 12.74
N CYS A 654 -40.08 9.25 12.48
CA CYS A 654 -38.76 9.65 12.00
C CYS A 654 -38.08 8.48 11.29
N TYR A 655 -36.90 8.74 10.71
CA TYR A 655 -36.05 7.69 10.18
C TYR A 655 -35.28 7.01 11.29
N CYS A 656 -34.99 5.73 11.06
CA CYS A 656 -34.21 4.93 11.98
C CYS A 656 -33.24 4.07 11.17
N ASP A 657 -32.13 3.68 11.81
CA ASP A 657 -31.25 2.62 11.34
C ASP A 657 -32.01 1.30 11.49
N ALA A 658 -31.49 0.23 10.88
CA ALA A 658 -32.19 -1.05 10.92
C ALA A 658 -31.21 -2.16 11.27
N THR A 659 -31.71 -3.26 11.85
CA THR A 659 -30.95 -4.50 11.83
C THR A 659 -31.82 -5.65 11.35
N ILE A 660 -31.40 -6.86 11.78
CA ILE A 660 -32.24 -8.02 11.66
C ILE A 660 -32.23 -8.71 13.03
N ASP A 661 -33.41 -9.21 13.41
CA ASP A 661 -33.81 -9.68 14.72
C ASP A 661 -32.99 -10.89 15.17
N GLU A 662 -33.23 -11.31 16.42
CA GLU A 662 -32.92 -12.66 16.89
C GLU A 662 -33.57 -13.69 15.94
N PHE A 663 -34.74 -13.34 15.40
CA PHE A 663 -35.55 -14.23 14.57
C PHE A 663 -35.40 -13.87 13.09
N GLU A 664 -34.32 -13.16 12.74
CA GLU A 664 -33.91 -12.94 11.35
C GLU A 664 -34.87 -12.04 10.56
N GLU A 665 -35.71 -11.25 11.23
CA GLU A 665 -36.49 -10.25 10.49
C GLU A 665 -35.87 -8.85 10.66
N HIS A 666 -36.04 -8.02 9.61
CA HIS A 666 -35.78 -6.60 9.64
C HIS A 666 -36.41 -5.96 10.88
N LYS A 667 -35.61 -5.28 11.72
CA LYS A 667 -36.17 -4.50 12.82
C LYS A 667 -35.63 -3.08 12.69
N LEU A 668 -36.49 -2.08 12.91
CA LEU A 668 -36.06 -0.69 13.03
C LEU A 668 -35.52 -0.44 14.43
N VAL A 669 -34.48 0.39 14.52
CA VAL A 669 -33.93 0.79 15.81
C VAL A 669 -33.86 2.32 15.84
N CYS A 670 -34.79 2.89 16.60
CA CYS A 670 -35.02 4.33 16.59
C CYS A 670 -34.43 4.96 17.83
N HIS A 671 -33.50 5.87 17.61
CA HIS A 671 -32.94 6.66 18.67
C HIS A 671 -33.03 8.08 18.15
N LYS A 672 -33.98 8.83 18.70
CA LYS A 672 -34.32 10.13 18.17
C LYS A 672 -33.15 11.07 18.43
N GLY A 673 -32.67 11.68 17.35
CA GLY A 673 -31.53 12.56 17.39
C GLY A 673 -31.06 12.91 15.98
N TYR A 674 -29.80 13.33 15.84
CA TYR A 674 -29.22 13.73 14.57
C TYR A 674 -29.49 12.66 13.51
N ILE A 675 -29.19 11.40 13.83
CA ILE A 675 -29.28 10.33 12.85
C ILE A 675 -30.69 10.31 12.27
N SER A 676 -31.69 10.55 13.13
CA SER A 676 -33.11 10.50 12.82
C SER A 676 -33.51 11.49 11.74
N LEU A 677 -32.73 12.58 11.59
CA LEU A 677 -33.09 13.70 10.73
C LEU A 677 -32.34 13.65 9.40
N PHE A 678 -31.48 12.63 9.23
CA PHE A 678 -30.49 12.65 8.16
C PHE A 678 -31.09 13.03 6.80
N PRO A 679 -32.13 12.33 6.30
CA PRO A 679 -32.62 12.64 4.95
C PRO A 679 -32.96 14.13 4.82
N PHE A 680 -33.46 14.72 5.92
CA PHE A 680 -33.69 16.16 5.94
C PHE A 680 -32.37 16.93 5.92
N LEU A 681 -31.42 16.58 6.79
CA LEU A 681 -30.19 17.37 6.91
C LEU A 681 -29.44 17.40 5.58
N THR A 682 -29.54 16.29 4.80
CA THR A 682 -28.71 16.08 3.63
C THR A 682 -29.42 16.54 2.36
N GLY A 683 -30.61 17.13 2.53
CA GLY A 683 -31.24 17.86 1.45
C GLY A 683 -32.08 16.98 0.50
N LEU A 684 -32.43 15.77 0.95
CA LEU A 684 -32.98 14.73 0.10
C LEU A 684 -34.51 14.73 0.02
N LEU A 685 -35.21 15.39 0.97
CA LEU A 685 -36.66 15.27 1.08
C LEU A 685 -37.32 16.42 0.33
N LYS A 686 -38.53 16.18 -0.23
CA LYS A 686 -39.22 17.21 -0.98
C LYS A 686 -39.86 18.22 -0.01
N PRO A 687 -40.05 19.49 -0.42
CA PRO A 687 -40.51 20.53 0.52
C PRO A 687 -41.98 20.43 0.96
N ASP A 688 -42.68 19.41 0.43
CA ASP A 688 -44.09 19.24 0.70
C ASP A 688 -44.26 17.87 1.34
N SER A 689 -43.14 17.16 1.54
CA SER A 689 -43.20 15.81 2.08
C SER A 689 -43.79 15.83 3.49
N PRO A 690 -44.81 14.99 3.78
CA PRO A 690 -45.36 14.89 5.13
C PRO A 690 -44.30 14.42 6.12
N LYS A 691 -43.37 13.61 5.62
CA LYS A 691 -42.30 13.07 6.44
C LYS A 691 -41.46 14.23 6.95
N LEU A 692 -41.11 15.16 6.05
CA LEU A 692 -40.34 16.35 6.40
C LEU A 692 -41.04 17.12 7.54
N GLY A 693 -42.37 17.31 7.40
CA GLY A 693 -43.21 17.99 8.38
C GLY A 693 -43.14 17.34 9.76
N LYS A 694 -43.04 16.00 9.79
CA LYS A 694 -42.97 15.31 11.06
C LYS A 694 -41.56 15.49 11.65
N LEU A 695 -40.54 15.59 10.78
CA LEU A 695 -39.18 15.80 11.24
C LEU A 695 -39.09 17.22 11.81
N LEU A 696 -39.87 18.14 11.21
CA LEU A 696 -39.89 19.51 11.71
C LEU A 696 -40.51 19.54 13.10
N ALA A 697 -41.52 18.71 13.30
CA ALA A 697 -42.13 18.60 14.62
C ALA A 697 -41.07 18.14 15.63
N LEU A 698 -40.32 17.09 15.28
CA LEU A 698 -39.33 16.47 16.14
C LEU A 698 -38.25 17.50 16.48
N ILE A 699 -37.78 18.21 15.45
CA ILE A 699 -36.72 19.18 15.58
C ILE A 699 -37.11 20.26 16.58
N GLY A 700 -38.39 20.72 16.53
CA GLY A 700 -38.80 21.89 17.28
C GLY A 700 -39.25 21.54 18.71
N ASP A 701 -39.47 20.24 18.94
CA ASP A 701 -40.00 19.69 20.17
C ASP A 701 -38.97 19.84 21.29
N GLU A 702 -39.28 20.68 22.28
CA GLU A 702 -38.31 21.00 23.32
C GLU A 702 -38.00 19.78 24.16
N SER A 703 -38.90 18.79 24.17
CA SER A 703 -38.77 17.70 25.11
C SER A 703 -37.95 16.57 24.49
N GLU A 704 -37.69 16.68 23.18
CA GLU A 704 -36.82 15.76 22.43
C GLU A 704 -35.48 16.44 22.14
N LEU A 705 -35.40 17.20 21.03
CA LEU A 705 -34.15 17.72 20.49
C LEU A 705 -33.87 19.18 20.82
N TRP A 706 -34.91 19.99 21.08
CA TRP A 706 -34.73 21.44 20.96
C TRP A 706 -34.33 22.03 22.32
N SER A 707 -33.08 22.51 22.42
CA SER A 707 -32.65 23.11 23.66
C SER A 707 -32.51 24.58 23.38
N PRO A 708 -32.44 25.43 24.41
CA PRO A 708 -32.26 26.87 24.18
C PRO A 708 -30.93 27.13 23.49
N TYR A 709 -30.04 26.11 23.44
CA TYR A 709 -28.66 26.29 22.99
C TYR A 709 -28.41 25.68 21.61
N GLY A 710 -29.41 25.00 21.05
CA GLY A 710 -29.29 24.38 19.74
C GLY A 710 -29.97 23.02 19.80
N LEU A 711 -29.87 22.23 18.72
CA LEU A 711 -30.40 20.87 18.75
C LEU A 711 -29.43 19.95 19.49
N ARG A 712 -29.97 19.13 20.39
CA ARG A 712 -29.28 18.08 21.10
C ARG A 712 -28.98 16.92 20.13
N SER A 713 -27.78 16.34 20.25
CA SER A 713 -27.41 15.23 19.39
C SER A 713 -28.38 14.07 19.58
N LEU A 714 -28.85 13.87 20.83
CA LEU A 714 -29.75 12.79 21.19
C LEU A 714 -30.93 13.31 22.02
N SER A 715 -32.13 12.75 21.81
CA SER A 715 -33.33 13.16 22.56
C SER A 715 -33.17 12.91 24.06
N LYS A 716 -33.74 13.80 24.88
CA LYS A 716 -33.80 13.61 26.32
C LYS A 716 -34.69 12.41 26.63
N LYS A 717 -35.56 12.03 25.68
CA LYS A 717 -36.43 10.87 25.84
C LYS A 717 -35.70 9.55 25.57
N ASP A 718 -34.60 9.54 24.78
CA ASP A 718 -33.90 8.29 24.49
C ASP A 718 -33.30 7.68 25.76
N GLU A 719 -33.34 6.35 25.85
CA GLU A 719 -32.69 5.65 26.95
C GLU A 719 -31.19 5.87 27.01
N PHE A 720 -30.56 6.26 25.89
CA PHE A 720 -29.11 6.44 25.90
C PHE A 720 -28.69 7.89 26.19
N TYR A 721 -29.64 8.76 26.55
CA TYR A 721 -29.32 10.16 26.81
C TYR A 721 -28.36 10.32 27.98
N GLY A 722 -27.30 11.08 27.73
CA GLY A 722 -26.28 11.38 28.72
C GLY A 722 -25.60 10.13 29.31
N THR A 723 -25.55 9.01 28.58
CA THR A 723 -24.91 7.80 29.10
C THR A 723 -23.46 7.71 28.58
N ALA A 724 -22.61 7.03 29.35
CA ALA A 724 -21.31 6.58 28.91
C ALA A 724 -20.43 7.79 28.69
N GLU A 725 -19.81 7.88 27.52
CA GLU A 725 -18.88 8.98 27.31
C GLU A 725 -19.70 10.20 26.94
N ASN A 726 -20.92 9.97 26.45
CA ASN A 726 -21.84 11.07 26.25
C ASN A 726 -21.23 12.08 25.28
N TYR A 727 -20.63 11.56 24.21
CA TYR A 727 -20.00 12.37 23.19
C TYR A 727 -21.06 12.91 22.25
N TRP A 728 -21.80 12.00 21.58
CA TRP A 728 -22.86 12.36 20.65
C TRP A 728 -24.19 11.89 21.23
N ARG A 729 -24.31 11.90 22.56
CA ARG A 729 -25.50 11.37 23.23
C ARG A 729 -26.24 12.47 23.99
N SER A 730 -26.07 13.73 23.57
CA SER A 730 -26.84 14.83 24.13
C SER A 730 -26.24 16.17 23.74
N PRO A 731 -24.90 16.34 23.77
CA PRO A 731 -24.30 17.64 23.47
C PRO A 731 -24.73 18.23 22.11
N VAL A 732 -24.58 19.57 22.01
CA VAL A 732 -24.95 20.31 20.83
C VAL A 732 -23.69 20.52 19.97
N TRP A 733 -23.81 20.15 18.70
CA TRP A 733 -22.66 20.16 17.81
C TRP A 733 -22.96 21.08 16.65
N ILE A 734 -22.00 21.94 16.36
CA ILE A 734 -22.28 23.01 15.41
C ILE A 734 -22.41 22.46 13.99
N ASN A 735 -21.71 21.37 13.66
CA ASN A 735 -21.66 20.99 12.25
C ASN A 735 -23.07 20.57 11.80
N ILE A 736 -23.73 19.71 12.61
CA ILE A 736 -25.05 19.20 12.33
C ILE A 736 -26.10 20.30 12.48
N ASN A 737 -25.95 21.13 13.52
CA ASN A 737 -26.82 22.31 13.67
C ASN A 737 -26.76 23.21 12.41
N TYR A 738 -25.56 23.37 11.86
CA TYR A 738 -25.38 24.11 10.61
C TYR A 738 -26.18 23.51 9.46
N LEU A 739 -26.17 22.19 9.32
CA LEU A 739 -26.93 21.55 8.24
C LEU A 739 -28.42 21.79 8.49
N ALA A 740 -28.86 21.69 9.75
CA ALA A 740 -30.27 21.91 10.03
C ALA A 740 -30.67 23.31 9.58
N ILE A 741 -29.84 24.29 9.96
CA ILE A 741 -30.11 25.69 9.75
C ILE A 741 -30.22 26.01 8.26
N VAL A 742 -29.36 25.38 7.46
CA VAL A 742 -29.36 25.61 6.02
C VAL A 742 -30.62 24.98 5.41
N GLN A 743 -31.01 23.79 5.88
CA GLN A 743 -32.20 23.14 5.38
C GLN A 743 -33.48 23.85 5.83
N LEU A 744 -33.51 24.42 7.04
CA LEU A 744 -34.69 25.14 7.48
C LEU A 744 -34.90 26.36 6.58
N TYR A 745 -33.80 27.04 6.28
CA TYR A 745 -33.81 28.23 5.44
C TYR A 745 -34.33 27.89 4.02
N ASN A 746 -34.04 26.68 3.56
CA ASN A 746 -34.46 26.23 2.25
C ASN A 746 -35.99 26.06 2.25
N ILE A 747 -36.51 25.27 3.20
CA ILE A 747 -37.94 25.03 3.30
C ILE A 747 -38.62 26.37 3.57
N ALA A 748 -37.86 27.38 4.05
CA ALA A 748 -38.41 28.67 4.45
C ALA A 748 -38.47 29.70 3.31
N THR A 749 -37.65 29.55 2.26
CA THR A 749 -37.62 30.56 1.22
C THR A 749 -38.20 29.99 -0.07
N GLN A 750 -39.26 29.18 0.09
CA GLN A 750 -39.95 28.49 -0.97
C GLN A 750 -41.41 28.34 -0.56
N ASP A 751 -42.34 28.47 -1.53
CA ASP A 751 -43.75 28.16 -1.28
C ASP A 751 -43.85 26.68 -0.90
N GLY A 752 -44.65 26.37 0.13
CA GLY A 752 -45.02 25.02 0.55
C GLY A 752 -45.72 25.03 1.91
N PRO A 753 -46.23 23.86 2.40
CA PRO A 753 -47.00 23.81 3.65
C PRO A 753 -46.27 24.18 4.93
N TYR A 754 -44.93 24.14 4.89
CA TYR A 754 -44.11 24.21 6.09
C TYR A 754 -43.21 25.44 6.05
N LYS A 755 -43.38 26.25 5.00
CA LYS A 755 -42.66 27.51 4.84
C LYS A 755 -42.51 28.24 6.17
N GLU A 756 -43.62 28.41 6.92
CA GLU A 756 -43.62 29.35 8.03
C GLU A 756 -43.16 28.68 9.34
N THR A 757 -43.38 27.37 9.50
CA THR A 757 -42.75 26.69 10.63
C THR A 757 -41.24 26.71 10.47
N ALA A 758 -40.77 26.44 9.25
CA ALA A 758 -39.36 26.52 8.91
C ALA A 758 -38.81 27.92 9.16
N ARG A 759 -39.59 28.96 8.80
CA ARG A 759 -39.12 30.32 9.00
C ARG A 759 -38.87 30.57 10.49
N ASP A 760 -39.79 30.08 11.33
CA ASP A 760 -39.70 30.28 12.78
C ASP A 760 -38.50 29.51 13.34
N LEU A 761 -38.46 28.20 13.10
CA LEU A 761 -37.33 27.35 13.46
C LEU A 761 -35.98 27.93 12.98
N TYR A 762 -35.86 28.31 11.70
CA TYR A 762 -34.64 28.91 11.17
C TYR A 762 -34.20 30.10 12.04
N THR A 763 -35.12 31.07 12.20
CA THR A 763 -34.86 32.29 12.95
C THR A 763 -34.28 31.95 14.33
N ARG A 764 -34.94 31.03 15.06
CA ARG A 764 -34.62 30.76 16.45
C ARG A 764 -33.33 29.94 16.55
N LEU A 765 -33.16 28.94 15.67
CA LEU A 765 -32.02 28.06 15.76
C LEU A 765 -30.75 28.84 15.41
N ARG A 766 -30.83 29.65 14.36
CA ARG A 766 -29.70 30.50 14.00
C ARG A 766 -29.28 31.34 15.20
N LYS A 767 -30.28 31.92 15.86
CA LYS A 767 -30.06 32.78 17.02
C LYS A 767 -29.40 31.98 18.13
N ASN A 768 -29.98 30.81 18.49
CA ASN A 768 -29.52 30.03 19.63
C ASN A 768 -28.06 29.56 19.41
N ILE A 769 -27.78 29.00 18.23
CA ILE A 769 -26.46 28.50 17.88
C ILE A 769 -25.42 29.62 17.90
N VAL A 770 -25.74 30.74 17.24
CA VAL A 770 -24.77 31.82 17.20
C VAL A 770 -24.53 32.35 18.61
N GLU A 771 -25.61 32.57 19.39
CA GLU A 771 -25.47 33.19 20.69
C GLU A 771 -24.68 32.30 21.66
N THR A 772 -24.95 30.98 21.65
CA THR A 772 -24.22 30.04 22.49
C THR A 772 -22.72 30.11 22.16
N VAL A 773 -22.39 30.03 20.87
CA VAL A 773 -20.99 30.05 20.51
C VAL A 773 -20.38 31.40 20.86
N TYR A 774 -21.05 32.50 20.50
CA TYR A 774 -20.60 33.83 20.89
C TYR A 774 -20.43 33.99 22.41
N ARG A 775 -21.45 33.62 23.22
CA ARG A 775 -21.33 33.83 24.67
C ARG A 775 -20.07 33.14 25.20
N ASN A 776 -19.85 31.90 24.75
CA ASN A 776 -18.71 31.11 25.23
C ASN A 776 -17.39 31.75 24.81
N TRP A 777 -17.32 32.17 23.54
CA TRP A 777 -16.15 32.89 23.04
C TRP A 777 -15.86 34.10 23.91
N GLU A 778 -16.90 34.87 24.23
CA GLU A 778 -16.71 36.10 24.99
C GLU A 778 -16.14 35.78 26.38
N GLU A 779 -16.67 34.71 27.01
CA GLU A 779 -16.29 34.35 28.36
C GLU A 779 -14.89 33.73 28.39
N THR A 780 -14.57 32.86 27.41
CA THR A 780 -13.41 31.98 27.63
C THR A 780 -12.34 32.24 26.59
N GLY A 781 -12.69 32.98 25.52
CA GLY A 781 -11.81 33.20 24.38
C GLY A 781 -11.74 32.05 23.38
N PHE A 782 -12.52 30.97 23.58
CA PHE A 782 -12.37 29.80 22.73
C PHE A 782 -13.65 29.48 21.96
N ALA A 783 -13.43 28.84 20.81
CA ALA A 783 -14.39 27.94 20.19
C ALA A 783 -14.27 26.58 20.86
N TRP A 784 -15.40 25.94 21.09
CA TRP A 784 -15.39 24.62 21.69
C TRP A 784 -15.94 23.61 20.68
N GLU A 785 -15.65 22.34 20.95
CA GLU A 785 -16.02 21.19 20.17
C GLU A 785 -17.53 20.97 20.15
N GLN A 786 -18.15 21.26 21.29
CA GLN A 786 -19.55 20.93 21.51
C GLN A 786 -20.03 21.76 22.71
N TYR A 787 -21.34 21.87 22.89
CA TYR A 787 -21.94 22.77 23.88
C TYR A 787 -23.00 22.02 24.66
N ASN A 788 -23.01 22.31 25.97
CA ASN A 788 -23.83 21.59 26.92
C ASN A 788 -25.26 22.08 26.76
N PRO A 789 -26.22 21.18 26.48
CA PRO A 789 -27.60 21.63 26.24
C PRO A 789 -28.36 22.12 27.48
N GLU A 790 -27.89 21.78 28.68
CA GLU A 790 -28.50 22.18 29.94
C GLU A 790 -27.94 23.52 30.41
N THR A 791 -26.65 23.77 30.18
CA THR A 791 -26.04 24.94 30.77
C THR A 791 -25.59 25.93 29.70
N GLY A 792 -25.47 25.47 28.45
CA GLY A 792 -24.95 26.32 27.40
C GLY A 792 -23.42 26.37 27.41
N LYS A 793 -22.78 25.63 28.32
CA LYS A 793 -21.32 25.73 28.43
C LYS A 793 -20.64 24.98 27.29
N GLY A 794 -19.58 25.58 26.76
CA GLY A 794 -18.70 24.84 25.86
C GLY A 794 -17.91 23.79 26.65
N GLN A 795 -17.74 22.60 26.07
CA GLN A 795 -17.03 21.53 26.78
C GLN A 795 -16.29 20.68 25.75
N ARG A 796 -15.54 19.65 26.21
CA ARG A 796 -14.57 18.92 25.40
C ARG A 796 -13.47 19.89 24.97
N THR A 797 -12.97 19.77 23.74
CA THR A 797 -11.74 20.50 23.51
C THR A 797 -12.02 21.92 23.03
N GLN A 798 -11.01 22.77 23.28
CA GLN A 798 -10.92 24.17 22.89
C GLN A 798 -10.14 24.33 21.59
N HIS A 799 -10.11 25.56 21.08
CA HIS A 799 -9.41 25.89 19.86
C HIS A 799 -9.98 25.05 18.71
N PHE A 800 -11.27 24.75 18.77
CA PHE A 800 -11.90 23.86 17.81
C PHE A 800 -12.39 24.66 16.59
N THR A 801 -11.44 25.12 15.79
CA THR A 801 -11.70 25.83 14.55
C THR A 801 -11.07 25.09 13.36
N GLY A 802 -11.65 23.97 12.92
CA GLY A 802 -12.79 23.35 13.54
C GLY A 802 -14.10 23.84 12.95
N TRP A 803 -15.06 22.91 12.80
CA TRP A 803 -16.36 23.21 12.21
C TRP A 803 -17.19 24.15 13.09
N THR A 804 -16.76 24.40 14.34
CA THR A 804 -17.46 25.39 15.15
C THR A 804 -17.47 26.75 14.45
N SER A 805 -16.40 27.04 13.68
CA SER A 805 -16.28 28.30 12.94
C SER A 805 -17.37 28.47 11.88
N LEU A 806 -18.18 27.44 11.59
CA LEU A 806 -19.31 27.55 10.66
C LEU A 806 -20.21 28.72 11.06
N VAL A 807 -20.09 29.14 12.32
CA VAL A 807 -20.93 30.17 12.91
C VAL A 807 -20.79 31.49 12.12
N VAL A 808 -19.63 31.71 11.51
CA VAL A 808 -19.44 32.92 10.73
C VAL A 808 -20.38 32.90 9.53
N LYS A 809 -20.66 31.72 8.98
CA LYS A 809 -21.51 31.59 7.80
C LYS A 809 -22.98 31.57 8.20
N ILE A 810 -23.28 30.99 9.37
CA ILE A 810 -24.63 31.07 9.91
C ILE A 810 -25.01 32.53 10.10
N MET A 811 -24.06 33.34 10.61
CA MET A 811 -24.36 34.73 10.91
C MET A 811 -24.61 35.50 9.61
N SER A 812 -23.79 35.22 8.59
CA SER A 812 -23.76 36.01 7.37
C SER A 812 -25.00 35.70 6.52
N GLY A 813 -25.45 34.43 6.56
CA GLY A 813 -26.78 34.03 6.10
C GLY A 813 -26.89 33.93 4.57
N HIS A 814 -28.09 34.27 4.06
CA HIS A 814 -28.37 34.36 2.63
C HIS A 814 -27.85 33.13 1.89
N HIS A 815 -28.42 31.95 2.21
CA HIS A 815 -28.06 30.68 1.59
C HIS A 815 -28.66 30.55 0.17
N GLU B 35 2.87 -47.30 4.82
CA GLU B 35 2.86 -48.70 4.22
C GLU B 35 4.27 -49.31 4.14
N SER B 36 4.92 -49.36 2.95
CA SER B 36 6.08 -50.24 2.78
C SER B 36 7.37 -49.68 3.39
N ILE B 37 8.12 -50.54 4.07
CA ILE B 37 9.37 -50.13 4.66
C ILE B 37 10.22 -49.40 3.62
N LEU B 38 10.28 -49.95 2.40
CA LEU B 38 11.18 -49.38 1.41
C LEU B 38 10.69 -48.00 0.99
N HIS B 39 9.38 -47.91 0.70
CA HIS B 39 8.85 -46.67 0.17
C HIS B 39 9.06 -45.57 1.20
N SER B 40 8.74 -45.82 2.47
CA SER B 40 9.04 -44.90 3.56
C SER B 40 10.53 -44.51 3.58
N GLU B 41 11.43 -45.49 3.40
CA GLU B 41 12.84 -45.21 3.64
C GLU B 41 13.32 -44.27 2.53
N ILE B 42 12.79 -44.50 1.33
CA ILE B 42 13.17 -43.64 0.22
C ILE B 42 12.67 -42.22 0.45
N GLY B 43 11.41 -42.11 0.88
CA GLY B 43 10.83 -40.84 1.25
C GLY B 43 11.68 -40.09 2.28
N ARG B 44 12.10 -40.78 3.35
CA ARG B 44 12.96 -40.21 4.37
C ARG B 44 14.28 -39.75 3.76
N LEU B 45 14.81 -40.51 2.80
CA LEU B 45 16.09 -40.17 2.19
C LEU B 45 15.94 -38.94 1.29
N ASN B 46 14.84 -38.92 0.54
CA ASN B 46 14.58 -37.80 -0.34
C ASN B 46 14.36 -36.53 0.46
N ASN B 47 13.65 -36.70 1.56
CA ASN B 47 13.24 -35.64 2.45
C ASN B 47 14.51 -35.00 3.04
N GLN B 48 15.46 -35.83 3.50
CA GLN B 48 16.68 -35.32 4.10
C GLN B 48 17.55 -34.65 3.04
N SER B 49 17.52 -35.18 1.82
CA SER B 49 18.32 -34.65 0.74
C SER B 49 17.84 -33.25 0.34
N LEU B 50 16.50 -33.04 0.33
CA LEU B 50 15.92 -31.85 -0.27
C LEU B 50 15.59 -30.76 0.76
N LEU B 51 15.75 -31.05 2.05
CA LEU B 51 15.32 -30.18 3.15
C LEU B 51 15.75 -28.72 3.00
N TRP B 52 17.05 -28.49 2.77
CA TRP B 52 17.58 -27.14 2.73
C TRP B 52 17.67 -26.67 1.28
N GLY B 53 17.44 -25.38 1.04
CA GLY B 53 17.83 -24.81 -0.23
C GLY B 53 17.64 -23.31 -0.19
N PRO B 54 17.97 -22.59 -1.29
CA PRO B 54 17.64 -21.17 -1.36
C PRO B 54 16.15 -21.09 -1.74
N TYR B 55 15.28 -21.67 -0.91
CA TYR B 55 13.92 -21.91 -1.34
C TYR B 55 13.03 -20.66 -1.15
N ARG B 56 13.57 -19.48 -1.44
CA ARG B 56 12.82 -18.25 -1.28
C ARG B 56 13.05 -17.45 -2.55
N PRO B 57 12.43 -17.87 -3.66
CA PRO B 57 12.77 -17.33 -4.98
C PRO B 57 12.26 -15.90 -5.17
N ASN B 58 11.36 -15.44 -4.28
CA ASN B 58 10.80 -14.09 -4.36
C ASN B 58 11.85 -13.05 -4.00
N ILE B 59 12.95 -13.47 -3.35
CA ILE B 59 14.00 -12.53 -3.00
C ILE B 59 15.32 -12.89 -3.71
N TYR B 60 16.18 -11.90 -3.89
CA TYR B 60 17.47 -12.11 -4.53
C TYR B 60 18.26 -13.28 -3.91
N PHE B 61 18.32 -13.38 -2.58
CA PHE B 61 19.06 -14.47 -1.98
C PHE B 61 18.64 -14.66 -0.55
N GLY B 62 18.25 -15.90 -0.25
CA GLY B 62 17.95 -16.27 1.12
C GLY B 62 17.73 -17.78 1.17
N THR B 63 17.70 -18.34 2.37
CA THR B 63 17.45 -19.77 2.48
C THR B 63 16.30 -20.01 3.45
N ARG B 64 15.67 -21.19 3.33
CA ARG B 64 14.93 -21.80 4.43
C ARG B 64 14.81 -23.31 4.19
N PRO B 65 14.47 -24.12 5.22
CA PRO B 65 14.22 -25.54 5.00
C PRO B 65 12.76 -25.72 4.67
N ARG B 66 12.40 -26.94 4.22
CA ARG B 66 11.02 -27.29 3.92
C ARG B 66 10.26 -27.54 5.23
N ILE B 67 10.13 -26.50 6.07
CA ILE B 67 9.48 -26.55 7.38
C ILE B 67 8.79 -25.21 7.56
N GLY B 68 7.47 -25.27 7.76
CA GLY B 68 6.64 -24.08 7.85
C GLY B 68 7.22 -23.04 8.82
N LYS B 69 7.55 -23.48 10.03
CA LYS B 69 8.04 -22.55 11.05
C LYS B 69 9.46 -22.97 11.42
N SER B 70 10.46 -22.18 11.01
CA SER B 70 11.83 -22.55 11.24
C SER B 70 12.73 -21.38 10.92
N LEU B 71 13.96 -21.69 10.53
CA LEU B 71 15.02 -20.69 10.39
C LEU B 71 15.06 -20.24 8.93
N MET B 72 14.98 -18.93 8.68
CA MET B 72 15.05 -18.39 7.33
C MET B 72 16.17 -17.38 7.24
N THR B 73 16.74 -17.17 6.05
CA THR B 73 17.73 -16.11 5.90
C THR B 73 17.37 -15.23 4.72
N GLY B 74 17.93 -14.01 4.68
CA GLY B 74 17.84 -13.16 3.50
C GLY B 74 18.97 -12.13 3.44
N LEU B 75 19.38 -11.78 2.21
CA LEU B 75 20.45 -10.85 1.90
C LEU B 75 19.91 -9.49 1.42
N MET B 76 20.47 -8.40 1.95
CA MET B 76 20.11 -7.10 1.37
C MET B 76 21.39 -6.31 1.15
N TRP B 77 21.37 -5.42 0.17
CA TRP B 77 22.55 -4.60 -0.11
C TRP B 77 22.10 -3.29 -0.72
N GLY B 78 22.94 -2.27 -0.58
CA GLY B 78 22.68 -1.03 -1.29
C GLY B 78 23.85 -0.09 -1.07
N LYS B 79 24.15 0.73 -2.07
CA LYS B 79 25.15 1.76 -1.91
C LYS B 79 24.59 2.86 -1.00
N ILE B 80 25.47 3.61 -0.32
CA ILE B 80 25.00 4.74 0.45
C ILE B 80 25.89 5.95 0.17
N GLU B 81 25.24 7.03 -0.28
CA GLU B 81 25.88 8.30 -0.58
C GLU B 81 25.27 9.45 0.24
N SER B 82 24.05 9.30 0.79
CA SER B 82 23.43 10.45 1.43
C SER B 82 22.65 10.02 2.67
N TYR B 83 22.03 10.99 3.34
CA TYR B 83 21.27 10.70 4.55
C TYR B 83 19.91 10.07 4.20
N THR B 84 19.55 10.05 2.91
CA THR B 84 18.18 9.66 2.57
C THR B 84 18.11 8.69 1.38
N ASP B 85 19.27 8.28 0.83
CA ASP B 85 19.28 7.56 -0.44
C ASP B 85 19.11 6.04 -0.21
N PHE B 86 19.54 5.55 0.94
CA PHE B 86 19.63 4.11 1.14
C PHE B 86 18.27 3.45 0.93
N GLN B 87 17.21 4.09 1.44
CA GLN B 87 15.85 3.55 1.35
C GLN B 87 15.49 3.27 -0.12
N HIS B 88 16.16 3.96 -1.05
CA HIS B 88 15.83 3.82 -2.47
C HIS B 88 16.76 2.84 -3.19
N THR B 89 17.94 2.56 -2.60
CA THR B 89 18.97 1.82 -3.33
C THR B 89 18.93 0.35 -2.90
N VAL B 90 18.42 0.12 -1.70
CA VAL B 90 18.51 -1.19 -1.08
C VAL B 90 17.72 -2.21 -1.90
N ARG B 91 18.26 -3.44 -1.95
CA ARG B 91 17.73 -4.57 -2.69
C ARG B 91 17.34 -5.65 -1.70
N TYR B 92 16.16 -6.24 -1.92
CA TYR B 92 15.69 -7.36 -1.13
C TYR B 92 14.88 -8.33 -2.02
N THR B 93 13.63 -7.97 -2.31
CA THR B 93 12.70 -8.75 -3.11
C THR B 93 13.03 -8.55 -4.61
N CYS B 94 12.91 -9.62 -5.40
CA CYS B 94 13.18 -9.56 -6.83
C CYS B 94 12.23 -8.57 -7.53
N GLU B 95 12.78 -7.79 -8.48
CA GLU B 95 12.03 -6.93 -9.38
C GLU B 95 12.68 -6.98 -10.76
N GLN B 96 12.12 -6.26 -11.72
CA GLN B 96 12.83 -6.10 -12.99
C GLN B 96 12.48 -4.75 -13.58
N ASN B 97 13.50 -3.91 -13.76
CA ASN B 97 13.36 -2.51 -14.15
C ASN B 97 14.74 -2.10 -14.64
N GLU B 98 14.82 -0.88 -15.18
CA GLU B 98 15.98 -0.25 -15.81
C GLU B 98 17.22 -0.34 -14.92
N GLY B 99 17.03 -0.33 -13.58
CA GLY B 99 18.11 -0.34 -12.60
C GLY B 99 18.74 -1.71 -12.38
N MET B 100 18.16 -2.76 -12.96
CA MET B 100 18.75 -4.09 -12.91
C MET B 100 18.99 -4.56 -14.34
N LYS B 101 20.26 -4.94 -14.65
CA LYS B 101 20.57 -5.51 -15.95
C LYS B 101 19.90 -6.88 -16.04
N GLY B 102 20.06 -7.68 -14.99
CA GLY B 102 19.62 -9.06 -15.00
C GLY B 102 20.14 -9.81 -13.78
N TYR B 103 19.63 -11.02 -13.59
CA TYR B 103 20.11 -11.91 -12.55
C TYR B 103 19.58 -13.29 -12.85
N GLY B 104 20.12 -14.29 -12.15
CA GLY B 104 19.63 -15.64 -12.25
C GLY B 104 20.72 -16.68 -11.98
N TRP B 105 20.37 -17.94 -12.19
CA TRP B 105 21.23 -19.02 -11.73
C TRP B 105 22.07 -19.48 -12.91
N ASP B 106 23.40 -19.44 -12.78
CA ASP B 106 24.27 -19.89 -13.86
C ASP B 106 24.18 -21.40 -13.88
N GLU B 107 23.93 -21.96 -12.69
CA GLU B 107 23.84 -23.40 -12.56
C GLU B 107 23.14 -23.68 -11.23
N TYR B 108 22.45 -24.81 -11.16
CA TYR B 108 21.74 -25.12 -9.96
C TYR B 108 21.21 -26.55 -10.05
N ASP B 109 21.24 -27.18 -8.88
CA ASP B 109 20.62 -28.44 -8.62
C ASP B 109 20.22 -28.36 -7.16
N PRO B 110 18.93 -28.58 -6.84
CA PRO B 110 18.43 -28.39 -5.48
C PRO B 110 19.10 -29.32 -4.46
N ARG B 111 19.72 -30.40 -4.93
CA ARG B 111 20.33 -31.36 -4.01
C ARG B 111 21.74 -30.92 -3.64
N ARG B 112 22.40 -30.17 -4.52
CA ARG B 112 23.80 -29.92 -4.40
C ARG B 112 24.03 -28.42 -4.19
N GLY B 113 23.21 -27.61 -4.86
CA GLY B 113 23.36 -26.17 -4.79
C GLY B 113 23.62 -25.56 -6.16
N GLY B 114 24.22 -24.38 -6.17
CA GLY B 114 24.40 -23.68 -7.41
C GLY B 114 25.03 -22.33 -7.14
N ILE B 115 24.99 -21.48 -8.16
CA ILE B 115 25.69 -20.21 -8.19
C ILE B 115 24.77 -19.25 -8.93
N GLN B 116 24.48 -18.10 -8.31
CA GLN B 116 23.61 -17.09 -8.89
C GLN B 116 24.45 -15.87 -9.25
N SER B 117 24.06 -15.18 -10.33
CA SER B 117 24.73 -13.96 -10.74
C SER B 117 23.71 -12.81 -10.75
N ILE B 118 24.06 -11.67 -10.15
CA ILE B 118 23.19 -10.51 -10.09
C ILE B 118 23.96 -9.32 -10.67
N HIS B 119 23.34 -8.63 -11.63
CA HIS B 119 23.93 -7.47 -12.24
C HIS B 119 23.06 -6.25 -11.98
N ASP B 120 23.46 -5.46 -10.98
CA ASP B 120 22.67 -4.37 -10.44
C ASP B 120 23.22 -3.05 -10.99
N ILE B 121 22.46 -2.38 -11.87
CA ILE B 121 22.98 -1.16 -12.45
C ILE B 121 22.98 -0.08 -11.37
N GLN B 122 21.85 0.03 -10.66
CA GLN B 122 21.67 1.17 -9.76
C GLN B 122 22.81 1.21 -8.73
N ASN B 123 23.17 0.05 -8.17
CA ASN B 123 24.16 -0.04 -7.12
C ASN B 123 25.56 -0.32 -7.69
N GLY B 124 25.66 -0.38 -9.03
CA GLY B 124 26.95 -0.45 -9.69
C GLY B 124 27.76 -1.67 -9.28
N LEU B 125 27.08 -2.80 -9.05
CA LEU B 125 27.68 -4.01 -8.52
C LEU B 125 27.26 -5.21 -9.36
N ASP B 126 28.19 -6.15 -9.54
CA ASP B 126 27.94 -7.50 -10.02
C ASP B 126 28.21 -8.43 -8.85
N ILE B 127 27.20 -9.21 -8.47
CA ILE B 127 27.29 -10.04 -7.29
C ILE B 127 27.16 -11.51 -7.67
N THR B 128 27.77 -12.33 -6.84
CA THR B 128 27.68 -13.76 -7.01
C THR B 128 27.25 -14.35 -5.66
N THR B 129 26.27 -15.24 -5.69
CA THR B 129 25.92 -15.91 -4.45
C THR B 129 26.15 -17.40 -4.70
N SER B 130 27.14 -18.00 -4.06
CA SER B 130 27.37 -19.42 -4.18
C SER B 130 26.65 -20.14 -3.05
N PHE B 131 25.96 -21.22 -3.40
CA PHE B 131 25.28 -22.00 -2.37
C PHE B 131 25.67 -23.47 -2.54
N VAL B 132 26.03 -24.13 -1.43
CA VAL B 132 26.34 -25.56 -1.50
C VAL B 132 25.73 -26.22 -0.26
N LYS B 133 25.24 -27.46 -0.46
CA LYS B 133 24.75 -28.33 0.59
C LYS B 133 25.76 -29.45 0.87
N ILE B 134 25.84 -29.86 2.14
CA ILE B 134 26.82 -30.82 2.62
C ILE B 134 26.09 -31.79 3.53
N PRO B 135 25.83 -33.03 3.06
CA PRO B 135 25.03 -33.99 3.84
C PRO B 135 25.82 -34.45 5.05
N GLY B 136 25.09 -34.92 6.06
CA GLY B 136 25.66 -35.08 7.38
C GLY B 136 24.61 -34.97 8.48
N GLY B 137 24.53 -36.01 9.30
CA GLY B 137 23.69 -36.01 10.47
C GLY B 137 22.23 -36.29 10.11
N ALA B 138 21.35 -35.87 11.03
CA ALA B 138 19.99 -36.37 11.10
C ALA B 138 18.98 -35.27 10.77
N HIS B 139 19.42 -34.07 10.40
CA HIS B 139 18.53 -32.92 10.36
C HIS B 139 18.61 -32.18 9.03
N GLY B 140 19.04 -32.88 7.98
CA GLY B 140 19.00 -32.34 6.63
C GLY B 140 20.33 -31.74 6.19
N GLY B 141 21.37 -32.04 6.98
CA GLY B 141 22.75 -31.71 6.64
C GLY B 141 23.06 -30.23 6.87
N SER B 142 24.14 -29.76 6.21
CA SER B 142 24.72 -28.45 6.42
C SER B 142 24.73 -27.70 5.09
N TRP B 143 25.03 -26.39 5.14
CA TRP B 143 25.09 -25.58 3.92
C TRP B 143 26.03 -24.38 4.13
N ALA B 144 26.51 -23.82 3.03
CA ALA B 144 27.41 -22.69 3.06
C ALA B 144 27.05 -21.79 1.89
N ALA B 145 27.40 -20.51 1.98
CA ALA B 145 27.19 -19.61 0.86
C ALA B 145 28.30 -18.59 0.89
N ARG B 146 28.73 -18.16 -0.29
CA ARG B 146 29.69 -17.08 -0.41
C ARG B 146 28.99 -15.97 -1.17
N ILE B 147 29.07 -14.75 -0.60
CA ILE B 147 28.56 -13.56 -1.22
C ILE B 147 29.72 -12.70 -1.71
N LYS B 148 29.75 -12.41 -3.00
CA LYS B 148 30.87 -11.68 -3.57
C LYS B 148 30.37 -10.52 -4.44
N GLY B 149 30.74 -9.30 -4.03
CA GLY B 149 30.46 -8.09 -4.79
C GLY B 149 31.70 -7.46 -5.43
N THR B 150 31.54 -6.98 -6.66
CA THR B 150 32.60 -6.43 -7.49
C THR B 150 31.99 -5.25 -8.23
N LEU B 151 32.49 -4.03 -7.96
CA LEU B 151 31.95 -2.83 -8.56
C LEU B 151 32.21 -2.90 -10.05
N ASN B 152 31.22 -2.51 -10.87
CA ASN B 152 31.39 -2.36 -12.31
C ASN B 152 32.26 -1.14 -12.59
N ASP B 153 32.57 -0.88 -13.86
CA ASP B 153 33.59 0.09 -14.25
C ASP B 153 33.11 1.53 -14.01
N ASP B 154 31.78 1.73 -14.00
CA ASP B 154 31.10 3.02 -13.87
C ASP B 154 30.96 3.46 -12.42
N ALA B 155 31.14 2.53 -11.47
CA ALA B 155 30.89 2.86 -10.08
C ALA B 155 32.11 3.58 -9.53
N PRO B 156 31.93 4.55 -8.63
CA PRO B 156 33.07 5.17 -7.96
C PRO B 156 33.84 4.10 -7.17
N LYS B 157 35.18 4.09 -7.30
CA LYS B 157 36.01 2.98 -6.83
C LYS B 157 35.97 2.88 -5.30
N ASP B 158 35.53 3.97 -4.65
CA ASP B 158 35.46 4.07 -3.20
C ASP B 158 34.00 4.03 -2.73
N GLN B 159 33.07 3.58 -3.58
CA GLN B 159 31.68 3.45 -3.17
C GLN B 159 31.56 2.63 -1.89
N LYS B 160 30.68 3.10 -1.00
CA LYS B 160 30.33 2.44 0.24
C LYS B 160 29.04 1.65 0.02
N THR B 161 29.09 0.34 0.30
CA THR B 161 27.94 -0.54 0.13
C THR B 161 27.58 -1.12 1.48
N ILE B 162 26.32 -0.97 1.87
CA ILE B 162 25.81 -1.64 3.05
C ILE B 162 25.35 -3.02 2.60
N VAL B 163 25.76 -4.02 3.37
CA VAL B 163 25.29 -5.38 3.17
C VAL B 163 24.69 -5.86 4.48
N VAL B 164 23.46 -6.38 4.43
CA VAL B 164 22.81 -6.99 5.58
C VAL B 164 22.56 -8.48 5.29
N PHE B 165 22.87 -9.29 6.31
CA PHE B 165 22.41 -10.65 6.37
C PHE B 165 21.43 -10.74 7.54
N TYR B 166 20.18 -11.04 7.21
CA TYR B 166 19.03 -11.08 8.11
C TYR B 166 18.66 -12.54 8.37
N VAL B 167 18.50 -12.89 9.66
CA VAL B 167 18.21 -14.26 10.04
C VAL B 167 16.99 -14.23 10.97
N SER B 168 16.00 -15.09 10.70
CA SER B 168 14.85 -15.12 11.59
C SER B 168 14.54 -16.58 11.95
N GLN B 169 13.90 -16.83 13.10
CA GLN B 169 13.48 -18.17 13.49
C GLN B 169 12.09 -18.14 14.11
N GLU B 170 11.15 -18.81 13.43
CA GLU B 170 9.80 -19.00 13.94
C GLU B 170 9.71 -20.39 14.56
N GLY B 171 8.80 -20.55 15.51
CA GLY B 171 8.45 -21.88 16.00
C GLY B 171 8.63 -22.01 17.50
N GLU B 172 7.73 -22.79 18.12
CA GLU B 172 7.75 -23.11 19.55
C GLU B 172 9.03 -23.87 19.92
N ASN B 173 9.53 -23.60 21.13
CA ASN B 173 10.57 -24.40 21.75
C ASN B 173 11.83 -24.37 20.86
N SER B 174 12.39 -23.16 20.69
CA SER B 174 13.54 -22.95 19.80
C SER B 174 14.32 -21.69 20.17
N GLU B 175 15.66 -21.77 20.09
CA GLU B 175 16.52 -20.69 20.57
C GLU B 175 17.40 -20.21 19.42
N LEU B 176 17.80 -18.96 19.52
CA LEU B 176 18.85 -18.48 18.63
C LEU B 176 19.53 -17.30 19.33
N GLU B 177 20.86 -17.33 19.32
CA GLU B 177 21.62 -16.37 20.10
C GLU B 177 22.90 -16.05 19.34
N ALA B 178 23.25 -14.75 19.30
CA ALA B 178 24.52 -14.28 18.78
C ALA B 178 25.55 -14.25 19.90
N VAL B 179 26.71 -14.85 19.63
CA VAL B 179 27.77 -14.87 20.61
C VAL B 179 28.33 -13.46 20.69
N PRO B 180 28.42 -12.81 21.88
CA PRO B 180 28.93 -11.45 21.98
C PRO B 180 30.32 -11.30 21.35
N SER B 181 30.55 -10.12 20.81
CA SER B 181 31.86 -9.64 20.42
C SER B 181 32.82 -9.62 21.61
N GLU B 182 34.13 -9.66 21.32
CA GLU B 182 35.16 -9.34 22.30
C GLU B 182 35.37 -7.83 22.35
N ASN B 183 35.15 -7.13 21.24
CA ASN B 183 35.39 -5.69 21.10
C ASN B 183 34.16 -4.87 21.46
N GLU B 184 34.35 -3.55 21.62
CA GLU B 184 33.38 -2.72 22.31
C GLU B 184 32.16 -2.46 21.40
N PHE B 185 32.43 -2.04 20.17
CA PHE B 185 31.38 -1.44 19.35
C PHE B 185 30.90 -2.42 18.28
N GLY B 186 31.36 -3.68 18.32
CA GLY B 186 31.07 -4.63 17.25
C GLY B 186 32.22 -5.60 16.99
N TYR B 187 32.23 -6.22 15.80
CA TYR B 187 33.01 -7.44 15.59
C TYR B 187 34.16 -7.18 14.63
N GLU B 188 35.35 -7.62 15.08
CA GLU B 188 36.55 -7.66 14.26
C GLU B 188 36.50 -8.89 13.37
N GLY B 189 35.91 -9.97 13.90
CA GLY B 189 36.01 -11.27 13.27
C GLY B 189 34.67 -11.75 12.71
N ASP B 190 34.41 -13.03 12.97
CA ASP B 190 33.24 -13.76 12.52
C ASP B 190 32.10 -13.44 13.48
N VAL B 191 30.88 -13.52 12.99
CA VAL B 191 29.72 -13.45 13.86
C VAL B 191 29.20 -14.87 13.95
N ILE B 192 28.90 -15.30 15.16
CA ILE B 192 28.49 -16.66 15.40
C ILE B 192 27.12 -16.67 16.06
N LEU B 193 26.16 -17.34 15.40
CA LEU B 193 24.85 -17.57 16.00
C LEU B 193 24.77 -19.06 16.37
N LYS B 194 24.19 -19.35 17.54
CA LYS B 194 23.98 -20.70 18.03
C LYS B 194 22.50 -20.93 18.30
N GLY B 195 21.98 -22.01 17.74
CA GLY B 195 20.53 -22.16 17.76
C GLY B 195 20.15 -23.62 17.92
N ARG B 196 18.85 -23.84 18.07
CA ARG B 196 18.32 -25.13 18.46
C ARG B 196 16.82 -25.09 18.19
N SER B 197 16.34 -26.09 17.44
CA SER B 197 14.91 -26.35 17.35
C SER B 197 14.71 -27.85 17.33
N GLU B 198 13.46 -28.28 17.55
CA GLU B 198 13.06 -29.66 17.34
C GLU B 198 13.48 -30.08 15.93
N ALA B 199 13.14 -29.25 14.93
CA ALA B 199 13.33 -29.60 13.54
C ALA B 199 14.81 -29.69 13.21
N LEU B 200 15.60 -28.68 13.61
CA LEU B 200 16.99 -28.63 13.19
C LEU B 200 17.97 -29.19 14.23
N GLY B 201 17.51 -29.51 15.44
CA GLY B 201 18.44 -29.85 16.53
C GLY B 201 19.31 -28.64 16.89
N ASN B 202 20.55 -28.89 17.32
CA ASN B 202 21.55 -27.85 17.51
C ASN B 202 22.23 -27.53 16.19
N TYR B 203 22.59 -26.25 16.03
CA TYR B 203 23.30 -25.86 14.83
C TYR B 203 24.05 -24.57 15.16
N LYS B 204 24.93 -24.21 14.24
CA LYS B 204 25.76 -23.03 14.37
C LYS B 204 25.65 -22.33 13.03
N LEU B 205 25.49 -20.99 13.05
CA LEU B 205 25.46 -20.19 11.83
C LEU B 205 26.45 -19.04 11.94
N VAL B 206 27.41 -19.03 11.02
CA VAL B 206 28.51 -18.10 11.08
C VAL B 206 28.44 -17.15 9.90
N VAL B 207 28.60 -15.86 10.17
CA VAL B 207 28.87 -14.92 9.09
C VAL B 207 30.33 -14.49 9.23
N THR B 208 31.15 -14.85 8.24
CA THR B 208 32.59 -14.67 8.42
C THR B 208 32.94 -13.21 8.22
N LYS B 209 34.16 -12.87 8.66
CA LYS B 209 34.68 -11.51 8.66
C LYS B 209 34.63 -10.99 7.23
N GLY B 210 35.13 -11.82 6.32
CA GLY B 210 35.15 -11.52 4.89
C GLY B 210 36.38 -10.71 4.50
N LYS B 211 36.44 -10.32 3.24
CA LYS B 211 37.57 -9.66 2.66
C LYS B 211 36.99 -8.39 2.05
N GLY B 212 37.70 -7.28 2.24
CA GLY B 212 37.33 -5.98 1.70
C GLY B 212 37.60 -4.87 2.72
N VAL B 213 37.76 -3.66 2.20
CA VAL B 213 38.06 -2.49 3.00
C VAL B 213 36.81 -2.05 3.74
N ILE B 214 36.96 -1.93 5.08
CA ILE B 214 35.94 -1.34 5.92
C ILE B 214 36.27 0.12 6.16
N PRO B 215 35.41 1.10 5.77
CA PRO B 215 35.69 2.52 5.99
C PRO B 215 35.68 2.88 7.47
N GLN B 216 36.49 3.89 7.81
CA GLN B 216 36.67 4.25 9.20
C GLN B 216 36.28 5.71 9.36
N SER B 217 35.55 5.99 10.43
CA SER B 217 35.20 7.37 10.75
C SER B 217 36.08 7.89 11.90
N ASP B 218 36.55 9.12 11.73
CA ASP B 218 37.16 9.85 12.83
C ASP B 218 36.22 10.95 13.32
N HIS B 219 34.92 10.83 13.02
CA HIS B 219 33.93 11.76 13.55
C HIS B 219 33.77 11.48 15.04
N ASP B 220 33.35 12.51 15.78
CA ASP B 220 33.04 12.40 17.19
C ASP B 220 32.05 11.26 17.47
N LEU B 221 31.10 11.01 16.56
CA LEU B 221 30.16 9.91 16.69
C LEU B 221 30.86 8.57 16.95
N SER B 222 32.09 8.43 16.44
CA SER B 222 32.85 7.20 16.62
C SER B 222 32.95 6.85 18.10
N ARG B 223 32.92 7.88 18.96
CA ARG B 223 33.18 7.69 20.38
C ARG B 223 32.07 6.81 20.95
N LEU B 224 30.93 6.90 20.28
CA LEU B 224 29.72 6.25 20.76
C LEU B 224 29.43 5.00 19.91
N ARG B 225 29.77 5.04 18.62
CA ARG B 225 29.32 4.01 17.67
C ARG B 225 30.49 3.22 17.10
N GLY B 226 31.73 3.51 17.56
CA GLY B 226 32.92 2.87 17.05
C GLY B 226 33.37 3.47 15.73
N PRO B 227 34.62 3.21 15.26
CA PRO B 227 35.11 3.85 14.05
C PRO B 227 34.50 3.27 12.76
N GLY B 228 33.79 2.16 12.92
CA GLY B 228 33.18 1.44 11.80
C GLY B 228 33.59 -0.02 11.83
N GLN B 229 32.60 -0.91 11.90
CA GLN B 229 32.83 -2.32 12.10
C GLN B 229 31.55 -3.11 11.84
N THR B 230 31.70 -4.44 11.81
CA THR B 230 30.57 -5.34 11.74
C THR B 230 29.75 -5.25 13.02
N VAL B 231 28.42 -5.25 12.87
CA VAL B 231 27.57 -5.19 14.06
C VAL B 231 26.45 -6.22 13.95
N VAL B 232 25.91 -6.64 15.09
CA VAL B 232 24.74 -7.48 15.10
C VAL B 232 23.66 -6.81 15.97
N GLN B 233 22.41 -6.83 15.51
CA GLN B 233 21.30 -6.63 16.46
C GLN B 233 20.47 -7.90 16.59
N SER B 234 20.27 -8.32 17.85
CA SER B 234 19.41 -9.43 18.19
C SER B 234 18.12 -8.92 18.80
N LEU B 235 16.99 -9.34 18.21
CA LEU B 235 15.73 -8.67 18.45
C LEU B 235 14.67 -9.74 18.60
N THR B 236 13.54 -9.38 19.18
CA THR B 236 12.40 -10.26 19.28
C THR B 236 11.22 -9.50 18.70
N TYR B 237 10.59 -10.07 17.67
CA TYR B 237 9.42 -9.52 17.02
C TYR B 237 8.31 -10.57 17.10
N PRO B 238 7.05 -10.19 16.77
CA PRO B 238 5.95 -11.15 16.69
C PRO B 238 6.12 -12.03 15.45
N ASP B 239 5.69 -13.29 15.55
CA ASP B 239 5.81 -14.27 14.48
C ASP B 239 5.23 -13.79 13.16
N GLU B 240 4.16 -12.99 13.17
CA GLU B 240 3.48 -12.66 11.91
C GLU B 240 4.30 -11.65 11.11
N VAL B 241 5.31 -11.06 11.73
CA VAL B 241 6.03 -10.01 11.00
C VAL B 241 7.47 -10.44 10.71
N LEU B 242 7.83 -11.72 10.99
CA LEU B 242 9.20 -12.19 10.77
C LEU B 242 9.65 -11.99 9.32
N TRP B 243 8.72 -12.11 8.38
CA TRP B 243 9.05 -12.07 6.96
C TRP B 243 9.28 -10.63 6.51
N GLN B 244 8.74 -9.66 7.26
CA GLN B 244 8.80 -8.26 6.83
C GLN B 244 10.21 -7.71 7.09
N ALA B 245 11.21 -8.27 6.40
CA ALA B 245 12.61 -8.03 6.73
C ALA B 245 13.02 -6.58 6.46
N LYS B 246 12.70 -6.06 5.27
CA LYS B 246 13.09 -4.70 4.92
C LYS B 246 12.46 -3.73 5.93
N PRO B 247 11.14 -3.78 6.15
CA PRO B 247 10.56 -2.86 7.14
C PRO B 247 11.22 -2.99 8.50
N ILE B 248 11.65 -4.22 8.86
CA ILE B 248 12.26 -4.40 10.17
C ILE B 248 13.60 -3.70 10.20
N LEU B 249 14.39 -3.80 9.12
CA LEU B 249 15.68 -3.15 9.13
C LEU B 249 15.49 -1.63 9.13
N PHE B 250 14.53 -1.12 8.34
CA PHE B 250 14.34 0.32 8.31
C PHE B 250 13.88 0.88 9.66
N GLN B 251 13.17 0.05 10.43
CA GLN B 251 12.69 0.45 11.74
C GLN B 251 13.90 0.59 12.66
N GLN B 252 14.87 -0.32 12.47
CA GLN B 252 16.06 -0.35 13.29
C GLN B 252 16.95 0.82 12.87
N LEU B 253 16.98 1.15 11.58
CA LEU B 253 17.83 2.24 11.11
C LEU B 253 17.26 3.58 11.57
N LYS B 254 15.92 3.74 11.53
CA LYS B 254 15.21 4.92 12.03
C LYS B 254 15.46 5.07 13.52
N ALA B 255 15.34 3.97 14.28
CA ALA B 255 15.62 4.06 15.70
C ALA B 255 17.02 4.62 15.92
N GLY B 256 18.02 4.05 15.23
CA GLY B 256 19.43 4.39 15.38
C GLY B 256 19.69 5.86 15.04
N ILE B 257 18.77 6.45 14.29
CA ILE B 257 18.94 7.82 13.87
C ILE B 257 18.28 8.77 14.87
N ASP B 258 17.11 8.38 15.40
CA ASP B 258 16.42 9.16 16.42
C ASP B 258 17.30 9.27 17.67
N TRP B 259 18.15 8.26 17.86
CA TRP B 259 18.99 8.09 19.03
C TRP B 259 20.02 9.22 19.07
N LEU B 260 20.34 9.77 17.90
CA LEU B 260 21.38 10.77 17.78
C LEU B 260 20.96 12.04 18.53
N VAL B 261 19.66 12.35 18.54
CA VAL B 261 19.24 13.65 19.06
C VAL B 261 19.08 13.57 20.57
N GLU B 262 19.33 12.40 21.16
CA GLU B 262 19.21 12.19 22.60
C GLU B 262 20.60 11.90 23.21
N ASN B 263 21.66 12.08 22.42
CA ASN B 263 22.95 11.62 22.86
C ASN B 263 24.04 12.63 22.52
N LYS B 264 25.03 12.73 23.43
CA LYS B 264 26.10 13.71 23.44
C LYS B 264 27.24 13.27 22.51
N TYR B 265 27.34 13.95 21.36
CA TYR B 265 28.50 13.99 20.50
C TYR B 265 28.41 15.31 19.73
N ASP B 266 29.50 15.73 19.07
CA ASP B 266 29.63 17.02 18.41
C ASP B 266 28.98 16.95 17.03
N VAL B 267 28.07 17.90 16.74
CA VAL B 267 27.24 17.77 15.56
C VAL B 267 27.50 18.94 14.64
N ALA B 268 28.68 19.55 14.79
CA ALA B 268 29.03 20.70 13.96
C ALA B 268 29.43 20.21 12.56
N ASP B 269 30.03 19.00 12.51
CA ASP B 269 30.44 18.44 11.22
C ASP B 269 29.52 17.29 10.81
N PRO B 270 29.14 17.21 9.51
CA PRO B 270 28.33 16.11 8.99
C PRO B 270 29.05 14.78 9.25
N PRO B 271 28.40 13.78 9.88
CA PRO B 271 29.01 12.45 9.99
C PRO B 271 28.88 11.75 8.64
N PRO B 272 29.67 10.69 8.35
CA PRO B 272 29.53 9.94 7.10
C PRO B 272 28.15 9.28 7.03
N PRO B 273 27.43 9.32 5.89
CA PRO B 273 26.15 8.62 5.79
C PRO B 273 26.24 7.16 6.21
N TRP B 274 27.31 6.49 5.80
CA TRP B 274 27.39 5.08 6.16
C TRP B 274 27.38 4.89 7.67
N GLN B 275 27.95 5.82 8.44
CA GLN B 275 28.07 5.59 9.86
C GLN B 275 26.72 5.87 10.52
N VAL B 276 25.99 6.83 9.96
CA VAL B 276 24.71 7.20 10.52
C VAL B 276 23.72 6.06 10.26
N TYR B 277 23.97 5.27 9.19
CA TYR B 277 23.19 4.07 8.89
C TYR B 277 23.85 2.79 9.39
N LEU B 278 24.83 2.89 10.30
CA LEU B 278 25.40 1.67 10.82
C LEU B 278 24.77 1.42 12.19
N LEU B 279 24.11 0.28 12.36
CA LEU B 279 23.34 0.00 13.56
C LEU B 279 24.26 -0.16 14.77
N ALA B 280 23.76 0.25 15.95
CA ALA B 280 24.42 -0.01 17.21
C ALA B 280 24.44 -1.50 17.43
N ASN B 281 25.62 -2.00 17.83
CA ASN B 281 25.83 -3.40 18.10
C ASN B 281 25.05 -3.79 19.36
N LYS B 282 24.14 -4.77 19.25
CA LYS B 282 23.37 -5.27 20.39
C LYS B 282 23.07 -6.76 20.21
N PRO B 283 24.10 -7.61 20.30
CA PRO B 283 23.90 -9.06 20.19
C PRO B 283 23.29 -9.63 21.46
N GLY B 284 22.65 -10.79 21.31
CA GLY B 284 22.07 -11.58 22.37
C GLY B 284 21.04 -12.56 21.80
N SER B 285 20.06 -12.85 22.65
CA SER B 285 19.06 -13.83 22.29
C SER B 285 17.98 -13.11 21.51
N GLY B 286 17.38 -13.79 20.51
CA GLY B 286 16.16 -13.37 19.85
C GLY B 286 15.75 -14.26 18.67
N ASN B 287 14.70 -13.84 17.93
CA ASN B 287 14.12 -14.56 16.82
C ASN B 287 14.36 -13.77 15.53
N VAL B 288 15.04 -12.62 15.67
CA VAL B 288 15.55 -11.85 14.56
C VAL B 288 16.98 -11.49 14.92
N HIS B 289 17.89 -11.69 13.96
CA HIS B 289 19.25 -11.19 14.06
C HIS B 289 19.63 -10.51 12.76
N ILE B 290 20.08 -9.25 12.88
CA ILE B 290 20.49 -8.46 11.74
C ILE B 290 22.00 -8.31 11.81
N VAL B 291 22.71 -8.84 10.81
CA VAL B 291 24.15 -8.74 10.76
C VAL B 291 24.50 -7.75 9.66
N GLN B 292 25.22 -6.68 10.03
CA GLN B 292 25.42 -5.61 9.07
C GLN B 292 26.92 -5.37 8.88
N LYS B 293 27.32 -5.09 7.63
CA LYS B 293 28.70 -4.77 7.28
C LYS B 293 28.66 -3.57 6.36
N VAL B 294 29.73 -2.76 6.40
CA VAL B 294 29.89 -1.72 5.41
C VAL B 294 31.22 -1.97 4.71
N PHE B 295 31.19 -1.86 3.38
CA PHE B 295 32.40 -2.11 2.62
C PHE B 295 32.66 -0.91 1.75
N GLU B 296 33.95 -0.69 1.47
CA GLU B 296 34.37 0.32 0.51
C GLU B 296 35.06 -0.46 -0.61
N GLY B 297 34.60 -0.28 -1.85
CA GLY B 297 35.02 -1.10 -2.99
C GLY B 297 34.52 -2.55 -2.93
N ASP B 298 35.30 -3.47 -3.50
CA ASP B 298 34.94 -4.88 -3.65
C ASP B 298 34.84 -5.52 -2.28
N PHE B 299 34.04 -6.60 -2.16
CA PHE B 299 33.94 -7.32 -0.89
C PHE B 299 33.53 -8.76 -1.15
N GLU B 300 33.77 -9.62 -0.15
CA GLU B 300 33.11 -10.91 -0.09
C GLU B 300 33.07 -11.32 1.37
N PHE B 301 32.07 -12.15 1.73
CA PHE B 301 32.06 -12.87 2.98
C PHE B 301 31.36 -14.20 2.78
N ASP B 302 31.42 -15.08 3.78
CA ASP B 302 30.74 -16.36 3.71
C ASP B 302 29.73 -16.49 4.84
N ILE B 303 28.72 -17.33 4.60
CA ILE B 303 27.79 -17.82 5.59
C ILE B 303 28.00 -19.33 5.68
N LEU B 304 28.16 -19.82 6.90
CA LEU B 304 28.50 -21.21 7.13
C LEU B 304 27.48 -21.79 8.09
N PHE B 305 26.67 -22.74 7.62
CA PHE B 305 25.68 -23.34 8.51
C PHE B 305 26.11 -24.77 8.77
N SER B 306 26.30 -25.13 10.06
CA SER B 306 26.78 -26.44 10.46
C SER B 306 25.73 -27.12 11.33
N SER B 307 25.14 -28.19 10.80
CA SER B 307 24.24 -29.03 11.55
C SER B 307 25.10 -29.71 12.62
N GLU B 308 24.67 -29.67 13.89
CA GLU B 308 25.52 -30.27 14.91
C GLU B 308 25.66 -31.78 14.73
N SER B 309 24.55 -32.44 14.35
CA SER B 309 24.47 -33.90 14.24
C SER B 309 25.39 -34.44 13.13
N ALA B 310 25.91 -33.56 12.26
CA ALA B 310 26.80 -33.94 11.19
C ALA B 310 28.21 -34.23 11.74
N GLY B 311 28.47 -33.77 12.97
CA GLY B 311 29.67 -34.11 13.73
C GLY B 311 30.92 -33.38 13.22
N LYS B 312 30.71 -32.34 12.40
CA LYS B 312 31.74 -31.66 11.66
C LYS B 312 31.24 -30.25 11.33
N GLU B 313 32.08 -29.27 11.62
CA GLU B 313 31.79 -27.87 11.38
C GLU B 313 32.19 -27.54 9.94
N VAL B 314 31.30 -26.86 9.19
CA VAL B 314 31.61 -26.49 7.81
C VAL B 314 32.60 -25.34 7.85
N THR B 315 33.60 -25.39 6.96
CA THR B 315 34.57 -24.31 6.88
C THR B 315 34.46 -23.59 5.55
N SER B 316 35.04 -22.38 5.51
CA SER B 316 35.27 -21.74 4.24
C SER B 316 35.94 -22.67 3.21
N LYS B 317 36.90 -23.50 3.65
CA LYS B 317 37.68 -24.34 2.75
C LYS B 317 36.75 -25.43 2.21
N ASP B 318 35.89 -25.97 3.08
CA ASP B 318 34.82 -26.87 2.69
C ASP B 318 33.91 -26.23 1.64
N LEU B 319 33.51 -24.96 1.86
CA LEU B 319 32.65 -24.27 0.91
C LEU B 319 33.33 -24.21 -0.46
N GLU B 320 34.61 -23.82 -0.50
CA GLU B 320 35.25 -23.59 -1.80
C GLU B 320 35.36 -24.91 -2.55
N ARG B 321 35.64 -26.00 -1.83
CA ARG B 321 35.89 -27.28 -2.46
C ARG B 321 34.57 -27.86 -2.98
N GLU B 322 33.46 -27.70 -2.21
CA GLU B 322 32.17 -28.28 -2.61
C GLU B 322 31.53 -27.47 -3.75
N VAL B 323 31.79 -26.17 -3.80
CA VAL B 323 31.31 -25.37 -4.92
C VAL B 323 31.96 -25.89 -6.21
N LYS B 324 33.29 -26.16 -6.19
CA LYS B 324 34.02 -26.61 -7.37
C LYS B 324 33.51 -27.99 -7.80
N GLN B 325 33.20 -28.85 -6.80
CA GLN B 325 32.73 -30.20 -7.07
C GLN B 325 31.32 -30.14 -7.69
N ALA B 326 30.41 -29.35 -7.11
CA ALA B 326 29.06 -29.27 -7.62
C ALA B 326 29.07 -28.78 -9.07
N THR B 327 29.91 -27.79 -9.38
CA THR B 327 30.03 -27.24 -10.74
C THR B 327 30.44 -28.33 -11.73
N GLU B 328 31.39 -29.19 -11.34
CA GLU B 328 31.89 -30.22 -12.24
C GLU B 328 30.79 -31.25 -12.49
N VAL B 329 30.13 -31.71 -11.42
CA VAL B 329 29.04 -32.68 -11.50
C VAL B 329 27.86 -32.14 -12.32
N PHE B 330 27.62 -30.83 -12.27
CA PHE B 330 26.48 -30.27 -12.98
C PHE B 330 26.72 -30.33 -14.47
N GLY B 331 27.96 -30.05 -14.89
CA GLY B 331 28.34 -30.08 -16.29
C GLY B 331 28.19 -31.49 -16.88
N GLU B 332 28.61 -32.49 -16.11
CA GLU B 332 28.54 -33.86 -16.58
C GLU B 332 27.07 -34.24 -16.72
N ARG B 333 26.26 -33.88 -15.71
CA ARG B 333 24.85 -34.25 -15.73
C ARG B 333 24.10 -33.59 -16.89
N PHE B 334 24.39 -32.31 -17.17
CA PHE B 334 23.70 -31.63 -18.24
C PHE B 334 23.99 -32.32 -19.56
N ALA B 335 25.26 -32.73 -19.77
CA ALA B 335 25.72 -33.36 -21.00
C ALA B 335 24.97 -34.66 -21.28
N ARG B 336 24.76 -35.49 -20.23
CA ARG B 336 23.96 -36.71 -20.30
C ARG B 336 22.46 -36.39 -20.49
N VAL B 337 21.91 -35.49 -19.69
CA VAL B 337 20.46 -35.39 -19.59
C VAL B 337 19.91 -34.56 -20.74
N PHE B 338 20.59 -33.44 -21.05
CA PHE B 338 20.17 -32.61 -22.17
C PHE B 338 21.27 -32.65 -23.25
N ASP B 339 21.38 -33.78 -23.98
CA ASP B 339 22.30 -33.93 -25.10
C ASP B 339 21.72 -33.13 -26.27
N LEU B 340 22.17 -31.90 -26.43
CA LEU B 340 21.53 -31.06 -27.43
C LEU B 340 21.80 -31.68 -28.80
N LYS B 341 20.77 -31.66 -29.67
CA LYS B 341 20.88 -32.27 -30.99
C LYS B 341 21.03 -31.18 -32.05
N ALA B 342 21.69 -31.53 -33.17
CA ALA B 342 21.88 -30.63 -34.29
C ALA B 342 20.56 -29.96 -34.63
N PRO B 343 20.54 -28.68 -35.03
CA PRO B 343 21.76 -27.88 -35.20
C PRO B 343 22.18 -27.03 -34.01
N PHE B 344 21.96 -27.54 -32.79
CA PHE B 344 22.18 -26.73 -31.60
C PHE B 344 23.24 -27.35 -30.71
N GLN B 345 24.26 -27.96 -31.30
CA GLN B 345 25.30 -28.60 -30.52
C GLN B 345 26.42 -27.61 -30.19
N GLY B 346 26.36 -26.40 -30.77
CA GLY B 346 27.26 -25.31 -30.48
C GLY B 346 27.36 -24.98 -28.98
N ASP B 347 28.54 -24.52 -28.56
CA ASP B 347 28.79 -24.08 -27.20
C ASP B 347 27.80 -22.98 -26.83
N ASN B 348 27.45 -22.12 -27.77
CA ASN B 348 26.54 -21.02 -27.50
C ASN B 348 25.17 -21.56 -27.06
N TYR B 349 24.79 -22.71 -27.64
CA TYR B 349 23.52 -23.34 -27.32
C TYR B 349 23.60 -24.05 -25.97
N LYS B 350 24.74 -24.68 -25.68
CA LYS B 350 24.94 -25.24 -24.34
C LYS B 350 24.78 -24.15 -23.27
N LYS B 351 25.34 -22.95 -23.51
CA LYS B 351 25.37 -21.91 -22.48
C LYS B 351 23.93 -21.41 -22.31
N PHE B 352 23.20 -21.39 -23.42
CA PHE B 352 21.81 -20.96 -23.45
C PHE B 352 20.95 -21.96 -22.67
N GLY B 353 21.20 -23.25 -22.90
CA GLY B 353 20.35 -24.28 -22.33
C GLY B 353 20.62 -24.42 -20.83
N LYS B 354 21.89 -24.22 -20.43
CA LYS B 354 22.24 -24.30 -19.03
C LYS B 354 21.56 -23.18 -18.24
N SER B 355 21.43 -22.03 -18.91
CA SER B 355 20.84 -20.87 -18.26
C SER B 355 19.33 -21.08 -18.17
N MET B 356 18.70 -21.50 -19.27
CA MET B 356 17.26 -21.70 -19.31
C MET B 356 16.84 -22.72 -18.26
N PHE B 357 17.60 -23.81 -18.17
CA PHE B 357 17.25 -24.90 -17.29
C PHE B 357 17.53 -24.50 -15.84
N SER B 358 18.71 -23.90 -15.61
CA SER B 358 19.11 -23.55 -14.25
C SER B 358 18.13 -22.56 -13.66
N ASN B 359 17.66 -21.62 -14.46
CA ASN B 359 16.66 -20.68 -13.94
C ASN B 359 15.36 -21.41 -13.62
N LEU B 360 14.98 -22.40 -14.44
CA LEU B 360 13.73 -23.10 -14.21
C LEU B 360 13.80 -23.82 -12.87
N ILE B 361 14.84 -24.63 -12.68
CA ILE B 361 14.87 -25.51 -11.53
C ILE B 361 15.29 -24.68 -10.31
N GLY B 362 15.95 -23.55 -10.56
CA GLY B 362 16.39 -22.72 -9.46
C GLY B 362 15.25 -21.88 -8.89
N GLY B 363 14.14 -21.78 -9.63
CA GLY B 363 12.95 -21.08 -9.16
C GLY B 363 12.21 -21.84 -8.03
N ILE B 364 12.67 -23.06 -7.69
CA ILE B 364 11.92 -23.90 -6.77
C ILE B 364 11.75 -23.18 -5.41
N GLY B 365 10.51 -23.09 -4.92
CA GLY B 365 10.23 -22.41 -3.66
C GLY B 365 9.59 -23.35 -2.62
N TYR B 366 9.83 -23.10 -1.32
CA TYR B 366 8.96 -23.66 -0.29
C TYR B 366 8.04 -22.59 0.29
N PHE B 367 6.74 -22.90 0.34
CA PHE B 367 5.69 -21.94 0.66
C PHE B 367 4.81 -22.54 1.74
N TYR B 368 4.52 -21.75 2.78
CA TYR B 368 3.74 -22.28 3.89
C TYR B 368 2.80 -21.22 4.46
N GLY B 369 1.58 -21.62 4.81
CA GLY B 369 0.65 -20.74 5.49
C GLY B 369 -0.78 -21.02 5.07
N HIS B 370 -1.67 -20.08 5.39
CA HIS B 370 -3.07 -20.21 5.04
C HIS B 370 -3.28 -19.69 3.63
N SER B 371 -4.38 -20.14 3.05
CA SER B 371 -4.82 -19.85 1.69
C SER B 371 -6.23 -19.28 1.78
N LEU B 372 -6.62 -18.46 0.79
CA LEU B 372 -7.89 -17.76 0.89
C LEU B 372 -8.93 -18.43 -0.02
N VAL B 373 -9.94 -19.05 0.58
CA VAL B 373 -10.92 -19.81 -0.19
C VAL B 373 -12.34 -19.39 0.16
N ASP B 374 -13.17 -19.26 -0.89
CA ASP B 374 -14.62 -19.12 -0.75
C ASP B 374 -15.21 -20.52 -0.66
N ARG B 375 -15.59 -20.93 0.56
CA ARG B 375 -16.13 -22.26 0.76
C ARG B 375 -17.66 -22.22 0.85
N SER B 376 -18.33 -21.24 0.22
CA SER B 376 -19.78 -21.14 0.40
C SER B 376 -20.54 -22.15 -0.45
N TYR B 377 -20.04 -22.38 -1.68
CA TYR B 377 -20.73 -23.21 -2.67
C TYR B 377 -22.07 -22.58 -3.02
N ALA B 378 -22.06 -21.25 -3.13
CA ALA B 378 -23.22 -20.51 -3.59
C ALA B 378 -23.85 -21.18 -4.82
N PRO B 379 -25.19 -21.33 -4.86
CA PRO B 379 -25.89 -21.81 -6.06
C PRO B 379 -25.56 -20.99 -7.31
N GLU B 380 -25.11 -19.75 -7.10
CA GLU B 380 -24.72 -18.92 -8.23
C GLU B 380 -23.53 -19.55 -8.95
N TYR B 381 -22.72 -20.31 -8.19
CA TYR B 381 -21.49 -20.87 -8.74
C TYR B 381 -21.79 -22.04 -9.70
N ASP B 382 -22.98 -22.64 -9.55
CA ASP B 382 -23.51 -23.68 -10.42
C ASP B 382 -23.56 -23.21 -11.88
N GLU B 383 -23.65 -21.90 -12.13
CA GLU B 383 -23.60 -21.31 -13.47
C GLU B 383 -24.72 -21.80 -14.39
N GLU B 384 -25.94 -22.04 -13.86
CA GLU B 384 -27.01 -22.64 -14.66
C GLU B 384 -27.70 -21.66 -15.61
N ASN B 385 -27.81 -20.37 -15.26
CA ASN B 385 -28.64 -19.49 -16.06
C ASN B 385 -27.77 -18.58 -16.92
N GLU B 386 -28.39 -17.98 -17.96
CA GLU B 386 -27.73 -16.99 -18.80
C GLU B 386 -27.35 -15.81 -17.92
N GLY B 387 -26.31 -15.07 -18.34
CA GLY B 387 -25.71 -14.03 -17.51
C GLY B 387 -25.25 -14.52 -16.13
N PHE B 388 -24.71 -15.75 -16.05
CA PHE B 388 -24.25 -16.37 -14.80
C PHE B 388 -23.11 -15.56 -14.17
N TRP B 389 -22.30 -14.85 -14.97
CA TRP B 389 -21.23 -14.07 -14.39
C TRP B 389 -21.78 -13.01 -13.43
N GLU B 390 -22.85 -12.31 -13.83
CA GLU B 390 -23.49 -11.34 -12.94
C GLU B 390 -23.89 -12.03 -11.64
N ASP B 391 -24.44 -13.24 -11.77
CA ASP B 391 -24.86 -14.01 -10.60
C ASP B 391 -23.64 -14.25 -9.71
N ALA B 392 -22.47 -14.46 -10.35
CA ALA B 392 -21.25 -14.87 -9.67
C ALA B 392 -20.71 -13.67 -8.90
N ALA B 393 -20.71 -12.50 -9.56
CA ALA B 393 -20.37 -11.23 -8.94
C ALA B 393 -21.22 -10.96 -7.68
N GLU B 394 -22.53 -11.20 -7.78
CA GLU B 394 -23.43 -11.10 -6.62
C GLU B 394 -22.94 -11.99 -5.48
N ALA B 395 -22.65 -13.25 -5.80
CA ALA B 395 -22.22 -14.22 -4.80
C ALA B 395 -20.88 -13.80 -4.18
N ARG B 396 -19.99 -13.20 -4.99
CA ARG B 396 -18.69 -12.80 -4.48
C ARG B 396 -18.86 -11.59 -3.56
N ALA B 397 -19.75 -10.67 -3.97
CA ALA B 397 -20.09 -9.49 -3.18
C ALA B 397 -20.53 -9.86 -1.77
N ARG B 398 -20.85 -11.13 -1.52
CA ARG B 398 -21.28 -11.50 -0.18
C ARG B 398 -20.11 -11.94 0.71
N HIS B 399 -18.89 -11.94 0.15
CA HIS B 399 -17.63 -12.12 0.88
C HIS B 399 -17.68 -13.26 1.91
N GLN B 400 -17.90 -14.50 1.46
CA GLN B 400 -17.87 -15.65 2.35
C GLN B 400 -16.43 -16.13 2.55
N GLU B 401 -15.47 -15.60 1.78
CA GLU B 401 -14.18 -16.28 1.74
C GLU B 401 -13.53 -16.18 3.11
N ALA B 402 -12.86 -17.25 3.53
CA ALA B 402 -12.06 -17.23 4.74
C ALA B 402 -10.71 -17.91 4.50
N LEU B 403 -9.73 -17.55 5.33
CA LEU B 403 -8.40 -18.11 5.28
C LEU B 403 -8.51 -19.52 5.82
N GLU B 404 -7.87 -20.48 5.14
CA GLU B 404 -7.85 -21.85 5.65
C GLU B 404 -6.46 -22.43 5.42
N GLY B 405 -6.23 -23.57 6.11
CA GLY B 405 -4.91 -24.14 6.22
C GLY B 405 -4.50 -24.29 7.68
N PRO B 406 -3.19 -24.17 8.03
CA PRO B 406 -2.16 -23.80 7.04
C PRO B 406 -1.76 -24.93 6.07
N TYR B 407 -1.28 -24.59 4.88
CA TYR B 407 -0.83 -25.57 3.90
C TYR B 407 0.64 -25.34 3.57
N GLU B 408 1.30 -26.33 2.96
CA GLU B 408 2.65 -26.18 2.42
C GLU B 408 2.67 -26.53 0.92
N LEU B 409 3.61 -25.94 0.16
CA LEU B 409 3.82 -26.27 -1.25
C LEU B 409 5.31 -26.14 -1.57
N PHE B 410 5.87 -27.22 -2.12
CA PHE B 410 7.20 -27.27 -2.69
C PHE B 410 7.07 -27.32 -4.21
N THR B 411 7.45 -26.27 -4.94
CA THR B 411 7.05 -26.15 -6.33
C THR B 411 8.00 -25.21 -7.08
N SER B 412 8.25 -25.44 -8.36
CA SER B 412 8.86 -24.36 -9.13
C SER B 412 7.78 -23.32 -9.42
N ILE B 413 8.15 -22.27 -10.14
CA ILE B 413 7.29 -21.11 -10.28
C ILE B 413 7.46 -20.54 -11.68
N PRO B 414 6.50 -19.74 -12.14
CA PRO B 414 6.61 -19.11 -13.45
C PRO B 414 7.64 -17.99 -13.54
N SER B 415 7.77 -17.18 -12.48
CA SER B 415 8.72 -16.08 -12.49
C SER B 415 9.01 -15.50 -11.09
N ARG B 416 10.28 -15.28 -10.77
CA ARG B 416 10.66 -14.75 -9.46
C ARG B 416 10.12 -13.33 -9.23
N PRO B 417 10.35 -12.35 -10.14
CA PRO B 417 9.84 -11.00 -9.89
C PRO B 417 8.33 -10.87 -9.89
N PHE B 418 7.65 -11.64 -10.78
CA PHE B 418 6.24 -11.36 -11.06
C PHE B 418 5.31 -12.43 -10.50
N PHE B 419 5.68 -13.70 -10.66
CA PHE B 419 4.73 -14.76 -10.35
C PHE B 419 5.38 -15.75 -9.40
N PRO B 420 5.90 -15.32 -8.22
CA PRO B 420 6.69 -16.20 -7.36
C PRO B 420 5.83 -17.14 -6.52
N ARG B 421 5.07 -18.02 -7.17
CA ARG B 421 4.19 -18.93 -6.43
C ARG B 421 3.75 -20.05 -7.37
N GLY B 422 3.04 -21.04 -6.80
CA GLY B 422 2.56 -22.17 -7.59
C GLY B 422 1.38 -21.82 -8.50
N PHE B 423 1.47 -22.18 -9.79
CA PHE B 423 0.32 -22.18 -10.70
C PHE B 423 0.13 -23.57 -11.29
N LEU B 424 -1.14 -24.04 -11.30
CA LEU B 424 -1.47 -25.46 -11.44
C LEU B 424 -1.03 -26.00 -12.81
N TRP B 425 -1.42 -25.33 -13.91
CA TRP B 425 -1.08 -25.85 -15.23
C TRP B 425 0.34 -25.49 -15.67
N ASP B 426 0.86 -24.37 -15.13
CA ASP B 426 2.24 -24.00 -15.39
C ASP B 426 3.13 -25.15 -14.92
N GLU B 427 2.81 -25.75 -13.79
CA GLU B 427 3.70 -26.72 -13.16
C GLU B 427 3.86 -27.99 -14.00
N GLY B 428 2.77 -28.41 -14.68
CA GLY B 428 2.86 -29.54 -15.60
C GLY B 428 3.94 -29.31 -16.65
N PHE B 429 4.06 -28.07 -17.14
CA PHE B 429 5.12 -27.74 -18.07
C PHE B 429 6.48 -27.67 -17.38
N HIS B 430 6.55 -27.07 -16.19
CA HIS B 430 7.81 -26.89 -15.49
C HIS B 430 8.49 -28.24 -15.26
N LEU B 431 7.67 -29.24 -14.95
CA LEU B 431 8.24 -30.46 -14.43
C LEU B 431 8.70 -31.37 -15.57
N LEU B 432 8.37 -31.02 -16.82
CA LEU B 432 8.82 -31.83 -17.94
C LEU B 432 10.34 -31.80 -18.06
N PRO B 433 11.04 -30.64 -18.06
CA PRO B 433 12.51 -30.65 -17.99
C PRO B 433 13.06 -31.07 -16.63
N ILE B 434 12.41 -30.61 -15.56
CA ILE B 434 12.87 -31.00 -14.24
C ILE B 434 12.87 -32.53 -14.10
N ALA B 435 11.82 -33.21 -14.61
CA ALA B 435 11.70 -34.66 -14.45
C ALA B 435 12.85 -35.42 -15.12
N ASP B 436 13.30 -34.96 -16.29
CA ASP B 436 14.43 -35.51 -17.04
C ASP B 436 15.69 -35.42 -16.18
N TRP B 437 15.86 -34.28 -15.51
CA TRP B 437 16.98 -34.05 -14.63
C TRP B 437 16.90 -34.92 -13.38
N ASP B 438 15.73 -35.06 -12.76
CA ASP B 438 15.65 -35.68 -11.44
C ASP B 438 14.22 -36.16 -11.22
N ILE B 439 13.92 -37.41 -11.61
CA ILE B 439 12.54 -37.85 -11.63
C ILE B 439 11.98 -37.84 -10.20
N ASP B 440 12.83 -38.12 -9.22
CA ASP B 440 12.38 -38.20 -7.83
C ASP B 440 12.01 -36.82 -7.28
N LEU B 441 12.72 -35.77 -7.72
CA LEU B 441 12.35 -34.41 -7.35
C LEU B 441 11.00 -34.07 -7.96
N ALA B 442 10.82 -34.39 -9.24
CA ALA B 442 9.56 -34.05 -9.88
C ALA B 442 8.40 -34.78 -9.20
N LEU B 443 8.64 -36.02 -8.75
CA LEU B 443 7.55 -36.76 -8.16
C LEU B 443 7.19 -36.14 -6.79
N GLU B 444 8.22 -35.63 -6.08
CA GLU B 444 7.99 -34.96 -4.80
C GLU B 444 7.18 -33.66 -4.98
N ILE B 445 7.39 -32.94 -6.09
CA ILE B 445 6.67 -31.71 -6.35
C ILE B 445 5.21 -32.07 -6.68
N ILE B 446 5.02 -33.13 -7.46
CA ILE B 446 3.66 -33.58 -7.76
C ILE B 446 2.94 -34.02 -6.47
N LYS B 447 3.67 -34.69 -5.58
CA LYS B 447 3.09 -35.17 -4.35
C LYS B 447 2.66 -33.97 -3.50
N SER B 448 3.52 -32.93 -3.45
CA SER B 448 3.21 -31.69 -2.75
C SER B 448 1.88 -31.13 -3.23
N TRP B 449 1.77 -30.93 -4.55
CA TRP B 449 0.57 -30.41 -5.17
C TRP B 449 -0.67 -31.25 -4.83
N TYR B 450 -0.60 -32.56 -5.09
CA TYR B 450 -1.76 -33.40 -4.89
C TYR B 450 -2.14 -33.48 -3.41
N ASN B 451 -1.18 -33.20 -2.53
CA ASN B 451 -1.50 -33.05 -1.12
C ASN B 451 -2.40 -31.83 -0.86
N LEU B 452 -2.53 -30.91 -1.82
CA LEU B 452 -3.41 -29.76 -1.58
C LEU B 452 -4.84 -30.06 -2.01
N MET B 453 -5.09 -31.25 -2.56
CA MET B 453 -6.41 -31.55 -3.09
C MET B 453 -7.40 -31.77 -1.94
N ASP B 454 -8.56 -31.12 -2.01
CA ASP B 454 -9.57 -31.30 -0.98
C ASP B 454 -10.30 -32.62 -1.24
N GLU B 455 -11.36 -32.89 -0.46
CA GLU B 455 -12.02 -34.19 -0.43
C GLU B 455 -12.89 -34.39 -1.66
N ASP B 456 -13.21 -33.30 -2.38
CA ASP B 456 -13.97 -33.41 -3.61
C ASP B 456 -13.05 -33.66 -4.82
N GLY B 457 -11.74 -33.44 -4.65
CA GLY B 457 -10.79 -33.45 -5.78
C GLY B 457 -10.48 -32.10 -6.45
N TRP B 458 -10.63 -30.99 -5.72
CA TRP B 458 -10.24 -29.64 -6.16
C TRP B 458 -8.87 -29.29 -5.58
N ILE B 459 -8.00 -28.82 -6.49
CA ILE B 459 -6.76 -28.15 -6.18
C ILE B 459 -6.90 -26.74 -6.75
N ALA B 460 -6.71 -25.74 -5.87
CA ALA B 460 -6.83 -24.35 -6.32
C ALA B 460 -5.75 -24.09 -7.35
N ARG B 461 -6.07 -23.28 -8.37
CA ARG B 461 -5.23 -23.16 -9.54
C ARG B 461 -4.01 -22.29 -9.23
N GLU B 462 -4.15 -21.46 -8.18
CA GLU B 462 -3.17 -20.45 -7.84
C GLU B 462 -2.96 -20.51 -6.34
N GLN B 463 -1.76 -20.86 -5.89
CA GLN B 463 -1.53 -21.24 -4.51
C GLN B 463 -0.72 -20.12 -3.86
N ILE B 464 -1.40 -19.28 -3.08
CA ILE B 464 -0.82 -18.14 -2.41
C ILE B 464 -0.86 -18.48 -0.92
N LEU B 465 0.22 -19.07 -0.39
CA LEU B 465 0.24 -19.60 0.96
C LEU B 465 1.05 -18.70 1.90
N GLY B 466 0.37 -18.07 2.85
CA GLY B 466 1.00 -17.25 3.88
C GLY B 466 1.00 -15.75 3.54
N ALA B 467 1.30 -14.94 4.57
CA ALA B 467 1.18 -13.49 4.50
C ALA B 467 2.28 -12.96 3.58
N GLU B 468 3.46 -13.58 3.65
CA GLU B 468 4.54 -13.21 2.76
C GLU B 468 4.12 -13.38 1.29
N ALA B 469 3.53 -14.53 0.96
CA ALA B 469 3.13 -14.74 -0.43
C ALA B 469 2.02 -13.75 -0.80
N ARG B 470 1.09 -13.52 0.14
CA ARG B 470 -0.07 -12.68 -0.09
C ARG B 470 0.33 -11.24 -0.41
N SER B 471 1.44 -10.78 0.19
CA SER B 471 1.80 -9.36 0.16
C SER B 471 2.08 -8.91 -1.26
N LYS B 472 2.24 -9.86 -2.17
CA LYS B 472 2.68 -9.55 -3.52
C LYS B 472 1.45 -9.51 -4.44
N VAL B 473 0.30 -9.87 -3.90
CA VAL B 473 -0.84 -10.23 -4.73
C VAL B 473 -2.02 -9.28 -4.46
N PRO B 474 -2.45 -8.50 -5.47
CA PRO B 474 -3.64 -7.64 -5.31
C PRO B 474 -4.78 -8.50 -4.77
N LYS B 475 -5.50 -7.94 -3.79
CA LYS B 475 -6.54 -8.66 -3.07
C LYS B 475 -7.55 -9.30 -4.04
N GLU B 476 -7.80 -8.67 -5.19
CA GLU B 476 -8.83 -9.20 -6.07
C GLU B 476 -8.42 -10.57 -6.62
N PHE B 477 -7.13 -10.89 -6.57
CA PHE B 477 -6.71 -12.18 -7.10
C PHE B 477 -6.54 -13.21 -6.01
N GLN B 478 -6.80 -12.85 -4.75
CA GLN B 478 -6.37 -13.78 -3.71
C GLN B 478 -7.32 -14.96 -3.57
N THR B 479 -8.63 -14.71 -3.61
CA THR B 479 -9.63 -15.71 -3.25
C THR B 479 -9.65 -16.85 -4.26
N GLN B 480 -9.71 -18.09 -3.78
CA GLN B 480 -9.75 -19.22 -4.71
C GLN B 480 -11.17 -19.83 -4.70
N TYR B 481 -11.64 -20.29 -5.86
CA TYR B 481 -12.98 -20.83 -5.95
C TYR B 481 -13.00 -22.32 -6.28
N PRO B 482 -13.63 -23.13 -5.41
CA PRO B 482 -13.65 -24.59 -5.56
C PRO B 482 -14.33 -25.11 -6.83
N HIS B 483 -14.91 -24.22 -7.64
CA HIS B 483 -15.50 -24.63 -8.90
C HIS B 483 -14.58 -24.25 -10.07
N TYR B 484 -13.41 -23.70 -9.75
CA TYR B 484 -12.53 -23.23 -10.81
C TYR B 484 -11.42 -24.23 -11.07
N ALA B 485 -11.37 -24.73 -12.30
CA ALA B 485 -10.38 -25.73 -12.67
C ALA B 485 -9.19 -25.03 -13.33
N ASN B 486 -8.20 -25.85 -13.73
CA ASN B 486 -7.06 -25.43 -14.52
C ASN B 486 -6.62 -26.67 -15.31
N PRO B 487 -5.94 -26.54 -16.47
CA PRO B 487 -5.47 -27.71 -17.21
C PRO B 487 -4.64 -28.69 -16.41
N PRO B 488 -4.98 -29.99 -16.48
CA PRO B 488 -4.27 -31.01 -15.71
C PRO B 488 -2.96 -31.45 -16.38
N THR B 489 -2.12 -30.46 -16.64
CA THR B 489 -0.86 -30.68 -17.33
C THR B 489 0.03 -31.58 -16.48
N LEU B 490 -0.24 -31.68 -15.16
CA LEU B 490 0.62 -32.53 -14.34
C LEU B 490 0.55 -34.01 -14.79
N PHE B 491 -0.56 -34.42 -15.42
CA PHE B 491 -0.72 -35.77 -15.92
C PHE B 491 0.31 -36.06 -17.01
N LEU B 492 0.69 -35.05 -17.82
CA LEU B 492 1.69 -35.19 -18.87
C LEU B 492 3.00 -35.66 -18.24
N VAL B 493 3.29 -35.17 -17.02
CA VAL B 493 4.55 -35.51 -16.39
C VAL B 493 4.48 -36.96 -15.93
N LEU B 494 3.28 -37.35 -15.47
CA LEU B 494 3.12 -38.73 -15.03
C LEU B 494 3.26 -39.63 -16.26
N ASP B 495 2.75 -39.21 -17.42
CA ASP B 495 2.84 -40.01 -18.65
C ASP B 495 4.31 -40.29 -18.98
N ASN B 496 5.18 -39.27 -18.87
CA ASN B 496 6.61 -39.47 -19.08
C ASN B 496 7.21 -40.40 -18.03
N PHE B 497 6.71 -40.34 -16.80
CA PHE B 497 7.19 -41.22 -15.74
C PHE B 497 6.82 -42.68 -16.06
N VAL B 498 5.59 -42.92 -16.51
CA VAL B 498 5.10 -44.26 -16.81
C VAL B 498 5.91 -44.82 -17.99
N GLU B 499 6.04 -44.01 -19.07
CA GLU B 499 6.81 -44.39 -20.23
C GLU B 499 8.21 -44.82 -19.78
N ARG B 500 8.83 -44.02 -18.88
CA ARG B 500 10.10 -44.34 -18.27
C ARG B 500 10.09 -45.69 -17.54
N LEU B 501 9.02 -46.02 -16.81
CA LEU B 501 8.93 -47.30 -16.11
C LEU B 501 8.82 -48.45 -17.11
N ARG B 502 8.08 -48.22 -18.21
CA ARG B 502 7.74 -49.26 -19.16
C ARG B 502 9.01 -49.66 -19.92
N LYS B 503 9.87 -48.67 -20.18
CA LYS B 503 11.15 -48.89 -20.86
C LYS B 503 12.10 -49.69 -19.97
N ASN B 504 11.79 -49.80 -18.66
CA ASN B 504 12.64 -50.52 -17.72
C ASN B 504 12.40 -52.03 -17.77
N ASN B 505 11.14 -52.47 -17.90
CA ASN B 505 10.84 -53.88 -18.11
C ASN B 505 11.41 -54.29 -19.47
N ALA B 506 12.32 -55.28 -19.50
CA ALA B 506 12.94 -55.71 -20.74
C ALA B 506 13.37 -57.19 -20.65
N THR B 520 22.30 -43.06 -6.04
CA THR B 520 21.85 -41.67 -6.40
C THR B 520 20.32 -41.54 -6.27
N LEU B 521 19.92 -40.56 -5.46
CA LEU B 521 18.53 -40.39 -5.02
C LEU B 521 17.63 -39.86 -6.13
N SER B 522 18.23 -39.22 -7.13
CA SER B 522 17.58 -38.70 -8.32
C SER B 522 16.67 -39.72 -9.00
N THR B 523 17.07 -41.00 -9.08
CA THR B 523 16.38 -41.97 -9.94
C THR B 523 15.93 -43.19 -9.14
N ALA B 524 15.89 -43.08 -7.80
CA ALA B 524 15.65 -44.22 -6.94
C ALA B 524 14.31 -44.83 -7.28
N SER B 525 13.42 -44.00 -7.85
CA SER B 525 12.04 -44.39 -8.13
C SER B 525 11.95 -45.16 -9.44
N VAL B 526 12.95 -45.00 -10.35
CA VAL B 526 13.00 -45.83 -11.53
C VAL B 526 14.03 -46.95 -11.35
N ASP B 527 15.10 -46.70 -10.60
CA ASP B 527 16.16 -47.68 -10.48
C ASP B 527 15.62 -48.96 -9.82
N ASN B 528 14.78 -48.78 -8.80
CA ASN B 528 13.99 -49.89 -8.30
C ASN B 528 12.54 -49.61 -8.66
N PRO B 529 12.02 -50.22 -9.75
CA PRO B 529 10.69 -49.88 -10.28
C PRO B 529 9.52 -50.23 -9.35
N GLU B 530 9.77 -51.05 -8.32
CA GLU B 530 8.73 -51.35 -7.35
C GLU B 530 8.44 -50.09 -6.53
N VAL B 531 9.44 -49.19 -6.43
CA VAL B 531 9.33 -47.92 -5.71
C VAL B 531 8.43 -46.97 -6.51
N GLY B 532 8.75 -46.81 -7.80
CA GLY B 532 7.90 -46.00 -8.66
C GLY B 532 6.48 -46.56 -8.72
N LEU B 533 6.38 -47.89 -8.68
CA LEU B 533 5.06 -48.52 -8.73
C LEU B 533 4.22 -48.17 -7.50
N GLU B 534 4.86 -48.20 -6.32
CA GLU B 534 4.12 -47.97 -5.11
C GLU B 534 3.72 -46.49 -5.03
N TYR B 535 4.61 -45.59 -5.48
CA TYR B 535 4.27 -44.19 -5.60
C TYR B 535 2.94 -44.00 -6.33
N LEU B 536 2.85 -44.56 -7.55
CA LEU B 536 1.67 -44.49 -8.40
C LEU B 536 0.49 -45.13 -7.69
N ARG B 537 0.73 -46.28 -7.03
CA ARG B 537 -0.32 -46.92 -6.25
C ARG B 537 -0.96 -45.89 -5.33
N ARG B 538 -0.12 -45.10 -4.66
CA ARG B 538 -0.60 -44.16 -3.66
C ARG B 538 -1.22 -42.91 -4.29
N LEU B 539 -0.74 -42.47 -5.47
CA LEU B 539 -1.23 -41.23 -6.05
C LEU B 539 -2.48 -41.49 -6.90
N TYR B 540 -2.65 -42.73 -7.38
CA TYR B 540 -3.67 -43.05 -8.35
C TYR B 540 -5.08 -42.64 -7.88
N PRO B 541 -5.52 -42.96 -6.63
CA PRO B 541 -6.84 -42.54 -6.16
C PRO B 541 -7.10 -41.02 -6.20
N LEU B 542 -6.07 -40.21 -5.94
CA LEU B 542 -6.21 -38.75 -6.03
C LEU B 542 -6.37 -38.34 -7.49
N LEU B 543 -5.68 -39.03 -8.42
CA LEU B 543 -5.88 -38.80 -9.84
C LEU B 543 -7.33 -39.12 -10.24
N ARG B 544 -7.84 -40.28 -9.80
CA ARG B 544 -9.22 -40.67 -10.08
C ARG B 544 -10.15 -39.61 -9.49
N ARG B 545 -9.82 -39.12 -8.30
CA ARG B 545 -10.75 -38.21 -7.66
C ARG B 545 -10.82 -36.95 -8.52
N GLN B 546 -9.65 -36.47 -8.95
CA GLN B 546 -9.62 -35.21 -9.69
C GLN B 546 -10.32 -35.39 -11.03
N PHE B 547 -10.16 -36.58 -11.62
CA PHE B 547 -10.85 -36.88 -12.87
C PHE B 547 -12.37 -36.83 -12.65
N ASP B 548 -12.85 -37.51 -11.59
CA ASP B 548 -14.27 -37.49 -11.25
C ASP B 548 -14.73 -36.04 -11.12
N TRP B 549 -13.94 -35.24 -10.38
CA TRP B 549 -14.21 -33.85 -10.02
C TRP B 549 -14.34 -33.01 -11.30
N PHE B 550 -13.49 -33.27 -12.29
CA PHE B 550 -13.65 -32.54 -13.55
C PHE B 550 -15.03 -32.83 -14.15
N ARG B 551 -15.40 -34.12 -14.21
CA ARG B 551 -16.52 -34.55 -15.04
C ARG B 551 -17.83 -34.11 -14.39
N LYS B 552 -17.82 -34.02 -13.05
CA LYS B 552 -18.93 -33.49 -12.28
C LYS B 552 -19.05 -31.97 -12.38
N THR B 553 -17.96 -31.20 -12.13
CA THR B 553 -18.08 -29.77 -11.89
C THR B 553 -17.91 -28.98 -13.18
N GLN B 554 -17.31 -29.59 -14.22
CA GLN B 554 -17.17 -28.87 -15.48
C GLN B 554 -18.01 -29.50 -16.59
N ALA B 555 -18.98 -30.36 -16.21
CA ALA B 555 -19.90 -31.00 -17.15
C ALA B 555 -20.51 -29.95 -18.06
N GLY B 556 -20.53 -30.22 -19.37
CA GLY B 556 -21.31 -29.42 -20.31
C GLY B 556 -22.76 -29.91 -20.40
N ASP B 557 -23.52 -29.37 -21.36
CA ASP B 557 -24.94 -29.69 -21.43
C ASP B 557 -25.30 -30.12 -22.85
N ILE B 558 -25.66 -31.41 -22.96
CA ILE B 558 -26.22 -31.97 -24.18
C ILE B 558 -27.74 -32.20 -24.02
N LYS B 559 -28.16 -32.86 -22.92
CA LYS B 559 -29.54 -33.27 -22.63
C LYS B 559 -30.53 -32.14 -22.87
N SER B 560 -30.25 -30.95 -22.33
CA SER B 560 -31.32 -29.96 -22.21
C SER B 560 -31.44 -29.09 -23.46
N TYR B 561 -30.69 -29.39 -24.52
CA TYR B 561 -30.89 -28.68 -25.78
C TYR B 561 -31.14 -29.63 -26.94
N ASP B 562 -31.37 -29.04 -28.13
CA ASP B 562 -31.59 -29.77 -29.38
C ASP B 562 -30.24 -30.12 -30.01
N ARG B 563 -29.59 -31.16 -29.47
CA ARG B 563 -28.17 -31.41 -29.66
C ARG B 563 -27.97 -32.90 -29.90
N GLU B 564 -27.44 -33.26 -31.07
CA GLU B 564 -27.25 -34.67 -31.35
C GLU B 564 -25.76 -35.01 -31.22
N ALA B 565 -25.48 -36.14 -30.56
CA ALA B 565 -24.11 -36.57 -30.38
C ALA B 565 -24.07 -38.06 -30.09
N TYR B 566 -22.97 -38.69 -30.50
CA TYR B 566 -22.68 -40.09 -30.25
C TYR B 566 -22.90 -40.43 -28.77
N SER B 567 -22.44 -39.56 -27.86
CA SER B 567 -22.61 -39.78 -26.44
C SER B 567 -23.48 -38.68 -25.85
N THR B 568 -24.22 -39.00 -24.79
CA THR B 568 -25.03 -38.00 -24.10
C THR B 568 -24.25 -37.40 -22.93
N LYS B 569 -23.19 -38.11 -22.45
CA LYS B 569 -22.47 -37.81 -21.21
C LYS B 569 -21.24 -36.93 -21.42
N GLU B 570 -20.58 -36.96 -22.61
CA GLU B 570 -19.24 -36.40 -22.75
C GLU B 570 -19.31 -35.00 -23.35
N ALA B 571 -19.21 -33.98 -22.50
CA ALA B 571 -19.36 -32.60 -22.94
C ALA B 571 -18.93 -31.68 -21.78
N TYR B 572 -18.14 -30.63 -22.09
CA TYR B 572 -17.47 -29.94 -21.00
C TYR B 572 -17.50 -28.42 -21.19
N ARG B 573 -17.66 -27.71 -20.05
CA ARG B 573 -17.70 -26.25 -20.05
C ARG B 573 -16.85 -25.74 -18.89
N TRP B 574 -15.85 -24.89 -19.20
CA TRP B 574 -15.03 -24.29 -18.16
C TRP B 574 -15.93 -23.40 -17.30
N ARG B 575 -16.10 -23.76 -16.02
CA ARG B 575 -16.73 -22.82 -15.11
C ARG B 575 -15.81 -21.60 -14.97
N GLY B 576 -16.39 -20.41 -14.73
CA GLY B 576 -15.65 -19.27 -14.16
C GLY B 576 -15.29 -18.22 -15.20
N ARG B 577 -16.09 -18.19 -16.24
CA ARG B 577 -15.88 -17.41 -17.44
C ARG B 577 -16.50 -16.04 -17.14
N THR B 578 -15.95 -14.98 -17.73
CA THR B 578 -16.60 -13.67 -17.68
C THR B 578 -16.71 -13.20 -19.13
N VAL B 579 -17.15 -11.95 -19.33
CA VAL B 579 -17.52 -11.52 -20.67
C VAL B 579 -16.35 -11.63 -21.66
N SER B 580 -15.12 -11.30 -21.25
CA SER B 580 -14.01 -11.22 -22.20
C SER B 580 -12.86 -12.18 -21.89
N HIS B 581 -13.11 -13.19 -21.05
CA HIS B 581 -12.01 -13.92 -20.46
C HIS B 581 -12.46 -15.32 -20.08
N CYS B 582 -11.50 -16.26 -20.11
CA CYS B 582 -11.70 -17.58 -19.55
C CYS B 582 -10.42 -17.98 -18.82
N LEU B 583 -10.27 -17.47 -17.60
CA LEU B 583 -9.01 -17.50 -16.85
C LEU B 583 -8.69 -18.93 -16.45
N THR B 584 -9.72 -19.71 -16.13
CA THR B 584 -9.50 -21.06 -15.65
C THR B 584 -8.86 -21.90 -16.76
N SER B 585 -9.13 -21.57 -18.03
CA SER B 585 -8.65 -22.43 -19.09
C SER B 585 -7.14 -22.23 -19.29
N GLY B 586 -6.61 -21.14 -18.71
CA GLY B 586 -5.21 -20.78 -18.84
C GLY B 586 -4.92 -19.89 -20.05
N LEU B 587 -5.83 -19.78 -21.03
CA LEU B 587 -5.58 -18.90 -22.16
C LEU B 587 -6.48 -17.66 -22.01
N ASP B 588 -6.08 -16.74 -21.12
CA ASP B 588 -6.97 -15.82 -20.42
C ASP B 588 -7.99 -15.16 -21.35
N ASP B 589 -7.53 -14.57 -22.47
CA ASP B 589 -8.39 -13.74 -23.30
C ASP B 589 -8.50 -14.32 -24.72
N TYR B 590 -8.35 -15.64 -24.86
CA TYR B 590 -8.59 -16.24 -26.16
C TYR B 590 -10.06 -16.03 -26.46
N PRO B 591 -10.43 -15.61 -27.69
CA PRO B 591 -11.83 -15.37 -28.02
C PRO B 591 -12.63 -16.67 -27.86
N ARG B 592 -13.76 -16.53 -27.20
CA ARG B 592 -14.65 -17.62 -26.85
C ARG B 592 -16.05 -17.19 -27.32
N PRO B 593 -17.12 -18.01 -27.14
CA PRO B 593 -18.45 -17.61 -27.61
C PRO B 593 -18.99 -16.35 -26.92
N GLN B 594 -19.57 -15.43 -27.72
CA GLN B 594 -20.20 -14.24 -27.17
C GLN B 594 -21.71 -14.33 -27.34
N PRO B 595 -22.50 -14.12 -26.27
CA PRO B 595 -21.93 -13.91 -24.95
C PRO B 595 -21.51 -15.25 -24.37
N PRO B 596 -20.93 -15.29 -23.16
CA PRO B 596 -20.86 -16.53 -22.39
C PRO B 596 -22.29 -16.97 -22.16
N HIS B 597 -22.48 -18.24 -21.80
CA HIS B 597 -23.77 -18.90 -21.88
C HIS B 597 -23.61 -20.29 -21.30
N PRO B 598 -24.59 -20.80 -20.51
CA PRO B 598 -24.47 -22.09 -19.83
C PRO B 598 -24.53 -23.32 -20.74
N GLY B 599 -24.68 -23.07 -22.04
CA GLY B 599 -24.65 -24.14 -23.01
C GLY B 599 -23.45 -24.01 -23.94
N GLU B 600 -22.44 -23.26 -23.48
CA GLU B 600 -21.12 -23.28 -24.10
C GLU B 600 -20.54 -24.68 -23.92
N LEU B 601 -19.69 -25.06 -24.87
CA LEU B 601 -18.82 -26.22 -24.73
C LEU B 601 -17.45 -25.81 -25.25
N HIS B 602 -16.42 -26.20 -24.47
CA HIS B 602 -15.06 -25.82 -24.82
C HIS B 602 -14.27 -27.06 -25.23
N VAL B 603 -13.65 -27.00 -26.40
CA VAL B 603 -12.99 -28.16 -26.98
C VAL B 603 -11.64 -28.46 -26.29
N ASP B 604 -10.97 -27.39 -25.78
CA ASP B 604 -9.73 -27.59 -25.04
C ASP B 604 -10.02 -28.39 -23.78
N LEU B 605 -11.15 -28.08 -23.14
CA LEU B 605 -11.42 -28.73 -21.87
C LEU B 605 -11.71 -30.21 -22.17
N MET B 606 -12.50 -30.46 -23.22
CA MET B 606 -12.80 -31.86 -23.47
C MET B 606 -11.48 -32.59 -23.75
N SER B 607 -10.60 -31.95 -24.52
CA SER B 607 -9.31 -32.57 -24.81
C SER B 607 -8.58 -32.93 -23.52
N TRP B 608 -8.56 -32.01 -22.53
CA TRP B 608 -7.84 -32.30 -21.30
C TRP B 608 -8.47 -33.50 -20.61
N VAL B 609 -9.80 -33.65 -20.72
CA VAL B 609 -10.40 -34.82 -20.10
C VAL B 609 -9.90 -36.07 -20.84
N GLY B 610 -9.65 -35.93 -22.16
CA GLY B 610 -9.05 -36.99 -22.96
C GLY B 610 -7.66 -37.39 -22.45
N VAL B 611 -6.81 -36.37 -22.26
CA VAL B 611 -5.48 -36.58 -21.69
C VAL B 611 -5.60 -37.41 -20.41
N MET B 612 -6.54 -37.02 -19.55
CA MET B 612 -6.67 -37.60 -18.21
C MET B 612 -7.06 -39.07 -18.31
N VAL B 613 -8.08 -39.36 -19.15
CA VAL B 613 -8.51 -40.74 -19.22
C VAL B 613 -7.39 -41.60 -19.81
N LYS B 614 -6.60 -41.03 -20.72
CA LYS B 614 -5.49 -41.80 -21.29
C LYS B 614 -4.48 -42.13 -20.20
N SER B 615 -4.17 -41.13 -19.37
CA SER B 615 -3.20 -41.36 -18.31
C SER B 615 -3.70 -42.46 -17.37
N LEU B 616 -5.01 -42.45 -17.08
CA LEU B 616 -5.58 -43.33 -16.08
C LEU B 616 -5.67 -44.77 -16.63
N ILE B 617 -6.00 -44.91 -17.93
CA ILE B 617 -5.91 -46.21 -18.62
C ILE B 617 -4.53 -46.85 -18.36
N SER B 618 -3.44 -46.10 -18.60
CA SER B 618 -2.07 -46.62 -18.44
C SER B 618 -1.76 -46.96 -17.00
N ILE B 619 -2.04 -46.01 -16.11
CA ILE B 619 -1.65 -46.18 -14.71
C ILE B 619 -2.51 -47.28 -14.13
N GLY B 620 -3.84 -47.18 -14.35
CA GLY B 620 -4.79 -48.18 -13.89
C GLY B 620 -4.31 -49.57 -14.32
N SER B 621 -3.87 -49.67 -15.58
CA SER B 621 -3.46 -50.95 -16.13
C SER B 621 -2.16 -51.43 -15.48
N LEU B 622 -1.24 -50.53 -15.11
CA LEU B 622 -0.01 -50.88 -14.43
C LEU B 622 -0.32 -51.43 -13.04
N LEU B 623 -1.46 -51.03 -12.47
CA LEU B 623 -1.73 -51.31 -11.07
C LEU B 623 -2.72 -52.48 -10.94
N GLY B 624 -3.31 -52.91 -12.06
CA GLY B 624 -4.24 -54.03 -12.08
C GLY B 624 -5.67 -53.62 -11.72
N ALA B 625 -5.98 -52.34 -11.89
CA ALA B 625 -7.32 -51.85 -11.61
C ALA B 625 -8.26 -52.17 -12.77
N THR B 626 -8.48 -53.48 -13.00
CA THR B 626 -9.16 -53.88 -14.22
C THR B 626 -10.61 -53.42 -14.18
N GLU B 627 -11.16 -53.23 -12.97
CA GLU B 627 -12.55 -52.80 -12.83
C GLU B 627 -12.72 -51.39 -13.41
N ASP B 628 -11.66 -50.57 -13.34
CA ASP B 628 -11.70 -49.21 -13.84
C ASP B 628 -11.56 -49.18 -15.36
N VAL B 629 -10.72 -50.09 -15.91
CA VAL B 629 -10.39 -50.14 -17.34
C VAL B 629 -11.64 -50.02 -18.23
N GLU B 630 -12.67 -50.81 -17.90
CA GLU B 630 -13.89 -50.80 -18.68
C GLU B 630 -14.45 -49.38 -18.77
N PHE B 631 -14.46 -48.68 -17.62
CA PHE B 631 -15.13 -47.38 -17.56
C PHE B 631 -14.32 -46.36 -18.36
N TYR B 632 -13.00 -46.32 -18.16
CA TYR B 632 -12.10 -45.41 -18.85
C TYR B 632 -12.27 -45.57 -20.37
N THR B 633 -12.37 -46.83 -20.80
CA THR B 633 -12.41 -47.19 -22.20
C THR B 633 -13.66 -46.61 -22.86
N LYS B 634 -14.80 -46.71 -22.17
CA LYS B 634 -16.04 -46.17 -22.69
C LYS B 634 -15.88 -44.66 -22.83
N VAL B 635 -15.20 -44.04 -21.85
CA VAL B 635 -15.14 -42.58 -21.82
C VAL B 635 -14.32 -42.13 -23.02
N LEU B 636 -13.17 -42.77 -23.19
CA LEU B 636 -12.24 -42.30 -24.21
C LEU B 636 -12.91 -42.46 -25.58
N ASP B 637 -13.58 -43.62 -25.77
CA ASP B 637 -14.34 -43.83 -26.99
C ASP B 637 -15.40 -42.72 -27.14
N ALA B 638 -16.05 -42.34 -26.04
CA ALA B 638 -17.12 -41.35 -26.12
C ALA B 638 -16.53 -39.98 -26.44
N ILE B 639 -15.36 -39.67 -25.88
CA ILE B 639 -14.81 -38.35 -26.17
C ILE B 639 -14.32 -38.31 -27.62
N GLU B 640 -13.68 -39.41 -28.09
CA GLU B 640 -13.20 -39.41 -29.48
C GLU B 640 -14.35 -39.12 -30.45
N HIS B 641 -15.53 -39.67 -30.17
CA HIS B 641 -16.70 -39.41 -31.00
C HIS B 641 -17.21 -37.98 -30.81
N ASN B 642 -17.31 -37.55 -29.53
CA ASN B 642 -17.98 -36.30 -29.23
C ASN B 642 -17.17 -35.10 -29.70
N LEU B 643 -15.85 -35.25 -29.76
CA LEU B 643 -15.01 -34.17 -30.30
C LEU B 643 -15.48 -33.88 -31.72
N ASP B 644 -15.74 -34.95 -32.49
CA ASP B 644 -16.18 -34.77 -33.86
C ASP B 644 -17.62 -34.25 -33.88
N ASP B 645 -18.51 -34.93 -33.16
CA ASP B 645 -19.92 -34.59 -33.20
C ASP B 645 -20.10 -33.14 -32.76
N LEU B 646 -19.51 -32.74 -31.62
CA LEU B 646 -19.77 -31.44 -31.04
C LEU B 646 -18.86 -30.31 -31.56
N HIS B 647 -17.61 -30.59 -31.96
CA HIS B 647 -16.65 -29.49 -32.04
C HIS B 647 -15.99 -29.38 -33.40
N TRP B 648 -16.11 -30.44 -34.22
CA TRP B 648 -15.48 -30.36 -35.51
C TRP B 648 -16.37 -29.55 -36.44
N SER B 649 -15.77 -28.62 -37.19
CA SER B 649 -16.46 -27.86 -38.23
C SER B 649 -15.86 -28.21 -39.59
N GLU B 650 -16.68 -28.79 -40.50
CA GLU B 650 -16.21 -28.98 -41.87
C GLU B 650 -16.18 -27.64 -42.61
N LYS B 651 -17.12 -26.73 -42.33
CA LYS B 651 -17.06 -25.39 -42.89
C LYS B 651 -15.65 -24.79 -42.76
N GLU B 652 -14.96 -25.01 -41.64
CA GLU B 652 -13.77 -24.23 -41.29
C GLU B 652 -12.48 -25.04 -41.37
N GLY B 653 -12.54 -26.36 -41.18
CA GLY B 653 -11.33 -27.17 -41.32
C GLY B 653 -10.51 -27.27 -40.03
N CYS B 654 -11.22 -27.31 -38.88
CA CYS B 654 -10.60 -27.22 -37.57
C CYS B 654 -11.67 -27.49 -36.52
N TYR B 655 -11.25 -27.62 -35.24
CA TYR B 655 -12.17 -27.71 -34.11
C TYR B 655 -12.51 -26.31 -33.59
N CYS B 656 -13.67 -26.19 -32.93
CA CYS B 656 -14.26 -24.94 -32.46
C CYS B 656 -14.99 -25.14 -31.14
N ASP B 657 -15.06 -24.10 -30.31
CA ASP B 657 -15.95 -24.16 -29.15
C ASP B 657 -17.39 -24.16 -29.68
N ALA B 658 -18.37 -24.47 -28.83
CA ALA B 658 -19.77 -24.41 -29.22
C ALA B 658 -20.60 -23.61 -28.21
N THR B 659 -21.70 -23.00 -28.69
CA THR B 659 -22.69 -22.36 -27.82
C THR B 659 -24.11 -22.81 -28.16
N ILE B 660 -25.07 -22.21 -27.47
CA ILE B 660 -26.45 -21.99 -27.92
C ILE B 660 -26.58 -20.52 -28.34
N ASP B 661 -27.13 -20.28 -29.54
CA ASP B 661 -27.12 -18.95 -30.14
C ASP B 661 -28.42 -18.20 -29.81
N GLU B 662 -28.54 -16.98 -30.38
CA GLU B 662 -29.70 -16.08 -30.30
C GLU B 662 -31.01 -16.88 -30.44
N PHE B 663 -31.08 -17.72 -31.47
CA PHE B 663 -32.31 -18.41 -31.86
C PHE B 663 -32.39 -19.78 -31.18
N GLU B 664 -31.57 -19.99 -30.14
CA GLU B 664 -31.57 -21.19 -29.31
C GLU B 664 -31.04 -22.46 -30.02
N GLU B 665 -30.14 -22.27 -31.00
CA GLU B 665 -29.60 -23.36 -31.81
C GLU B 665 -28.11 -23.61 -31.50
N HIS B 666 -27.69 -24.88 -31.57
CA HIS B 666 -26.28 -25.26 -31.51
C HIS B 666 -25.52 -24.64 -32.67
N LYS B 667 -24.49 -23.85 -32.30
CA LYS B 667 -23.70 -23.05 -33.22
C LYS B 667 -22.23 -23.25 -32.82
N LEU B 668 -21.40 -23.60 -33.80
CA LEU B 668 -19.97 -23.64 -33.61
C LEU B 668 -19.44 -22.22 -33.72
N VAL B 669 -18.54 -21.86 -32.79
CA VAL B 669 -17.93 -20.54 -32.88
C VAL B 669 -16.43 -20.74 -33.08
N CYS B 670 -15.97 -20.44 -34.30
CA CYS B 670 -14.62 -20.75 -34.71
C CYS B 670 -13.77 -19.50 -34.67
N HIS B 671 -12.58 -19.65 -34.11
CA HIS B 671 -11.53 -18.65 -34.10
C HIS B 671 -10.21 -19.38 -34.23
N LYS B 672 -9.62 -19.30 -35.42
CA LYS B 672 -8.54 -20.21 -35.78
C LYS B 672 -7.28 -19.79 -35.02
N GLY B 673 -6.84 -20.68 -34.12
CA GLY B 673 -5.68 -20.49 -33.27
C GLY B 673 -5.47 -21.69 -32.34
N TYR B 674 -4.89 -21.46 -31.15
CA TYR B 674 -4.46 -22.58 -30.33
C TYR B 674 -5.64 -23.49 -30.01
N ILE B 675 -6.80 -22.89 -29.75
CA ILE B 675 -7.90 -23.69 -29.24
C ILE B 675 -8.36 -24.67 -30.32
N SER B 676 -8.23 -24.24 -31.59
CA SER B 676 -8.68 -24.97 -32.76
C SER B 676 -7.84 -26.23 -32.96
N LEU B 677 -6.62 -26.24 -32.37
CA LEU B 677 -5.65 -27.30 -32.56
C LEU B 677 -5.72 -28.34 -31.44
N PHE B 678 -6.62 -28.10 -30.48
CA PHE B 678 -6.52 -28.78 -29.21
C PHE B 678 -6.43 -30.30 -29.27
N PRO B 679 -7.38 -31.05 -29.91
CA PRO B 679 -7.32 -32.51 -29.93
C PRO B 679 -6.00 -33.04 -30.52
N PHE B 680 -5.38 -32.25 -31.41
CA PHE B 680 -4.05 -32.55 -31.90
C PHE B 680 -3.00 -32.32 -30.80
N LEU B 681 -3.01 -31.13 -30.19
CA LEU B 681 -2.01 -30.72 -29.22
C LEU B 681 -1.92 -31.70 -28.05
N THR B 682 -3.01 -32.41 -27.77
CA THR B 682 -3.09 -33.25 -26.59
C THR B 682 -2.95 -34.71 -27.00
N GLY B 683 -2.75 -34.95 -28.30
CA GLY B 683 -2.34 -36.28 -28.72
C GLY B 683 -3.53 -37.22 -28.92
N LEU B 684 -4.73 -36.66 -29.19
CA LEU B 684 -5.91 -37.50 -29.26
C LEU B 684 -6.20 -38.05 -30.66
N LEU B 685 -5.56 -37.52 -31.71
CA LEU B 685 -5.92 -37.88 -33.07
C LEU B 685 -5.01 -39.00 -33.58
N LYS B 686 -5.60 -39.92 -34.35
CA LYS B 686 -4.83 -41.02 -34.93
C LYS B 686 -4.02 -40.50 -36.13
N PRO B 687 -2.87 -41.12 -36.47
CA PRO B 687 -2.06 -40.67 -37.60
C PRO B 687 -2.76 -40.76 -38.97
N ASP B 688 -3.89 -41.46 -39.02
CA ASP B 688 -4.67 -41.57 -40.25
C ASP B 688 -5.95 -40.74 -40.22
N SER B 689 -6.08 -39.74 -39.32
CA SER B 689 -7.32 -38.99 -39.24
C SER B 689 -7.33 -37.93 -40.31
N PRO B 690 -8.35 -37.82 -41.17
CA PRO B 690 -8.39 -36.73 -42.15
C PRO B 690 -8.51 -35.37 -41.48
N LYS B 691 -8.88 -35.37 -40.20
CA LYS B 691 -8.96 -34.13 -39.44
C LYS B 691 -7.54 -33.70 -39.06
N LEU B 692 -6.66 -34.67 -38.85
CA LEU B 692 -5.28 -34.32 -38.57
C LEU B 692 -4.66 -33.60 -39.77
N GLY B 693 -4.85 -34.12 -40.98
CA GLY B 693 -4.30 -33.47 -42.18
C GLY B 693 -4.76 -32.01 -42.36
N LYS B 694 -6.03 -31.74 -42.01
CA LYS B 694 -6.61 -30.41 -42.07
C LYS B 694 -5.92 -29.49 -41.06
N LEU B 695 -5.65 -30.02 -39.86
CA LEU B 695 -5.04 -29.22 -38.81
C LEU B 695 -3.58 -28.94 -39.14
N LEU B 696 -2.92 -29.92 -39.76
CA LEU B 696 -1.55 -29.73 -40.20
C LEU B 696 -1.48 -28.63 -41.27
N ALA B 697 -2.54 -28.52 -42.09
CA ALA B 697 -2.48 -27.57 -43.19
C ALA B 697 -2.52 -26.15 -42.62
N LEU B 698 -3.43 -25.96 -41.67
CA LEU B 698 -3.62 -24.74 -40.89
C LEU B 698 -2.33 -24.35 -40.17
N ILE B 699 -1.74 -25.31 -39.44
CA ILE B 699 -0.54 -25.06 -38.66
C ILE B 699 0.54 -24.54 -39.60
N GLY B 700 0.56 -25.04 -40.83
CA GLY B 700 1.65 -24.73 -41.75
C GLY B 700 1.37 -23.48 -42.59
N ASP B 701 0.18 -22.90 -42.40
CA ASP B 701 -0.34 -21.83 -43.23
C ASP B 701 0.21 -20.50 -42.74
N GLU B 702 1.16 -19.90 -43.50
CA GLU B 702 1.88 -18.67 -43.18
C GLU B 702 0.92 -17.49 -43.05
N SER B 703 -0.26 -17.60 -43.67
CA SER B 703 -1.21 -16.52 -43.68
C SER B 703 -2.10 -16.57 -42.44
N GLU B 704 -1.99 -17.65 -41.66
CA GLU B 704 -2.94 -17.94 -40.58
C GLU B 704 -2.17 -18.01 -39.25
N LEU B 705 -1.49 -19.14 -39.03
CA LEU B 705 -0.94 -19.49 -37.72
C LEU B 705 0.59 -19.47 -37.70
N TRP B 706 1.22 -19.68 -38.86
CA TRP B 706 2.65 -19.95 -38.98
C TRP B 706 3.44 -18.67 -39.21
N SER B 707 4.11 -18.17 -38.15
CA SER B 707 5.05 -17.07 -38.23
C SER B 707 6.48 -17.60 -38.33
N PRO B 708 7.44 -16.75 -38.71
CA PRO B 708 8.86 -17.14 -38.66
C PRO B 708 9.34 -17.48 -37.25
N TYR B 709 8.49 -17.22 -36.24
CA TYR B 709 8.95 -17.24 -34.86
C TYR B 709 8.32 -18.38 -34.06
N GLY B 710 7.44 -19.12 -34.72
CA GLY B 710 6.59 -20.09 -34.04
C GLY B 710 5.14 -19.87 -34.41
N LEU B 711 4.24 -20.70 -33.86
CA LEU B 711 2.80 -20.59 -34.14
C LEU B 711 2.17 -19.50 -33.31
N ARG B 712 1.45 -18.60 -34.01
CA ARG B 712 0.64 -17.55 -33.43
C ARG B 712 -0.49 -18.21 -32.66
N SER B 713 -0.86 -17.63 -31.52
CA SER B 713 -1.94 -18.16 -30.70
C SER B 713 -3.28 -17.98 -31.38
N LEU B 714 -3.38 -16.91 -32.19
CA LEU B 714 -4.59 -16.57 -32.92
C LEU B 714 -4.19 -16.19 -34.35
N SER B 715 -5.01 -16.63 -35.31
CA SER B 715 -4.81 -16.44 -36.75
C SER B 715 -4.81 -14.94 -37.11
N LYS B 716 -3.86 -14.56 -37.98
CA LYS B 716 -3.85 -13.24 -38.61
C LYS B 716 -5.22 -12.87 -39.19
N LYS B 717 -6.01 -13.87 -39.63
CA LYS B 717 -7.28 -13.64 -40.31
C LYS B 717 -8.45 -13.54 -39.35
N ASP B 718 -8.27 -13.97 -38.09
CA ASP B 718 -9.38 -13.89 -37.15
C ASP B 718 -9.63 -12.42 -36.85
N GLU B 719 -10.92 -12.10 -36.69
CA GLU B 719 -11.32 -10.72 -36.51
C GLU B 719 -10.71 -10.20 -35.21
N PHE B 720 -10.35 -11.12 -34.29
CA PHE B 720 -9.94 -10.69 -32.95
C PHE B 720 -8.42 -10.58 -32.82
N TYR B 721 -7.72 -10.65 -33.96
CA TYR B 721 -6.28 -10.69 -33.95
C TYR B 721 -5.77 -9.32 -33.51
N GLY B 722 -5.04 -9.28 -32.40
CA GLY B 722 -4.35 -8.08 -31.95
C GLY B 722 -5.21 -7.16 -31.08
N THR B 723 -6.40 -7.61 -30.70
CA THR B 723 -7.37 -6.76 -29.98
C THR B 723 -7.23 -6.85 -28.44
N ALA B 724 -7.85 -5.87 -27.76
CA ALA B 724 -7.76 -5.68 -26.32
C ALA B 724 -6.35 -5.91 -25.76
N GLU B 725 -6.28 -6.78 -24.75
CA GLU B 725 -5.03 -7.01 -24.05
C GLU B 725 -4.05 -7.75 -24.97
N ASN B 726 -4.55 -8.45 -25.99
CA ASN B 726 -3.70 -9.08 -26.99
C ASN B 726 -2.74 -10.06 -26.31
N TYR B 727 -3.28 -10.84 -25.37
CA TYR B 727 -2.48 -11.70 -24.51
C TYR B 727 -2.31 -13.05 -25.19
N TRP B 728 -3.46 -13.67 -25.52
CA TRP B 728 -3.47 -14.91 -26.27
C TRP B 728 -4.16 -14.68 -27.61
N ARG B 729 -4.06 -13.45 -28.14
CA ARG B 729 -4.74 -13.11 -29.39
C ARG B 729 -3.75 -12.78 -30.51
N SER B 730 -2.56 -13.39 -30.49
CA SER B 730 -1.68 -13.35 -31.65
C SER B 730 -0.29 -13.87 -31.31
N PRO B 731 0.24 -13.57 -30.10
CA PRO B 731 1.66 -13.80 -29.82
C PRO B 731 2.06 -15.29 -29.74
N VAL B 732 3.35 -15.56 -29.82
CA VAL B 732 3.90 -16.89 -29.73
C VAL B 732 4.11 -17.28 -28.26
N TRP B 733 3.44 -18.36 -27.84
CA TRP B 733 3.63 -18.91 -26.50
C TRP B 733 4.35 -20.24 -26.59
N ILE B 734 5.32 -20.45 -25.68
CA ILE B 734 6.27 -21.54 -25.83
C ILE B 734 5.65 -22.86 -25.37
N ASN B 735 4.74 -22.81 -24.38
CA ASN B 735 4.17 -24.04 -23.83
C ASN B 735 3.33 -24.76 -24.90
N ILE B 736 2.51 -24.00 -25.64
CA ILE B 736 1.61 -24.56 -26.61
C ILE B 736 2.41 -25.00 -27.83
N ASN B 737 3.46 -24.21 -28.14
CA ASN B 737 4.32 -24.57 -29.25
C ASN B 737 5.04 -25.87 -28.94
N TYR B 738 5.47 -26.02 -27.68
CA TYR B 738 6.07 -27.27 -27.24
C TYR B 738 5.14 -28.45 -27.52
N LEU B 739 3.86 -28.31 -27.16
CA LEU B 739 2.91 -29.39 -27.40
C LEU B 739 2.84 -29.76 -28.89
N ALA B 740 2.77 -28.74 -29.77
CA ALA B 740 2.73 -28.93 -31.22
C ALA B 740 3.98 -29.70 -31.68
N ILE B 741 5.15 -29.20 -31.26
CA ILE B 741 6.41 -29.81 -31.63
C ILE B 741 6.38 -31.30 -31.25
N VAL B 742 5.96 -31.60 -30.02
CA VAL B 742 5.97 -32.97 -29.56
C VAL B 742 5.03 -33.81 -30.44
N GLN B 743 3.83 -33.28 -30.75
CA GLN B 743 2.85 -34.07 -31.47
C GLN B 743 3.25 -34.19 -32.96
N LEU B 744 3.86 -33.13 -33.51
CA LEU B 744 4.45 -33.24 -34.84
C LEU B 744 5.45 -34.38 -34.88
N TYR B 745 6.32 -34.45 -33.88
CA TYR B 745 7.36 -35.47 -33.82
C TYR B 745 6.71 -36.85 -33.85
N ASN B 746 5.61 -37.00 -33.09
CA ASN B 746 4.87 -38.25 -33.01
C ASN B 746 4.35 -38.70 -34.38
N ILE B 747 3.70 -37.81 -35.15
CA ILE B 747 3.20 -38.22 -36.46
C ILE B 747 4.39 -38.51 -37.37
N ALA B 748 5.56 -37.93 -37.05
CA ALA B 748 6.65 -37.97 -38.02
C ALA B 748 7.47 -39.23 -37.83
N THR B 749 7.10 -40.03 -36.82
CA THR B 749 7.88 -41.22 -36.54
C THR B 749 7.01 -42.46 -36.61
N GLN B 750 5.92 -42.38 -37.39
CA GLN B 750 5.16 -43.59 -37.66
C GLN B 750 4.55 -43.47 -39.05
N ASP B 751 4.11 -44.62 -39.55
CA ASP B 751 3.56 -44.77 -40.89
C ASP B 751 2.23 -44.01 -40.96
N GLY B 752 2.04 -43.28 -42.07
CA GLY B 752 0.83 -42.54 -42.30
C GLY B 752 0.95 -41.54 -43.46
N PRO B 753 -0.21 -41.08 -44.01
CA PRO B 753 -0.21 -40.16 -45.15
C PRO B 753 0.43 -38.81 -44.81
N TYR B 754 0.58 -38.52 -43.51
CA TYR B 754 1.07 -37.21 -43.08
C TYR B 754 2.45 -37.27 -42.42
N LYS B 755 3.13 -38.42 -42.51
CA LYS B 755 4.45 -38.57 -41.92
C LYS B 755 5.35 -37.41 -42.37
N GLU B 756 5.54 -37.29 -43.69
CA GLU B 756 6.47 -36.34 -44.29
C GLU B 756 6.00 -34.91 -44.02
N THR B 757 4.68 -34.64 -44.03
CA THR B 757 4.20 -33.31 -43.68
C THR B 757 4.63 -32.92 -42.26
N ALA B 758 4.49 -33.87 -41.34
CA ALA B 758 4.85 -33.65 -39.95
C ALA B 758 6.37 -33.56 -39.76
N ARG B 759 7.20 -34.35 -40.47
CA ARG B 759 8.64 -34.19 -40.37
C ARG B 759 9.02 -32.77 -40.75
N ASP B 760 8.44 -32.28 -41.84
CA ASP B 760 8.76 -30.95 -42.32
C ASP B 760 8.42 -29.94 -41.23
N LEU B 761 7.15 -29.90 -40.83
CA LEU B 761 6.67 -28.92 -39.86
C LEU B 761 7.45 -29.08 -38.54
N TYR B 762 7.70 -30.31 -38.12
CA TYR B 762 8.48 -30.51 -36.92
C TYR B 762 9.84 -29.81 -37.03
N THR B 763 10.61 -30.16 -38.07
CA THR B 763 11.96 -29.66 -38.22
C THR B 763 11.93 -28.13 -38.25
N ARG B 764 10.90 -27.58 -38.89
CA ARG B 764 10.88 -26.15 -39.12
C ARG B 764 10.45 -25.40 -37.85
N LEU B 765 9.43 -25.91 -37.13
CA LEU B 765 8.93 -25.22 -35.95
C LEU B 765 9.95 -25.33 -34.82
N ARG B 766 10.59 -26.50 -34.68
CA ARG B 766 11.68 -26.66 -33.74
C ARG B 766 12.67 -25.50 -33.94
N LYS B 767 13.24 -25.41 -35.17
CA LYS B 767 14.28 -24.45 -35.50
C LYS B 767 13.82 -23.04 -35.14
N ASN B 768 12.60 -22.69 -35.58
CA ASN B 768 12.06 -21.37 -35.34
C ASN B 768 11.94 -21.08 -33.84
N ILE B 769 11.34 -22.00 -33.07
CA ILE B 769 11.02 -21.71 -31.68
C ILE B 769 12.31 -21.54 -30.89
N VAL B 770 13.25 -22.48 -31.06
CA VAL B 770 14.54 -22.45 -30.40
C VAL B 770 15.26 -21.14 -30.71
N GLU B 771 15.15 -20.72 -31.98
CA GLU B 771 15.89 -19.58 -32.50
C GLU B 771 15.32 -18.31 -31.92
N THR B 772 13.99 -18.22 -31.88
CA THR B 772 13.45 -16.98 -31.36
C THR B 772 13.68 -16.85 -29.85
N VAL B 773 13.62 -17.95 -29.09
CA VAL B 773 13.93 -17.83 -27.66
C VAL B 773 15.43 -17.59 -27.47
N TYR B 774 16.27 -18.23 -28.31
CA TYR B 774 17.71 -18.08 -28.19
C TYR B 774 18.13 -16.63 -28.44
N ARG B 775 17.62 -16.04 -29.53
CA ARG B 775 18.14 -14.78 -30.03
C ARG B 775 17.81 -13.70 -29.00
N ASN B 776 16.65 -13.86 -28.36
CA ASN B 776 16.16 -12.90 -27.40
C ASN B 776 16.97 -12.98 -26.11
N TRP B 777 17.44 -14.19 -25.80
CA TRP B 777 18.24 -14.46 -24.63
C TRP B 777 19.65 -13.90 -24.82
N GLU B 778 20.27 -14.09 -25.99
CA GLU B 778 21.62 -13.56 -26.19
C GLU B 778 21.53 -12.03 -26.18
N GLU B 779 20.44 -11.47 -26.69
CA GLU B 779 20.27 -10.02 -26.73
C GLU B 779 19.96 -9.43 -25.35
N THR B 780 18.95 -9.98 -24.64
CA THR B 780 18.42 -9.32 -23.46
C THR B 780 18.81 -10.02 -22.14
N GLY B 781 19.27 -11.28 -22.22
CA GLY B 781 19.56 -12.03 -21.01
C GLY B 781 18.31 -12.63 -20.35
N PHE B 782 17.12 -12.48 -20.97
CA PHE B 782 15.86 -12.91 -20.41
C PHE B 782 15.15 -13.94 -21.29
N ALA B 783 14.65 -15.00 -20.65
CA ALA B 783 13.48 -15.74 -21.09
C ALA B 783 12.26 -14.84 -21.00
N TRP B 784 11.36 -14.93 -21.99
CA TRP B 784 10.21 -14.03 -21.98
C TRP B 784 8.92 -14.85 -21.87
N GLU B 785 7.87 -14.19 -21.36
CA GLU B 785 6.54 -14.76 -21.24
C GLU B 785 5.98 -15.16 -22.61
N GLN B 786 6.19 -14.31 -23.63
CA GLN B 786 5.78 -14.59 -25.00
C GLN B 786 6.64 -13.82 -25.99
N TYR B 787 6.40 -14.08 -27.27
CA TYR B 787 7.20 -13.53 -28.36
C TYR B 787 6.28 -12.92 -29.41
N ASN B 788 6.71 -11.74 -29.86
CA ASN B 788 6.05 -11.01 -30.93
C ASN B 788 6.04 -11.88 -32.19
N PRO B 789 4.87 -12.08 -32.83
CA PRO B 789 4.79 -12.85 -34.09
C PRO B 789 5.32 -12.14 -35.35
N GLU B 790 5.29 -10.80 -35.35
CA GLU B 790 5.80 -9.94 -36.40
C GLU B 790 7.33 -9.84 -36.35
N THR B 791 7.91 -9.55 -35.15
CA THR B 791 9.33 -9.19 -35.05
C THR B 791 10.14 -10.25 -34.31
N GLY B 792 9.47 -11.05 -33.47
CA GLY B 792 10.17 -12.09 -32.74
C GLY B 792 10.65 -11.63 -31.36
N LYS B 793 10.33 -10.39 -30.97
CA LYS B 793 10.87 -9.78 -29.76
C LYS B 793 10.20 -10.41 -28.54
N GLY B 794 11.02 -10.75 -27.54
CA GLY B 794 10.51 -10.98 -26.19
C GLY B 794 9.55 -9.88 -25.74
N GLN B 795 8.45 -10.25 -25.10
CA GLN B 795 7.40 -9.29 -24.83
C GLN B 795 6.64 -9.69 -23.56
N ARG B 796 5.81 -8.77 -23.07
CA ARG B 796 5.30 -8.96 -21.73
C ARG B 796 6.48 -9.16 -20.77
N THR B 797 6.29 -10.03 -19.79
CA THR B 797 7.08 -10.18 -18.58
C THR B 797 8.39 -10.94 -18.83
N GLN B 798 9.46 -10.53 -18.13
CA GLN B 798 10.78 -11.15 -18.21
C GLN B 798 10.96 -12.13 -17.07
N HIS B 799 12.06 -12.88 -17.11
CA HIS B 799 12.41 -13.88 -16.11
C HIS B 799 11.38 -15.02 -16.09
N PHE B 800 10.81 -15.33 -17.25
CA PHE B 800 9.72 -16.29 -17.30
C PHE B 800 10.25 -17.73 -17.38
N THR B 801 10.76 -18.23 -16.27
CA THR B 801 11.29 -19.58 -16.29
C THR B 801 10.65 -20.38 -15.17
N GLY B 802 9.37 -20.73 -15.33
CA GLY B 802 8.56 -20.35 -16.48
C GLY B 802 8.63 -21.42 -17.56
N TRP B 803 7.50 -21.64 -18.24
CA TRP B 803 7.50 -22.72 -19.20
C TRP B 803 8.34 -22.38 -20.43
N THR B 804 8.81 -21.13 -20.55
CA THR B 804 9.66 -20.80 -21.68
C THR B 804 10.88 -21.71 -21.71
N SER B 805 11.24 -22.22 -20.53
CA SER B 805 12.39 -23.06 -20.35
C SER B 805 12.20 -24.42 -21.03
N LEU B 806 10.99 -24.70 -21.55
CA LEU B 806 10.74 -25.95 -22.26
C LEU B 806 11.72 -26.02 -23.44
N VAL B 807 12.20 -24.87 -23.89
CA VAL B 807 13.14 -24.84 -24.97
C VAL B 807 14.29 -25.83 -24.74
N VAL B 808 14.66 -26.10 -23.49
CA VAL B 808 15.78 -27.03 -23.28
C VAL B 808 15.42 -28.43 -23.80
N LYS B 809 14.17 -28.87 -23.59
CA LYS B 809 13.81 -30.20 -24.08
C LYS B 809 13.64 -30.14 -25.59
N ILE B 810 13.25 -28.97 -26.12
CA ILE B 810 13.04 -28.86 -27.56
C ILE B 810 14.37 -29.10 -28.27
N MET B 811 15.49 -28.72 -27.63
CA MET B 811 16.80 -28.81 -28.26
C MET B 811 17.36 -30.22 -28.15
N SER B 812 16.93 -30.95 -27.12
CA SER B 812 17.50 -32.23 -26.74
C SER B 812 16.94 -33.38 -27.58
N GLY B 813 15.89 -33.07 -28.35
CA GLY B 813 15.19 -34.03 -29.19
C GLY B 813 14.42 -35.05 -28.34
N HIS B 814 13.55 -35.82 -29.01
CA HIS B 814 12.87 -36.91 -28.30
C HIS B 814 13.56 -38.24 -28.66
N1 WJT C . -13.23 14.51 16.46
N3 WJT C . -2.58 15.12 20.34
C4 WJT C . -14.25 13.59 16.99
C5 WJT C . -12.89 14.12 15.07
C6 WJT C . -11.98 15.16 14.42
C7 WJT C . -12.29 14.71 17.27
C8 WJT C . -11.42 13.45 17.60
C10 WJT C . -10.98 11.56 19.17
C13 WJT C . -7.25 11.20 19.94
C15 WJT C . -7.47 12.68 21.82
C17 WJT C . -6.31 13.37 21.43
C20 WJT C . -3.91 13.61 18.50
C21 WJT C . -2.75 14.34 18.11
C22 WJT C . -2.11 15.10 19.10
C24 WJT C . -9.65 11.88 17.18
C1 WJT C . -14.21 14.09 14.25
C11 WJT C . -9.95 11.14 18.34
C12 WJT C . -9.16 9.88 18.75
C14 WJT C . -7.93 11.60 21.08
C16 WJT C . -8.04 12.10 24.67
C18 WJT C . -5.60 12.93 20.30
C19 WJT C . -4.34 13.67 19.85
C2 WJT C . -15.19 13.16 14.74
C23 WJT C . -6.09 11.85 19.56
C25 WJT C . -10.39 13.01 16.79
C3 WJT C . -15.51 13.61 16.10
C9 WJT C . -11.67 12.70 18.75
N2 WJT C . -7.76 10.07 19.16
N4 WJT C . -3.68 14.42 20.71
O1 WJT C . -13.97 13.93 12.87
O2 WJT C . -16.44 13.31 13.95
O3 WJT C . -16.54 12.78 16.68
O4 WJT C . -12.58 16.45 14.62
O5 WJT C . -10.04 13.09 22.98
O6 WJT C . -7.98 14.81 23.48
S1 WJT C . -8.42 13.21 23.28
C1 GOL D . 15.69 45.41 13.72
O1 GOL D . 16.64 45.75 14.73
C2 GOL D . 14.27 45.70 14.15
O2 GOL D . 13.67 44.52 14.70
C3 GOL D . 13.41 46.27 13.04
O3 GOL D . 12.73 47.45 13.45
S SO4 E . 17.82 19.98 -2.98
O1 SO4 E . 16.60 19.48 -3.59
O2 SO4 E . 17.51 20.46 -1.66
O3 SO4 E . 18.77 18.92 -2.89
O4 SO4 E . 18.34 21.06 -3.78
S SO4 F . 28.08 41.84 14.14
O1 SO4 F . 26.70 41.43 13.99
O2 SO4 F . 28.16 43.28 14.01
O3 SO4 F . 28.88 41.21 13.12
O4 SO4 F . 28.59 41.48 15.45
S SO4 G . 8.35 9.94 7.53
O1 SO4 G . 7.02 9.50 7.26
O2 SO4 G . 8.36 11.29 8.04
O3 SO4 G . 8.94 9.07 8.51
O4 SO4 G . 9.09 9.94 6.28
S SO4 H . -4.48 7.55 1.73
O1 SO4 H . -5.45 8.59 1.52
O2 SO4 H . -4.85 6.79 2.88
O3 SO4 H . -4.45 6.68 0.56
O4 SO4 H . -3.18 8.14 1.92
S SO4 I . -24.60 28.84 1.26
O1 SO4 I . -25.55 29.43 0.36
O2 SO4 I . -24.27 29.79 2.31
O3 SO4 I . -25.17 27.65 1.86
O4 SO4 I . -23.41 28.50 0.53
S SO4 J . -16.27 -0.74 21.85
O1 SO4 J . -15.69 -1.09 23.13
O2 SO4 J . -17.34 0.20 22.05
O3 SO4 J . -16.80 -1.93 21.22
O4 SO4 J . -15.26 -0.13 21.03
S SO4 K . -34.02 36.30 4.64
O1 SO4 K . -34.24 37.72 4.48
O2 SO4 K . -35.02 35.57 3.89
O3 SO4 K . -34.12 35.98 6.04
O4 SO4 K . -32.71 35.96 4.14
N1 WJT L . 0.18 -16.20 -16.39
N3 WJT L . -2.35 -3.99 -13.04
C4 WJT L . -0.91 -15.84 -17.34
C5 WJT L . -0.23 -17.40 -15.58
C6 WJT L . 0.88 -18.00 -14.70
C7 WJT L . 0.60 -15.18 -15.76
C8 WJT L . -0.45 -14.36 -14.91
C10 WJT L . -2.06 -12.52 -14.74
C13 WJT L . -2.62 -9.78 -12.43
C15 WJT L . -0.78 -9.46 -10.93
C17 WJT L . -0.80 -8.11 -11.17
C20 WJT L . -0.92 -5.33 -11.18
C21 WJT L . -0.91 -3.90 -11.19
C22 WJT L . -1.66 -3.26 -12.18
C24 WJT L . -1.73 -14.00 -12.85
C1 WJT L . -0.65 -18.58 -16.53
C11 WJT L . -2.38 -12.90 -13.43
C12 WJT L . -3.44 -12.15 -12.62
C14 WJT L . -1.69 -10.32 -11.53
C16 WJT L . 1.52 -11.18 -10.81
C18 WJT L . -1.72 -7.56 -12.05
C19 WJT L . -1.68 -6.02 -12.15
C2 WJT L . -1.66 -18.20 -17.50
C23 WJT L . -2.66 -8.40 -12.68
C25 WJT L . -0.78 -14.72 -13.59
C3 WJT L . -1.28 -17.02 -18.30
C9 WJT L . -1.09 -13.24 -15.45
N2 WJT L . -3.54 -10.74 -13.05
N4 WJT L . -2.39 -5.34 -13.02
O1 WJT L . -1.12 -19.71 -15.77
O2 WJT L . -1.83 -19.40 -18.35
O3 WJT L . -2.25 -16.59 -19.31
O4 WJT L . 2.09 -17.96 -15.49
O5 WJT L . -0.47 -11.11 -8.79
O6 WJT L . 1.35 -9.15 -8.94
S1 WJT L . 0.41 -10.19 -9.81
C1 NAG M . 10.00 -34.66 6.13
C2 NAG M . 8.64 -34.00 5.89
C3 NAG M . 7.94 -33.53 7.17
C4 NAG M . 7.98 -34.53 8.36
C5 NAG M . 9.40 -35.07 8.60
C6 NAG M . 9.28 -36.38 9.40
C7 NAG M . 8.18 -32.73 3.82
C8 NAG M . 8.01 -31.31 3.32
N2 NAG M . 8.84 -32.88 4.97
O3 NAG M . 6.61 -33.36 6.77
O4 NAG M . 7.40 -34.00 9.58
O5 NAG M . 10.17 -35.34 7.40
O6 NAG M . 10.36 -36.53 10.33
O7 NAG M . 7.75 -33.67 3.20
C1 BTB N . 12.57 -6.06 21.35
O1 BTB N . 13.67 -6.43 20.52
C2 BTB N . 11.79 -4.77 21.00
C3 BTB N . 10.47 -4.79 21.78
O3 BTB N . 10.43 -3.85 22.85
C4 BTB N . 12.57 -3.48 21.37
O4 BTB N . 13.71 -3.67 22.20
N BTB N . 11.44 -4.65 19.50
C5 BTB N . 10.01 -4.89 19.08
C6 BTB N . 9.15 -3.67 18.81
O6 BTB N . 8.53 -3.17 19.99
C7 BTB N . 12.45 -4.09 18.53
C8 BTB N . 12.58 -2.58 18.48
O8 BTB N . 11.33 -1.94 18.27
C1 GOL O . -6.86 -26.63 -0.74
O1 GOL O . -8.02 -27.28 -1.28
C2 GOL O . -6.40 -25.51 -1.65
O2 GOL O . -5.80 -26.10 -2.79
C3 GOL O . -5.49 -24.52 -0.95
O3 GOL O . -5.06 -23.42 -1.78
C1 GOL P . 35.22 -14.66 4.02
O1 GOL P . 34.84 -15.15 2.72
C2 GOL P . 36.09 -15.63 4.80
O2 GOL P . 37.12 -16.22 4.00
C3 GOL P . 36.67 -15.05 6.08
O3 GOL P . 37.44 -13.87 5.87
S SO4 Q . -0.72 -16.85 7.30
O1 SO4 Q . -1.42 -17.11 6.06
O2 SO4 Q . -1.37 -15.76 7.93
O3 SO4 Q . -0.78 -18.00 8.14
O4 SO4 Q . 0.68 -16.52 7.07
S SO4 R . -14.49 -9.12 -18.29
O1 SO4 R . -15.93 -8.97 -18.25
O2 SO4 R . -13.90 -8.04 -19.04
O3 SO4 R . -14.16 -10.37 -18.95
O4 SO4 R . -13.97 -9.14 -16.95
S SO4 S . 9.94 -20.95 -42.36
O1 SO4 S . 8.82 -21.30 -43.20
O2 SO4 S . 9.46 -20.24 -41.21
O3 SO4 S . 10.65 -22.16 -41.97
O4 SO4 S . 10.84 -20.10 -43.10
S SO4 T . 35.77 -10.21 17.67
O1 SO4 T . 35.05 -10.75 18.81
O2 SO4 T . 35.75 -8.77 17.75
O3 SO4 T . 35.14 -10.62 16.42
O4 SO4 T . 37.13 -10.69 17.70
#